data_6HSF
#
_entry.id   6HSF
#
_cell.length_a   70.600
_cell.length_b   70.670
_cell.length_c   98.170
_cell.angle_alpha   75.83
_cell.angle_beta   78.25
_cell.angle_gamma   86.05
#
_symmetry.space_group_name_H-M   'P 1'
#
loop_
_entity.id
_entity.type
_entity.pdbx_description
1 polymer 'Histone deacetylase'
2 non-polymer 'ZINC ION'
3 non-polymer 'POTASSIUM ION'
4 non-polymer 1-[(4-methoxyphenyl)methyl]-~{N}-oxidanyl-indole-6-carboxamide
5 non-polymer DIMETHYLFORMAMIDE
6 non-polymer GLYCEROL
7 water water
#
_entity_poly.entity_id   1
_entity_poly.type   'polypeptide(L)'
_entity_poly.pdbx_seq_one_letter_code
;HMSVGIVYGDQYRQLCCSSPKFGDRYALVMDLINAYKLIPELSRVPPLQWDSPSRMYEAVTAFHSTEYVDALKKLQMLHC
EEKELTADDELLMDSFSLNYDCPGFPSVFDYSLAAVQGSLAAASALICRHCEVVINWGGGWHHAKRSEASGFCYLNDIVL
AIHRLVSSTPPETSPNRQTRVLYVDLDLHHGDGVEEAFWYSPRVVTFSVHHASPGFFPGTGTWNMVDNDKLPIFLNGAGR
GRFSAFNLPLEEGINDLDWSNAIGPILDSLNIVIQPSYVVVQCGADCLATDPMRIFRLTNFYPNLNLDSDCDSECSLSGY
LYAIKKILSWKVPTLILGGGGYNFPDTARLWTRVTALTIEEVKGKKMTISPEIPEHSYFSRYGPDFELDIDYFPHESHNK
TLDSIQKHHRRILEQLRNYADLNKLIYDYDQVYQLYNLTGMGSLVPR
;
_entity_poly.pdbx_strand_id   A,B,C,D
#
# COMPACT_ATOMS: atom_id res chain seq x y z
N SER A 3 24.49 21.82 -17.66
CA SER A 3 25.77 21.20 -17.96
C SER A 3 25.61 19.82 -18.63
N VAL A 4 26.71 19.16 -18.95
CA VAL A 4 26.69 17.74 -19.34
C VAL A 4 27.05 16.91 -18.12
N GLY A 5 26.13 16.06 -17.68
CA GLY A 5 26.33 15.23 -16.51
C GLY A 5 26.77 13.82 -16.85
N ILE A 6 27.36 13.12 -15.87
CA ILE A 6 27.78 11.74 -16.09
C ILE A 6 27.74 11.00 -14.77
N VAL A 7 27.22 9.78 -14.81
CA VAL A 7 26.97 9.00 -13.61
C VAL A 7 28.21 8.21 -13.25
N TYR A 8 28.77 8.47 -12.08
CA TYR A 8 29.79 7.59 -11.54
C TYR A 8 29.92 7.85 -10.05
N GLY A 9 30.83 7.09 -9.43
CA GLY A 9 31.03 7.10 -8.00
C GLY A 9 31.80 5.86 -7.62
N ASP A 10 32.44 5.94 -6.45
CA ASP A 10 33.38 4.88 -6.07
C ASP A 10 32.68 3.55 -5.86
N GLN A 11 31.54 3.57 -5.17
CA GLN A 11 30.79 2.33 -4.97
C GLN A 11 30.08 1.92 -6.26
N TYR A 12 29.62 2.90 -7.05
CA TYR A 12 28.96 2.59 -8.31
C TYR A 12 29.90 1.84 -9.24
N ARG A 13 31.15 2.30 -9.35
CA ARG A 13 32.16 1.61 -10.15
C ARG A 13 32.36 0.17 -9.69
N GLN A 14 32.48 -0.07 -8.38
CA GLN A 14 32.66 -1.44 -7.91
C GLN A 14 31.46 -2.32 -8.26
N LEU A 15 30.24 -1.81 -8.12
CA LEU A 15 29.07 -2.61 -8.43
C LEU A 15 28.96 -2.87 -9.92
N CYS A 16 29.25 -1.87 -10.76
CA CYS A 16 29.18 -2.12 -12.20
C CYS A 16 30.24 -3.10 -12.68
N CYS A 17 31.32 -3.27 -11.93
CA CYS A 17 32.40 -4.18 -12.29
C CYS A 17 32.32 -5.51 -11.57
N SER A 18 31.16 -5.86 -11.01
CA SER A 18 31.09 -7.09 -10.24
C SER A 18 30.38 -8.21 -10.99
N SER A 19 30.06 -8.02 -12.28
CA SER A 19 29.36 -9.16 -12.86
C SER A 19 30.31 -10.02 -13.70
N PRO A 20 30.04 -11.33 -13.81
CA PRO A 20 30.99 -12.21 -14.52
C PRO A 20 30.92 -12.10 -16.03
N LYS A 21 29.84 -11.55 -16.58
CA LYS A 21 29.67 -11.37 -18.01
C LYS A 21 30.27 -10.05 -18.51
N PHE A 22 30.12 -8.96 -17.76
CA PHE A 22 30.66 -7.68 -18.20
C PHE A 22 31.95 -7.30 -17.47
N GLY A 23 32.37 -8.06 -16.47
CA GLY A 23 33.61 -7.81 -15.76
C GLY A 23 33.95 -6.34 -15.52
N ASP A 24 35.18 -5.93 -15.86
CA ASP A 24 35.63 -4.58 -15.57
C ASP A 24 35.36 -3.60 -16.70
N ARG A 25 34.45 -3.92 -17.60
CA ARG A 25 34.19 -3.06 -18.75
C ARG A 25 33.89 -1.62 -18.35
N TYR A 26 32.99 -1.43 -17.36
CA TYR A 26 32.64 -0.08 -16.92
C TYR A 26 33.89 0.70 -16.51
N ALA A 27 34.90 0.00 -15.97
CA ALA A 27 36.09 0.68 -15.46
C ALA A 27 37.05 1.07 -16.60
N LEU A 28 37.15 0.27 -17.66
CA LEU A 28 37.93 0.73 -18.81
C LEU A 28 37.27 1.94 -19.46
N VAL A 29 35.94 1.93 -19.55
CA VAL A 29 35.24 3.08 -20.12
C VAL A 29 35.58 4.34 -19.33
N MET A 30 35.30 4.33 -18.02
CA MET A 30 35.47 5.56 -17.24
C MET A 30 36.94 5.95 -17.07
N ASP A 31 37.87 4.98 -17.10
CA ASP A 31 39.30 5.33 -17.05
C ASP A 31 39.82 5.89 -18.37
N LEU A 32 39.27 5.46 -19.51
CA LEU A 32 39.67 6.08 -20.76
C LEU A 32 39.12 7.51 -20.86
N ILE A 33 37.85 7.70 -20.50
CA ILE A 33 37.28 9.05 -20.38
C ILE A 33 38.15 9.92 -19.47
N ASN A 34 38.50 9.39 -18.30
CA ASN A 34 39.39 10.12 -17.40
C ASN A 34 40.77 10.30 -18.03
N ALA A 35 41.30 9.25 -18.67
CA ALA A 35 42.60 9.37 -19.32
C ALA A 35 42.62 10.49 -20.35
N TYR A 36 41.47 10.82 -20.95
CA TYR A 36 41.42 11.86 -21.98
C TYR A 36 41.05 13.23 -21.41
N LYS A 37 41.14 13.40 -20.09
CA LYS A 37 40.88 14.67 -19.40
C LYS A 37 39.46 15.22 -19.65
N LEU A 38 38.46 14.35 -19.86
CA LEU A 38 37.09 14.81 -20.03
C LEU A 38 36.32 14.96 -18.72
N ILE A 39 36.78 14.36 -17.62
CA ILE A 39 36.03 14.44 -16.35
C ILE A 39 35.85 15.88 -15.85
N PRO A 40 36.87 16.76 -15.89
CA PRO A 40 36.62 18.14 -15.42
C PRO A 40 35.61 18.92 -16.25
N GLU A 41 35.36 18.52 -17.50
CA GLU A 41 34.31 19.14 -18.28
C GLU A 41 32.92 18.67 -17.87
N LEU A 42 32.82 17.64 -17.04
CA LEU A 42 31.56 16.94 -16.82
C LEU A 42 31.08 17.12 -15.38
N SER A 43 29.76 17.19 -15.22
CA SER A 43 29.13 17.25 -13.91
C SER A 43 28.90 15.82 -13.41
N ARG A 44 29.53 15.45 -12.29
CA ARG A 44 29.29 14.12 -11.72
C ARG A 44 27.89 14.05 -11.15
N VAL A 45 27.10 13.11 -11.62
CA VAL A 45 25.74 12.85 -11.14
C VAL A 45 25.79 11.63 -10.22
N PRO A 46 25.46 11.75 -8.94
CA PRO A 46 25.63 10.62 -8.04
C PRO A 46 24.44 9.68 -8.12
N PRO A 47 24.67 8.37 -8.07
CA PRO A 47 23.55 7.42 -8.09
C PRO A 47 22.55 7.72 -6.98
N LEU A 48 21.28 7.48 -7.28
CA LEU A 48 20.21 7.74 -6.32
C LEU A 48 20.26 6.71 -5.20
N GLN A 49 20.01 7.16 -3.99
CA GLN A 49 19.87 6.25 -2.86
C GLN A 49 18.55 6.49 -2.17
N TRP A 50 18.10 5.50 -1.39
CA TRP A 50 16.77 5.51 -0.83
C TRP A 50 16.76 5.57 0.69
N ASP A 51 15.66 6.12 1.21
CA ASP A 51 15.41 6.31 2.65
C ASP A 51 15.05 5.02 3.38
N SER A 52 14.64 3.99 2.66
CA SER A 52 14.16 2.78 3.33
C SER A 52 14.07 1.66 2.30
N PRO A 53 13.99 0.40 2.76
CA PRO A 53 13.61 -0.69 1.84
C PRO A 53 12.30 -0.42 1.11
N SER A 54 11.26 0.04 1.83
CA SER A 54 9.98 0.33 1.19
C SER A 54 10.11 1.33 0.05
N ARG A 55 10.92 2.38 0.23
CA ARG A 55 11.03 3.37 -0.82
C ARG A 55 11.74 2.79 -2.05
N MET A 56 12.74 1.93 -1.82
CA MET A 56 13.39 1.22 -2.91
C MET A 56 12.40 0.31 -3.64
N TYR A 57 11.67 -0.53 -2.88
CA TYR A 57 10.70 -1.40 -3.53
C TYR A 57 9.65 -0.60 -4.28
N GLU A 58 9.18 0.51 -3.70
CA GLU A 58 8.20 1.33 -4.40
C GLU A 58 8.76 1.89 -5.70
N ALA A 59 10.06 2.21 -5.73
CA ALA A 59 10.66 2.74 -6.95
C ALA A 59 10.82 1.66 -8.01
N VAL A 60 11.27 0.46 -7.61
CA VAL A 60 11.54 -0.59 -8.60
C VAL A 60 10.23 -1.20 -9.11
N THR A 61 9.22 -1.32 -8.23
CA THR A 61 7.97 -1.93 -8.67
C THR A 61 7.05 -0.96 -9.37
N ALA A 62 7.54 0.25 -9.65
CA ALA A 62 6.87 1.07 -10.65
C ALA A 62 6.82 0.37 -12.00
N PHE A 63 7.67 -0.63 -12.23
CA PHE A 63 7.62 -1.46 -13.42
C PHE A 63 7.65 -2.95 -13.10
N HIS A 64 8.55 -3.38 -12.22
CA HIS A 64 8.69 -4.81 -11.92
C HIS A 64 7.71 -5.26 -10.85
N SER A 65 7.40 -6.56 -10.84
CA SER A 65 6.51 -7.07 -9.81
C SER A 65 7.28 -7.38 -8.53
N THR A 66 6.57 -7.25 -7.40
CA THR A 66 7.23 -7.45 -6.11
C THR A 66 7.77 -8.87 -6.00
N GLU A 67 7.01 -9.85 -6.49
CA GLU A 67 7.51 -11.21 -6.38
C GLU A 67 8.75 -11.41 -7.24
N TYR A 68 8.88 -10.66 -8.36
CA TYR A 68 10.13 -10.70 -9.13
C TYR A 68 11.26 -10.07 -8.34
N VAL A 69 11.00 -8.92 -7.69
CA VAL A 69 12.06 -8.25 -6.94
C VAL A 69 12.47 -9.08 -5.74
N ASP A 70 11.49 -9.71 -5.08
CA ASP A 70 11.77 -10.65 -4.01
C ASP A 70 12.66 -11.79 -4.50
N ALA A 71 12.29 -12.40 -5.64
CA ALA A 71 13.08 -13.51 -6.19
C ALA A 71 14.50 -13.08 -6.46
N LEU A 72 14.67 -11.85 -6.98
CA LEU A 72 16.01 -11.39 -7.33
C LEU A 72 16.85 -11.13 -6.09
N LYS A 73 16.23 -10.61 -5.03
CA LYS A 73 16.93 -10.44 -3.76
C LYS A 73 17.30 -11.81 -3.15
N LYS A 74 16.39 -12.78 -3.21
CA LYS A 74 16.68 -14.08 -2.62
C LYS A 74 17.83 -14.75 -3.37
N LEU A 75 17.88 -14.59 -4.69
CA LEU A 75 18.94 -15.18 -5.50
C LEU A 75 20.32 -14.65 -5.11
N GLN A 76 20.42 -13.35 -4.81
CA GLN A 76 21.70 -12.83 -4.31
C GLN A 76 22.07 -13.45 -2.97
N MET A 77 21.17 -13.38 -2.00
CA MET A 77 21.39 -14.03 -0.70
C MET A 77 21.81 -15.49 -0.88
N LEU A 78 21.12 -16.23 -1.75
CA LEU A 78 21.44 -17.65 -1.94
C LEU A 78 22.82 -17.83 -2.54
N HIS A 79 23.30 -16.85 -3.32
CA HIS A 79 24.64 -16.98 -3.89
C HIS A 79 25.73 -16.50 -2.95
N CYS A 80 25.38 -15.92 -1.79
CA CYS A 80 26.38 -15.53 -0.80
C CYS A 80 26.64 -16.62 0.23
N GLU A 81 26.20 -17.86 -0.02
CA GLU A 81 26.40 -18.96 0.91
C GLU A 81 27.08 -20.18 0.25
N GLU A 84 24.29 -24.85 -2.35
CA GLU A 84 23.49 -25.04 -3.56
C GLU A 84 22.01 -24.80 -3.33
N LEU A 85 21.31 -24.40 -4.38
CA LEU A 85 19.88 -24.17 -4.32
C LEU A 85 19.12 -25.48 -4.12
N THR A 86 18.01 -25.40 -3.39
CA THR A 86 17.09 -26.52 -3.32
C THR A 86 16.36 -26.67 -4.65
N ALA A 87 15.70 -27.81 -4.84
CA ALA A 87 14.80 -27.96 -5.98
C ALA A 87 13.70 -26.89 -5.98
N ASP A 88 13.10 -26.60 -4.81
CA ASP A 88 12.05 -25.57 -4.81
C ASP A 88 12.62 -24.20 -5.19
N ASP A 89 13.83 -23.89 -4.73
CA ASP A 89 14.42 -22.61 -5.10
C ASP A 89 14.76 -22.55 -6.59
N GLU A 90 15.11 -23.69 -7.20
CA GLU A 90 15.38 -23.68 -8.64
C GLU A 90 14.09 -23.46 -9.44
N LEU A 91 12.99 -24.13 -9.07
CA LEU A 91 11.70 -23.81 -9.68
C LEU A 91 11.37 -22.32 -9.53
N LEU A 92 11.58 -21.79 -8.34
CA LEU A 92 11.23 -20.39 -8.14
C LEU A 92 12.03 -19.48 -9.08
N MET A 93 13.35 -19.67 -9.12
CA MET A 93 14.18 -18.89 -10.03
C MET A 93 13.79 -19.15 -11.49
N ASP A 94 13.51 -20.41 -11.84
CA ASP A 94 13.16 -20.72 -13.22
C ASP A 94 11.90 -19.98 -13.64
N SER A 95 10.97 -19.71 -12.71
CA SER A 95 9.73 -19.03 -13.11
C SER A 95 9.93 -17.56 -13.44
N PHE A 96 11.13 -17.03 -13.18
CA PHE A 96 11.49 -15.65 -13.47
C PHE A 96 12.61 -15.56 -14.50
N SER A 97 12.91 -16.67 -15.18
CA SER A 97 14.04 -16.80 -16.11
C SER A 97 15.36 -16.37 -15.48
N LEU A 98 15.46 -16.42 -14.16
CA LEU A 98 16.72 -16.18 -13.48
C LEU A 98 17.61 -17.43 -13.61
N ASN A 99 17.99 -17.71 -14.86
CA ASN A 99 18.83 -18.86 -15.18
C ASN A 99 19.47 -18.63 -16.55
N TYR A 100 20.29 -19.60 -16.96
CA TYR A 100 20.92 -19.61 -18.27
C TYR A 100 21.69 -18.33 -18.51
N ASP A 101 21.22 -17.43 -19.36
CA ASP A 101 22.01 -16.22 -19.60
C ASP A 101 21.83 -15.16 -18.52
N CYS A 102 20.93 -15.37 -17.55
CA CYS A 102 20.79 -14.48 -16.40
C CYS A 102 20.96 -15.27 -15.10
N PRO A 103 22.13 -15.82 -14.85
CA PRO A 103 22.33 -16.62 -13.64
C PRO A 103 22.51 -15.73 -12.42
N GLY A 104 22.46 -16.35 -11.26
CA GLY A 104 22.82 -15.67 -10.06
C GLY A 104 24.33 -15.54 -9.88
N PHE A 105 24.70 -14.63 -9.01
CA PHE A 105 26.07 -14.43 -8.57
C PHE A 105 26.02 -13.48 -7.37
N PRO A 106 27.07 -13.47 -6.53
CA PRO A 106 26.90 -12.92 -5.16
C PRO A 106 26.41 -11.47 -5.07
N SER A 107 26.57 -10.66 -6.10
CA SER A 107 26.07 -9.29 -6.05
C SER A 107 25.04 -8.99 -7.14
N VAL A 108 24.33 -10.02 -7.61
CA VAL A 108 23.41 -9.83 -8.74
C VAL A 108 22.33 -8.79 -8.45
N PHE A 109 21.84 -8.72 -7.21
CA PHE A 109 20.80 -7.73 -6.96
C PHE A 109 21.40 -6.33 -6.81
N ASP A 110 22.47 -6.20 -6.01
CA ASP A 110 23.13 -4.90 -5.88
C ASP A 110 23.65 -4.41 -7.23
N TYR A 111 24.14 -5.33 -8.07
CA TYR A 111 24.61 -4.97 -9.41
C TYR A 111 23.47 -4.46 -10.28
N SER A 112 22.32 -5.15 -10.27
CA SER A 112 21.19 -4.74 -11.10
C SER A 112 20.60 -3.42 -10.60
N LEU A 113 20.43 -3.31 -9.28
CA LEU A 113 19.87 -2.10 -8.70
C LEU A 113 20.77 -0.91 -8.95
N ALA A 114 22.07 -1.11 -9.04
CA ALA A 114 22.97 0.00 -9.29
C ALA A 114 22.60 0.74 -10.57
N ALA A 115 22.41 0.02 -11.69
CA ALA A 115 22.08 0.72 -12.93
C ALA A 115 20.78 1.51 -12.80
N VAL A 116 19.82 0.99 -12.04
CA VAL A 116 18.57 1.70 -11.80
C VAL A 116 18.82 2.98 -11.00
N GLN A 117 19.57 2.87 -9.90
CA GLN A 117 19.94 4.07 -9.15
C GLN A 117 20.61 5.11 -10.05
N GLY A 118 21.49 4.65 -10.93
CA GLY A 118 22.17 5.58 -11.81
C GLY A 118 21.21 6.24 -12.78
N SER A 119 20.38 5.46 -13.44
CA SER A 119 19.56 6.09 -14.48
C SER A 119 18.39 6.91 -13.91
N LEU A 120 17.92 6.60 -12.71
CA LEU A 120 16.91 7.45 -12.06
C LEU A 120 17.50 8.79 -11.66
N ALA A 121 18.71 8.80 -11.10
CA ALA A 121 19.37 10.06 -10.79
C ALA A 121 19.61 10.88 -12.05
N ALA A 122 19.97 10.21 -13.16
CA ALA A 122 20.17 10.92 -14.42
C ALA A 122 18.88 11.59 -14.89
N ALA A 123 17.75 10.88 -14.77
CA ALA A 123 16.48 11.49 -15.12
C ALA A 123 16.20 12.69 -14.24
N SER A 124 16.45 12.57 -12.93
CA SER A 124 16.18 13.69 -12.03
C SER A 124 17.05 14.90 -12.37
N ALA A 125 18.30 14.66 -12.78
CA ALA A 125 19.17 15.79 -13.17
C ALA A 125 18.60 16.53 -14.38
N LEU A 126 18.02 15.79 -15.33
CA LEU A 126 17.37 16.46 -16.45
C LEU A 126 16.11 17.19 -16.00
N ILE A 127 15.35 16.60 -15.07
CA ILE A 127 14.06 17.15 -14.71
C ILE A 127 14.23 18.49 -14.00
N CYS A 128 15.10 18.55 -12.99
CA CYS A 128 15.35 19.81 -12.31
C CYS A 128 16.26 20.74 -13.09
N ARG A 129 16.56 20.41 -14.36
CA ARG A 129 17.34 21.26 -15.27
C ARG A 129 18.74 21.55 -14.74
N HIS A 130 19.29 20.66 -13.90
CA HIS A 130 20.71 20.79 -13.59
C HIS A 130 21.58 20.48 -14.80
N CYS A 131 21.14 19.56 -15.65
CA CYS A 131 21.93 19.11 -16.78
C CYS A 131 21.05 19.13 -18.01
N GLU A 132 21.63 19.56 -19.14
CA GLU A 132 20.95 19.46 -20.43
C GLU A 132 21.03 18.05 -21.00
N VAL A 133 22.08 17.31 -20.64
CA VAL A 133 22.32 15.93 -21.10
C VAL A 133 23.04 15.21 -19.97
N VAL A 134 22.68 13.95 -19.74
CA VAL A 134 23.37 13.14 -18.75
C VAL A 134 23.68 11.79 -19.38
N ILE A 135 24.88 11.29 -19.12
CA ILE A 135 25.40 10.04 -19.65
C ILE A 135 25.44 9.04 -18.50
N ASN A 136 24.92 7.82 -18.73
CA ASN A 136 25.09 6.74 -17.76
C ASN A 136 25.57 5.50 -18.50
N TRP A 137 26.90 5.34 -18.59
CA TRP A 137 27.43 4.15 -19.23
C TRP A 137 27.27 2.90 -18.38
N GLY A 138 26.85 3.04 -17.13
N GLY A 138 26.85 3.04 -17.13
CA GLY A 138 26.52 1.86 -16.34
CA GLY A 138 26.52 1.86 -16.33
C GLY A 138 25.17 1.25 -16.63
C GLY A 138 25.15 1.27 -16.60
N GLY A 139 24.33 1.96 -17.41
CA GLY A 139 22.97 1.58 -17.65
C GLY A 139 22.70 1.15 -19.09
N GLY A 140 21.43 0.95 -19.38
CA GLY A 140 20.98 0.57 -20.72
C GLY A 140 20.41 -0.83 -20.85
N TRP A 141 19.85 -1.39 -19.78
CA TRP A 141 19.53 -2.83 -19.73
C TRP A 141 18.11 -3.07 -20.27
N HIS A 142 18.00 -3.00 -21.60
CA HIS A 142 16.71 -2.83 -22.27
C HIS A 142 15.91 -4.12 -22.44
N HIS A 143 16.46 -5.30 -22.11
CA HIS A 143 15.78 -6.58 -22.31
C HIS A 143 14.97 -7.05 -21.11
N ALA A 144 15.18 -6.48 -19.92
CA ALA A 144 14.45 -6.92 -18.73
C ALA A 144 12.95 -6.61 -18.84
N LYS A 145 12.12 -7.56 -18.35
CA LYS A 145 10.66 -7.49 -18.38
C LYS A 145 10.09 -7.38 -16.97
N ARG A 146 8.80 -7.08 -16.90
CA ARG A 146 8.11 -6.95 -15.60
C ARG A 146 8.50 -8.02 -14.59
N SER A 147 8.43 -9.31 -14.97
CA SER A 147 8.76 -10.42 -14.08
C SER A 147 9.73 -11.41 -14.75
N GLU A 148 10.68 -10.91 -15.54
CA GLU A 148 11.55 -11.84 -16.25
C GLU A 148 12.89 -11.18 -16.54
N ALA A 149 13.99 -11.84 -16.16
CA ALA A 149 15.31 -11.46 -16.62
C ALA A 149 15.54 -11.98 -18.04
N SER A 150 16.34 -11.26 -18.82
CA SER A 150 16.56 -11.62 -20.22
C SER A 150 17.79 -10.91 -20.75
N GLY A 151 18.59 -11.62 -21.53
CA GLY A 151 19.77 -11.05 -22.16
C GLY A 151 20.72 -10.33 -21.22
N PHE A 152 21.05 -11.00 -20.12
N PHE A 152 21.08 -10.96 -20.11
CA PHE A 152 21.85 -10.47 -18.99
CA PHE A 152 21.96 -10.36 -19.09
C PHE A 152 21.34 -9.10 -18.50
C PHE A 152 21.31 -9.18 -18.37
N CYS A 153 20.04 -8.89 -18.62
CA CYS A 153 19.35 -7.74 -18.04
C CYS A 153 18.41 -8.24 -16.94
N TYR A 154 18.61 -7.77 -15.73
CA TYR A 154 17.77 -8.19 -14.62
C TYR A 154 16.71 -7.16 -14.21
N LEU A 155 17.06 -5.88 -14.23
CA LEU A 155 16.16 -4.76 -13.91
C LEU A 155 16.20 -3.77 -15.07
N ASN A 156 15.03 -3.26 -15.48
CA ASN A 156 15.01 -2.37 -16.65
C ASN A 156 15.09 -0.91 -16.19
N ASP A 157 16.34 -0.44 -16.05
CA ASP A 157 16.63 0.94 -15.65
C ASP A 157 16.09 1.95 -16.65
N ILE A 158 16.01 1.57 -17.93
CA ILE A 158 15.52 2.51 -18.94
C ILE A 158 14.03 2.79 -18.75
N VAL A 159 13.24 1.70 -18.63
CA VAL A 159 11.82 1.84 -18.31
C VAL A 159 11.64 2.75 -17.10
N LEU A 160 12.34 2.42 -16.00
CA LEU A 160 12.23 3.19 -14.76
C LEU A 160 12.60 4.65 -15.00
N ALA A 161 13.71 4.90 -15.70
CA ALA A 161 14.07 6.30 -16.02
C ALA A 161 12.97 6.97 -16.83
N ILE A 162 12.46 6.30 -17.86
CA ILE A 162 11.46 6.93 -18.72
C ILE A 162 10.18 7.18 -17.94
N HIS A 163 9.76 6.20 -17.15
CA HIS A 163 8.61 6.42 -16.27
C HIS A 163 8.79 7.66 -15.42
N ARG A 164 9.97 7.86 -14.83
CA ARG A 164 10.19 9.04 -14.01
C ARG A 164 10.07 10.33 -14.83
N LEU A 165 10.51 10.29 -16.10
CA LEU A 165 10.46 11.50 -16.93
C LEU A 165 9.03 11.85 -17.30
N VAL A 166 8.21 10.86 -17.67
CA VAL A 166 6.85 11.15 -18.10
C VAL A 166 5.98 11.59 -16.94
N SER A 167 6.35 11.26 -15.70
CA SER A 167 5.58 11.67 -14.53
C SER A 167 6.14 12.92 -13.87
N SER A 168 7.02 13.66 -14.55
CA SER A 168 7.62 14.86 -13.96
C SER A 168 6.70 16.06 -14.01
N THR A 169 5.61 16.00 -14.76
CA THR A 169 4.72 17.14 -14.91
C THR A 169 3.33 16.83 -14.38
N GLN A 178 1.68 18.33 -21.91
CA GLN A 178 1.74 16.87 -22.04
C GLN A 178 3.17 16.40 -22.31
N THR A 179 3.76 15.67 -21.35
CA THR A 179 5.13 15.22 -21.51
C THR A 179 5.19 14.03 -22.47
N ARG A 180 6.07 14.12 -23.47
CA ARG A 180 6.33 13.03 -24.41
C ARG A 180 7.80 12.67 -24.36
N VAL A 181 8.09 11.37 -24.36
CA VAL A 181 9.46 10.89 -24.41
C VAL A 181 9.68 10.13 -25.73
N LEU A 182 10.76 10.47 -26.42
CA LEU A 182 11.20 9.70 -27.57
C LEU A 182 12.35 8.79 -27.16
N TYR A 183 12.18 7.49 -27.32
CA TYR A 183 13.21 6.53 -26.96
C TYR A 183 13.85 5.98 -28.24
N VAL A 184 15.17 6.09 -28.33
CA VAL A 184 15.93 5.70 -29.51
C VAL A 184 16.93 4.63 -29.10
N ASP A 185 16.92 3.48 -29.78
CA ASP A 185 17.67 2.30 -29.32
C ASP A 185 18.60 1.87 -30.45
N LEU A 186 19.91 2.17 -30.27
CA LEU A 186 20.95 1.93 -31.27
C LEU A 186 21.67 0.59 -31.09
N ASP A 187 21.32 -0.20 -30.07
CA ASP A 187 21.95 -1.48 -29.81
C ASP A 187 21.73 -2.42 -30.99
N LEU A 188 22.69 -3.32 -31.22
CA LEU A 188 22.51 -4.35 -32.24
C LEU A 188 21.23 -5.15 -32.02
N HIS A 189 20.79 -5.29 -30.77
CA HIS A 189 19.63 -6.10 -30.43
C HIS A 189 18.37 -5.23 -30.30
N HIS A 190 17.24 -5.80 -30.71
CA HIS A 190 15.96 -5.13 -30.53
C HIS A 190 15.68 -4.83 -29.06
N GLY A 191 15.28 -3.59 -28.78
CA GLY A 191 14.92 -3.19 -27.43
C GLY A 191 13.51 -3.63 -27.07
N ASP A 192 13.31 -4.94 -26.87
CA ASP A 192 11.97 -5.50 -26.63
C ASP A 192 11.39 -5.09 -25.28
N GLY A 193 12.20 -5.11 -24.21
CA GLY A 193 11.66 -4.83 -22.88
C GLY A 193 11.13 -3.39 -22.77
N VAL A 194 11.83 -2.43 -23.36
CA VAL A 194 11.35 -1.06 -23.27
C VAL A 194 10.11 -0.89 -24.14
N GLU A 195 10.14 -1.52 -25.31
CA GLU A 195 8.99 -1.45 -26.21
C GLU A 195 7.75 -2.06 -25.58
N GLU A 196 7.90 -3.23 -24.97
CA GLU A 196 6.80 -3.88 -24.28
C GLU A 196 6.24 -3.02 -23.15
N ALA A 197 7.12 -2.45 -22.33
CA ALA A 197 6.64 -1.65 -21.20
C ALA A 197 5.72 -0.51 -21.64
N PHE A 198 5.95 0.07 -22.81
CA PHE A 198 5.20 1.23 -23.25
C PHE A 198 4.31 0.93 -24.44
N TRP A 199 3.93 -0.36 -24.60
CA TRP A 199 3.15 -0.82 -25.73
C TRP A 199 1.82 -0.07 -25.88
N TYR A 200 1.19 0.26 -24.76
CA TYR A 200 -0.11 0.92 -24.73
C TYR A 200 -0.01 2.40 -24.40
N SER A 201 1.19 2.97 -24.48
CA SER A 201 1.40 4.35 -24.08
C SER A 201 1.72 5.21 -25.29
N PRO A 202 0.86 6.15 -25.67
CA PRO A 202 1.22 7.08 -26.75
C PRO A 202 2.26 8.14 -26.36
N ARG A 203 2.45 8.40 -25.07
CA ARG A 203 3.35 9.48 -24.66
C ARG A 203 4.81 9.08 -24.66
N VAL A 204 5.12 7.81 -24.87
CA VAL A 204 6.49 7.31 -24.94
C VAL A 204 6.61 6.61 -26.29
N VAL A 205 7.19 7.28 -27.28
CA VAL A 205 7.41 6.65 -28.58
C VAL A 205 8.75 5.93 -28.56
N THR A 206 8.76 4.67 -28.96
CA THR A 206 9.99 3.88 -28.95
C THR A 206 10.41 3.55 -30.39
N PHE A 207 11.72 3.61 -30.65
CA PHE A 207 12.29 3.36 -31.96
C PHE A 207 13.59 2.58 -31.77
N SER A 208 13.67 1.40 -32.38
CA SER A 208 14.83 0.51 -32.28
C SER A 208 15.26 0.18 -33.69
N VAL A 209 16.54 0.30 -33.96
CA VAL A 209 17.17 -0.25 -35.15
C VAL A 209 18.13 -1.33 -34.70
N HIS A 210 18.12 -2.48 -35.38
CA HIS A 210 18.76 -3.68 -34.87
C HIS A 210 18.96 -4.69 -36.00
N HIS A 211 19.77 -5.70 -35.73
CA HIS A 211 19.73 -6.89 -36.57
C HIS A 211 18.56 -7.76 -36.16
N ALA A 212 17.84 -8.29 -37.15
CA ALA A 212 16.89 -9.38 -36.89
C ALA A 212 17.05 -10.46 -37.94
N SER A 213 17.06 -11.72 -37.52
CA SER A 213 17.13 -12.85 -38.45
C SER A 213 16.66 -14.10 -37.69
N PRO A 214 16.32 -15.18 -38.40
CA PRO A 214 15.77 -16.34 -37.70
C PRO A 214 16.76 -16.90 -36.70
N GLY A 215 16.28 -17.10 -35.48
CA GLY A 215 17.07 -17.60 -34.37
C GLY A 215 17.89 -16.57 -33.62
N PHE A 216 17.88 -15.30 -34.06
CA PHE A 216 18.79 -14.30 -33.51
C PHE A 216 18.06 -13.57 -32.39
N PHE A 217 18.72 -13.44 -31.24
CA PHE A 217 18.12 -12.84 -30.02
C PHE A 217 17.67 -11.40 -30.25
N PRO A 218 16.57 -10.96 -29.58
CA PRO A 218 15.54 -11.73 -28.84
C PRO A 218 14.45 -12.27 -29.76
N GLY A 219 14.44 -11.79 -30.99
CA GLY A 219 13.59 -12.36 -32.01
C GLY A 219 12.53 -11.43 -32.52
N THR A 220 12.25 -10.33 -31.80
CA THR A 220 11.16 -9.42 -32.14
C THR A 220 11.71 -8.24 -32.96
N GLY A 221 10.91 -7.16 -33.07
CA GLY A 221 11.35 -6.01 -33.82
C GLY A 221 11.31 -6.22 -35.32
N THR A 222 10.53 -7.21 -35.79
CA THR A 222 10.54 -7.56 -37.20
C THR A 222 9.16 -8.05 -37.60
N TRP A 223 9.05 -8.44 -38.87
CA TRP A 223 7.82 -9.00 -39.41
C TRP A 223 7.27 -10.10 -38.51
N ASN A 224 5.96 -10.25 -38.54
CA ASN A 224 5.25 -11.23 -37.73
C ASN A 224 4.41 -12.16 -38.60
N PRO A 232 2.60 -11.41 -43.45
CA PRO A 232 3.05 -10.97 -42.12
C PRO A 232 3.23 -9.44 -42.06
N ILE A 233 3.12 -8.87 -40.84
CA ILE A 233 3.07 -7.43 -40.64
C ILE A 233 3.85 -7.09 -39.38
N PHE A 234 4.25 -5.81 -39.26
CA PHE A 234 4.79 -5.27 -38.02
C PHE A 234 3.67 -4.92 -37.06
N LEU A 235 3.67 -5.54 -35.89
CA LEU A 235 2.96 -4.97 -34.76
C LEU A 235 3.64 -3.66 -34.37
N ASN A 236 2.85 -2.74 -33.83
CA ASN A 236 3.44 -1.44 -33.49
C ASN A 236 2.76 -0.70 -32.35
N GLY A 237 2.08 -1.38 -31.41
CA GLY A 237 1.34 -0.72 -30.34
C GLY A 237 -0.05 -1.30 -30.20
N ALA A 238 -0.71 -0.92 -29.10
CA ALA A 238 -2.06 -1.42 -28.83
C ALA A 238 -2.80 -0.42 -27.96
N GLY A 239 -4.13 -0.48 -28.04
CA GLY A 239 -4.95 0.49 -27.33
C GLY A 239 -4.63 1.89 -27.82
N ARG A 240 -4.52 2.81 -26.88
CA ARG A 240 -4.14 4.19 -27.25
C ARG A 240 -2.69 4.29 -27.69
N GLY A 241 -1.91 3.23 -27.51
CA GLY A 241 -0.52 3.17 -27.91
C GLY A 241 -0.30 2.67 -29.32
N ARG A 242 -1.37 2.47 -30.09
CA ARG A 242 -1.22 2.04 -31.48
C ARG A 242 -0.35 3.02 -32.26
N PHE A 243 0.55 2.47 -33.07
CA PHE A 243 1.49 3.17 -33.94
C PHE A 243 2.63 3.85 -33.19
N SER A 244 2.85 3.54 -31.91
CA SER A 244 3.87 4.25 -31.14
C SER A 244 5.13 3.44 -30.91
N ALA A 245 5.20 2.21 -31.40
CA ALA A 245 6.42 1.40 -31.32
C ALA A 245 6.99 1.26 -32.73
N PHE A 246 8.18 1.83 -32.97
CA PHE A 246 8.84 1.79 -34.27
C PHE A 246 10.04 0.86 -34.26
N ASN A 247 10.28 0.23 -35.41
CA ASN A 247 11.32 -0.78 -35.55
C ASN A 247 11.89 -0.70 -36.95
N LEU A 248 13.21 -0.81 -37.05
CA LEU A 248 13.90 -0.91 -38.34
C LEU A 248 14.92 -2.04 -38.25
N PRO A 249 14.60 -3.24 -38.78
CA PRO A 249 15.57 -4.35 -38.78
C PRO A 249 16.40 -4.38 -40.06
N LEU A 250 17.70 -4.61 -39.89
CA LEU A 250 18.65 -4.51 -40.98
C LEU A 250 19.44 -5.81 -41.11
N GLU A 251 19.87 -6.11 -42.33
CA GLU A 251 20.69 -7.28 -42.61
C GLU A 251 22.09 -7.14 -42.05
N GLU A 252 22.73 -8.28 -41.78
CA GLU A 252 24.12 -8.28 -41.34
C GLU A 252 25.05 -7.61 -42.36
N GLY A 253 26.19 -7.13 -41.86
CA GLY A 253 27.22 -6.52 -42.66
C GLY A 253 27.11 -5.02 -42.91
N ILE A 254 26.02 -4.38 -42.47
CA ILE A 254 25.80 -2.98 -42.80
C ILE A 254 26.93 -2.10 -42.24
N ASN A 255 27.33 -1.09 -43.02
CA ASN A 255 28.44 -0.23 -42.69
C ASN A 255 27.94 1.12 -42.15
N ASP A 256 28.88 2.03 -41.84
CA ASP A 256 28.55 3.33 -41.26
C ASP A 256 27.57 4.11 -42.13
N LEU A 257 27.88 4.26 -43.42
CA LEU A 257 27.11 5.13 -44.29
C LEU A 257 25.68 4.62 -44.49
N ASP A 258 25.51 3.32 -44.75
CA ASP A 258 24.16 2.82 -45.03
C ASP A 258 23.29 2.77 -43.78
N TRP A 259 23.87 2.42 -42.63
CA TRP A 259 23.12 2.48 -41.37
C TRP A 259 22.73 3.93 -41.03
N SER A 260 23.65 4.89 -41.27
CA SER A 260 23.35 6.31 -41.10
C SER A 260 22.22 6.78 -42.02
N ASN A 261 22.34 6.47 -43.32
CA ASN A 261 21.27 6.85 -44.25
C ASN A 261 19.96 6.14 -43.91
N ALA A 262 20.05 4.95 -43.32
CA ALA A 262 18.85 4.21 -42.95
C ALA A 262 18.06 4.94 -41.87
N ILE A 263 18.74 5.44 -40.84
CA ILE A 263 18.03 5.92 -39.66
C ILE A 263 17.88 7.44 -39.58
N GLY A 264 18.70 8.20 -40.31
CA GLY A 264 18.73 9.64 -40.19
C GLY A 264 17.41 10.33 -40.49
N PRO A 265 16.77 10.01 -41.62
CA PRO A 265 15.44 10.59 -41.87
C PRO A 265 14.38 10.11 -40.91
N ILE A 266 14.49 8.89 -40.38
CA ILE A 266 13.49 8.46 -39.41
C ILE A 266 13.62 9.27 -38.12
N LEU A 267 14.86 9.42 -37.63
CA LEU A 267 15.11 10.24 -36.44
C LEU A 267 14.56 11.65 -36.65
N ASP A 268 14.97 12.30 -37.73
CA ASP A 268 14.51 13.67 -37.98
C ASP A 268 12.99 13.76 -38.09
N SER A 269 12.34 12.77 -38.71
CA SER A 269 10.90 12.87 -38.82
C SER A 269 10.20 12.60 -37.50
N LEU A 270 10.77 11.73 -36.65
CA LEU A 270 10.23 11.51 -35.31
C LEU A 270 10.30 12.79 -34.47
N ASN A 271 11.43 13.48 -34.48
CA ASN A 271 11.54 14.72 -33.72
C ASN A 271 10.49 15.73 -34.17
N ILE A 272 10.38 15.95 -35.48
CA ILE A 272 9.48 16.96 -36.02
C ILE A 272 8.03 16.68 -35.60
N VAL A 273 7.56 15.45 -35.83
CA VAL A 273 6.16 15.13 -35.57
C VAL A 273 5.92 14.99 -34.06
N ILE A 274 6.81 14.32 -33.34
CA ILE A 274 6.50 14.02 -31.96
C ILE A 274 6.78 15.20 -31.06
N GLN A 275 7.78 16.02 -31.39
CA GLN A 275 8.24 17.12 -30.55
C GLN A 275 8.46 16.66 -29.11
N PRO A 276 9.36 15.71 -28.90
CA PRO A 276 9.48 15.09 -27.57
C PRO A 276 9.95 16.10 -26.55
N SER A 277 9.55 15.87 -25.30
CA SER A 277 10.06 16.67 -24.19
C SER A 277 11.43 16.16 -23.72
N TYR A 278 11.72 14.88 -23.94
CA TYR A 278 13.00 14.27 -23.61
C TYR A 278 13.32 13.22 -24.68
N VAL A 279 14.62 13.03 -24.94
CA VAL A 279 15.11 11.89 -25.71
C VAL A 279 15.92 11.00 -24.76
N VAL A 280 15.65 9.70 -24.80
CA VAL A 280 16.44 8.70 -24.11
C VAL A 280 17.05 7.82 -25.20
N VAL A 281 18.37 7.72 -25.20
CA VAL A 281 19.11 6.97 -26.22
C VAL A 281 19.82 5.80 -25.56
N GLN A 282 19.57 4.60 -26.07
CA GLN A 282 20.38 3.45 -25.71
C GLN A 282 21.47 3.31 -26.78
N CYS A 283 22.73 3.25 -26.34
CA CYS A 283 23.88 3.36 -27.22
CA CYS A 283 23.89 3.35 -27.21
C CYS A 283 24.79 2.13 -27.11
N GLY A 284 24.19 0.94 -27.03
CA GLY A 284 24.95 -0.29 -27.02
C GLY A 284 25.94 -0.35 -28.17
N ALA A 285 27.14 -0.78 -27.85
CA ALA A 285 28.28 -0.74 -28.75
C ALA A 285 28.48 -2.05 -29.51
N ASP A 286 27.51 -2.96 -29.49
CA ASP A 286 27.72 -4.25 -30.14
C ASP A 286 27.54 -4.20 -31.65
N CYS A 287 27.18 -3.04 -32.21
CA CYS A 287 27.17 -2.90 -33.66
C CYS A 287 28.56 -2.68 -34.21
N LEU A 288 29.56 -2.46 -33.37
CA LEU A 288 30.91 -2.20 -33.87
C LEU A 288 31.40 -3.36 -34.73
N ALA A 289 32.13 -3.01 -35.80
CA ALA A 289 32.69 -4.04 -36.67
C ALA A 289 33.57 -5.02 -35.90
N THR A 290 34.17 -4.58 -34.79
CA THR A 290 35.14 -5.36 -34.03
C THR A 290 34.52 -6.01 -32.78
N ASP A 291 33.24 -5.86 -32.60
CA ASP A 291 32.58 -6.64 -31.55
C ASP A 291 32.70 -8.13 -31.89
N PRO A 292 32.83 -9.02 -30.89
CA PRO A 292 32.89 -10.47 -31.20
C PRO A 292 31.62 -10.99 -31.84
N MET A 293 30.50 -10.28 -31.72
CA MET A 293 29.28 -10.69 -32.41
C MET A 293 29.49 -10.68 -33.93
N ARG A 294 30.07 -9.59 -34.45
CA ARG A 294 30.43 -9.46 -35.87
C ARG A 294 29.20 -9.55 -36.77
N ILE A 295 28.21 -8.72 -36.48
CA ILE A 295 27.03 -8.67 -37.33
C ILE A 295 27.12 -7.41 -38.18
N PHE A 296 27.22 -6.25 -37.54
CA PHE A 296 27.29 -4.97 -38.23
C PHE A 296 28.74 -4.52 -38.36
N ARG A 297 28.99 -3.57 -39.28
CA ARG A 297 30.33 -3.08 -39.54
C ARG A 297 30.53 -1.61 -39.16
N LEU A 298 29.86 -1.13 -38.10
CA LEU A 298 30.02 0.26 -37.69
C LEU A 298 31.37 0.51 -37.02
N THR A 299 31.74 1.80 -36.92
CA THR A 299 33.03 2.20 -36.34
C THR A 299 32.82 3.29 -35.28
N ASN A 300 33.93 3.73 -34.70
CA ASN A 300 33.96 4.93 -33.88
C ASN A 300 34.67 6.08 -34.60
N PHE A 301 34.82 5.99 -35.92
CA PHE A 301 35.63 6.98 -36.61
C PHE A 301 34.99 8.34 -36.54
N TYR A 302 35.84 9.37 -36.46
CA TYR A 302 35.40 10.75 -36.41
C TYR A 302 36.38 11.56 -37.24
N PRO A 303 36.17 11.67 -38.55
CA PRO A 303 37.09 12.28 -39.51
C PRO A 303 37.56 13.67 -39.11
N LEU A 317 32.54 8.41 -41.19
CA LEU A 317 31.91 8.87 -39.94
C LEU A 317 31.12 7.76 -39.26
N SER A 318 31.43 7.53 -37.98
CA SER A 318 30.75 6.53 -37.18
C SER A 318 29.24 6.69 -37.27
N GLY A 319 28.56 5.58 -37.57
CA GLY A 319 27.11 5.57 -37.47
C GLY A 319 26.63 6.10 -36.13
N TYR A 320 27.34 5.72 -35.06
CA TYR A 320 26.90 6.12 -33.72
C TYR A 320 27.00 7.61 -33.52
N LEU A 321 28.13 8.20 -33.93
CA LEU A 321 28.40 9.61 -33.69
C LEU A 321 27.52 10.47 -34.59
N TYR A 322 27.22 9.99 -35.79
CA TYR A 322 26.24 10.65 -36.65
C TYR A 322 24.89 10.80 -35.94
N ALA A 323 24.39 9.69 -35.36
CA ALA A 323 23.07 9.68 -34.75
C ALA A 323 23.01 10.59 -33.52
N ILE A 324 24.02 10.50 -32.65
CA ILE A 324 23.99 11.28 -31.40
C ILE A 324 24.09 12.77 -31.71
N LYS A 325 25.02 13.15 -32.59
CA LYS A 325 25.10 14.53 -33.05
C LYS A 325 23.77 14.99 -33.63
N LYS A 326 23.11 14.14 -34.42
CA LYS A 326 21.79 14.48 -34.92
C LYS A 326 20.81 14.71 -33.77
N ILE A 327 20.70 13.75 -32.85
CA ILE A 327 19.73 13.86 -31.76
C ILE A 327 20.00 15.10 -30.92
N LEU A 328 21.29 15.45 -30.74
CA LEU A 328 21.68 16.54 -29.87
C LEU A 328 21.45 17.91 -30.50
N SER A 329 21.39 17.99 -31.82
CA SER A 329 21.11 19.26 -32.48
C SER A 329 19.65 19.67 -32.36
N TRP A 330 18.78 18.75 -31.91
CA TRP A 330 17.41 19.09 -31.58
C TRP A 330 17.31 19.96 -30.33
N LYS A 331 18.37 20.01 -29.52
CA LYS A 331 18.38 20.76 -28.26
C LYS A 331 17.24 20.34 -27.31
N VAL A 332 17.00 19.04 -27.20
CA VAL A 332 16.04 18.48 -26.26
C VAL A 332 16.81 17.83 -25.11
N PRO A 333 16.39 18.00 -23.84
CA PRO A 333 17.12 17.35 -22.73
C PRO A 333 17.20 15.84 -22.95
N THR A 334 18.42 15.29 -22.86
CA THR A 334 18.66 13.95 -23.38
C THR A 334 19.43 13.09 -22.38
N LEU A 335 19.03 11.82 -22.31
CA LEU A 335 19.70 10.78 -21.53
C LEU A 335 20.41 9.85 -22.51
N ILE A 336 21.73 9.69 -22.35
CA ILE A 336 22.53 8.75 -23.13
C ILE A 336 22.92 7.60 -22.20
N LEU A 337 22.56 6.38 -22.60
CA LEU A 337 22.79 5.17 -21.81
C LEU A 337 23.61 4.13 -22.57
N GLY A 338 24.33 3.30 -21.81
CA GLY A 338 25.12 2.21 -22.34
C GLY A 338 24.29 1.08 -22.93
N GLY A 339 24.76 -0.15 -22.80
CA GLY A 339 24.10 -1.32 -23.35
C GLY A 339 25.10 -2.45 -23.57
N GLY A 340 24.80 -3.30 -24.56
CA GLY A 340 25.74 -4.33 -24.97
C GLY A 340 27.07 -3.73 -25.44
N GLY A 341 28.01 -4.63 -25.71
CA GLY A 341 29.38 -4.18 -25.99
C GLY A 341 30.30 -5.17 -25.34
N TYR A 342 30.85 -6.09 -26.14
CA TYR A 342 31.58 -7.24 -25.63
C TYR A 342 33.04 -7.24 -26.01
N ASN A 343 33.50 -6.24 -26.73
CA ASN A 343 34.91 -5.94 -26.92
C ASN A 343 35.14 -4.73 -26.02
N PHE A 344 35.68 -4.99 -24.82
CA PHE A 344 35.66 -3.99 -23.77
C PHE A 344 36.48 -2.76 -24.16
N PRO A 345 37.72 -2.88 -24.64
CA PRO A 345 38.43 -1.65 -25.05
C PRO A 345 37.75 -0.91 -26.18
N ASP A 346 37.17 -1.62 -27.15
CA ASP A 346 36.55 -0.91 -28.27
C ASP A 346 35.20 -0.26 -27.90
N THR A 347 34.47 -0.84 -26.93
CA THR A 347 33.36 -0.10 -26.32
C THR A 347 33.85 1.17 -25.64
N ALA A 348 34.96 1.09 -24.90
CA ALA A 348 35.56 2.29 -24.33
C ALA A 348 35.98 3.29 -25.42
N ARG A 349 36.60 2.80 -26.49
CA ARG A 349 36.96 3.72 -27.58
C ARG A 349 35.74 4.42 -28.13
N LEU A 350 34.62 3.70 -28.26
CA LEU A 350 33.44 4.35 -28.79
C LEU A 350 32.86 5.35 -27.80
N TRP A 351 32.63 4.91 -26.55
CA TRP A 351 31.89 5.76 -25.62
C TRP A 351 32.71 6.98 -25.22
N THR A 352 34.05 6.90 -25.32
CA THR A 352 34.89 8.07 -25.08
C THR A 352 34.59 9.15 -26.09
N ARG A 353 34.52 8.77 -27.37
CA ARG A 353 34.18 9.74 -28.41
C ARG A 353 32.73 10.25 -28.28
N VAL A 354 31.77 9.36 -27.99
CA VAL A 354 30.40 9.81 -27.70
C VAL A 354 30.42 10.86 -26.58
N THR A 355 31.28 10.64 -25.60
CA THR A 355 31.34 11.53 -24.46
C THR A 355 31.92 12.87 -24.88
N ALA A 356 33.03 12.83 -25.60
CA ALA A 356 33.64 14.06 -26.11
C ALA A 356 32.70 14.78 -27.06
N LEU A 357 31.97 14.05 -27.90
CA LEU A 357 31.05 14.68 -28.84
C LEU A 357 29.93 15.43 -28.14
N THR A 358 29.28 14.78 -27.16
CA THR A 358 28.24 15.42 -26.36
C THR A 358 28.71 16.73 -25.75
N ILE A 359 29.92 16.74 -25.20
CA ILE A 359 30.47 17.97 -24.61
C ILE A 359 30.63 19.05 -25.67
N GLU A 360 31.11 18.68 -26.85
CA GLU A 360 31.30 19.65 -27.91
C GLU A 360 29.96 20.25 -28.33
N GLU A 361 28.97 19.40 -28.56
CA GLU A 361 27.69 19.87 -29.06
C GLU A 361 26.90 20.64 -28.00
N VAL A 362 27.05 20.32 -26.73
CA VAL A 362 26.24 20.97 -25.69
C VAL A 362 26.87 22.28 -25.24
N LYS A 363 28.15 22.23 -24.85
CA LYS A 363 28.85 23.41 -24.39
C LYS A 363 29.38 24.27 -25.53
N GLY A 364 29.47 23.75 -26.74
CA GLY A 364 30.04 24.50 -27.85
C GLY A 364 31.54 24.68 -27.72
N LYS A 365 32.23 23.68 -27.20
CA LYS A 365 33.61 23.81 -26.75
C LYS A 365 34.44 22.68 -27.34
N LYS A 366 35.43 23.04 -28.16
CA LYS A 366 36.17 22.04 -28.92
C LYS A 366 36.86 21.04 -27.99
N MET A 367 36.72 19.76 -28.32
CA MET A 367 37.34 18.67 -27.58
C MET A 367 38.37 18.01 -28.49
N THR A 368 39.63 18.06 -28.08
CA THR A 368 40.75 17.57 -28.89
C THR A 368 41.27 16.28 -28.28
N ILE A 369 41.01 15.18 -28.94
CA ILE A 369 41.39 13.85 -28.48
C ILE A 369 42.58 13.36 -29.31
N SER A 370 43.68 13.03 -28.66
CA SER A 370 44.81 12.45 -29.38
C SER A 370 44.42 11.11 -30.02
N PRO A 371 44.91 10.82 -31.24
CA PRO A 371 44.61 9.53 -31.88
C PRO A 371 45.26 8.34 -31.18
N GLU A 372 46.19 8.59 -30.27
CA GLU A 372 46.88 7.56 -29.51
C GLU A 372 46.30 7.47 -28.11
N ILE A 373 46.15 6.25 -27.62
CA ILE A 373 45.60 6.04 -26.26
C ILE A 373 46.57 6.65 -25.23
N PRO A 374 46.09 7.48 -24.31
CA PRO A 374 46.98 7.96 -23.24
C PRO A 374 47.37 6.84 -22.29
N GLU A 375 48.53 7.02 -21.65
CA GLU A 375 48.94 6.11 -20.59
C GLU A 375 47.98 6.24 -19.42
N HIS A 376 47.55 5.11 -18.88
CA HIS A 376 46.64 5.07 -17.74
C HIS A 376 46.58 3.63 -17.25
N SER A 377 45.76 3.40 -16.22
CA SER A 377 45.69 2.10 -15.56
C SER A 377 45.55 0.94 -16.55
N TYR A 378 44.64 1.07 -17.52
CA TYR A 378 44.33 -0.01 -18.44
C TYR A 378 45.05 0.11 -19.79
N PHE A 379 46.13 0.91 -19.84
CA PHE A 379 46.81 1.20 -21.09
C PHE A 379 47.14 -0.07 -21.87
N SER A 380 47.43 -1.16 -21.17
CA SER A 380 47.88 -2.38 -21.84
C SER A 380 46.76 -3.14 -22.52
N ARG A 381 45.49 -2.87 -22.17
CA ARG A 381 44.38 -3.54 -22.83
C ARG A 381 44.14 -3.02 -24.25
N TYR A 382 44.79 -1.93 -24.65
CA TYR A 382 44.54 -1.29 -25.94
C TYR A 382 45.62 -1.65 -26.96
N GLY A 383 46.23 -2.82 -26.81
CA GLY A 383 47.28 -3.27 -27.71
C GLY A 383 46.80 -3.98 -28.96
N PRO A 384 47.73 -4.23 -29.90
CA PRO A 384 49.09 -3.74 -29.70
C PRO A 384 49.37 -2.42 -30.39
N ASP A 385 48.33 -1.74 -30.91
CA ASP A 385 48.56 -0.48 -31.62
C ASP A 385 48.26 0.75 -30.77
N PHE A 386 47.44 0.64 -29.73
CA PHE A 386 47.27 1.71 -28.75
C PHE A 386 46.75 2.99 -29.38
N GLU A 387 45.98 2.87 -30.45
CA GLU A 387 45.25 3.97 -31.07
C GLU A 387 43.80 4.03 -30.58
N LEU A 388 43.19 5.20 -30.80
CA LEU A 388 41.80 5.40 -30.41
C LEU A 388 40.82 4.87 -31.46
N ASP A 389 41.11 5.09 -32.75
CA ASP A 389 40.33 4.43 -33.81
C ASP A 389 40.34 2.93 -33.59
N ILE A 390 39.20 2.27 -33.82
CA ILE A 390 39.19 0.82 -33.78
C ILE A 390 40.01 0.27 -34.95
N ASP A 391 40.35 -1.01 -34.88
CA ASP A 391 41.28 -1.64 -35.81
C ASP A 391 40.46 -2.40 -36.87
N TYR A 392 39.88 -1.64 -37.80
CA TYR A 392 38.99 -2.22 -38.81
C TYR A 392 39.14 -1.50 -40.14
N PHE A 393 38.91 -2.24 -41.25
CA PHE A 393 38.96 -1.70 -42.60
C PHE A 393 37.55 -1.52 -43.15
N PRO A 394 37.06 -0.28 -43.34
CA PRO A 394 35.67 -0.15 -43.79
C PRO A 394 35.46 -0.59 -45.23
N ASP A 403 16.89 -0.69 -51.41
CA ASP A 403 15.63 -1.25 -51.85
C ASP A 403 14.78 -1.73 -50.67
N SER A 404 15.38 -2.56 -49.83
CA SER A 404 14.69 -2.95 -48.60
C SER A 404 14.51 -1.76 -47.66
N ILE A 405 15.52 -0.88 -47.59
CA ILE A 405 15.41 0.26 -46.70
C ILE A 405 14.33 1.22 -47.16
N GLN A 406 14.15 1.38 -48.47
CA GLN A 406 13.13 2.28 -48.97
C GLN A 406 11.72 1.74 -48.72
N LYS A 407 11.54 0.41 -48.72
CA LYS A 407 10.25 -0.15 -48.32
C LYS A 407 9.96 0.12 -46.85
N HIS A 408 10.93 -0.14 -45.97
CA HIS A 408 10.78 0.19 -44.55
C HIS A 408 10.57 1.69 -44.33
N HIS A 409 11.25 2.54 -45.12
CA HIS A 409 11.08 3.97 -44.97
C HIS A 409 9.67 4.41 -45.30
N ARG A 410 9.10 3.87 -46.39
CA ARG A 410 7.70 4.16 -46.68
C ARG A 410 6.78 3.54 -45.62
N ARG A 411 7.15 2.35 -45.12
CA ARG A 411 6.34 1.72 -44.08
C ARG A 411 6.28 2.59 -42.84
N ILE A 412 7.42 3.12 -42.41
CA ILE A 412 7.48 3.90 -41.18
C ILE A 412 6.80 5.26 -41.34
N LEU A 413 6.88 5.88 -42.51
CA LEU A 413 6.23 7.17 -42.72
C LEU A 413 4.71 7.07 -42.60
N GLU A 414 4.12 6.01 -43.15
CA GLU A 414 2.69 5.78 -42.97
C GLU A 414 2.34 5.57 -41.49
N GLN A 415 3.09 4.70 -40.80
CA GLN A 415 2.91 4.53 -39.35
C GLN A 415 3.02 5.87 -38.62
N LEU A 416 4.00 6.71 -38.98
CA LEU A 416 4.14 7.99 -38.31
C LEU A 416 2.93 8.88 -38.56
N ARG A 417 2.41 8.90 -39.78
CA ARG A 417 1.18 9.66 -40.02
C ARG A 417 0.00 9.09 -39.24
N ASN A 418 -0.14 7.76 -39.22
CA ASN A 418 -1.19 7.14 -38.41
C ASN A 418 -1.07 7.53 -36.95
N TYR A 419 0.16 7.48 -36.40
CA TYR A 419 0.37 7.92 -35.02
C TYR A 419 -0.09 9.37 -34.83
N ALA A 420 0.29 10.24 -35.74
CA ALA A 420 -0.05 11.65 -35.60
C ALA A 420 -1.54 11.89 -35.78
N ASP A 421 -2.18 11.12 -36.68
CA ASP A 421 -3.64 11.19 -36.80
C ASP A 421 -4.31 10.70 -35.52
N LEU A 422 -3.83 9.58 -34.97
CA LEU A 422 -4.44 9.03 -33.77
C LEU A 422 -4.36 9.99 -32.60
N ASN A 423 -3.28 10.76 -32.51
CA ASN A 423 -3.03 11.56 -31.31
C ASN A 423 -3.26 13.05 -31.54
N LYS A 424 -3.94 13.43 -32.64
CA LYS A 424 -4.32 14.82 -32.91
C LYS A 424 -3.10 15.74 -32.95
N LEU A 425 -2.04 15.28 -33.59
CA LEU A 425 -0.80 16.05 -33.63
C LEU A 425 -0.73 16.92 -34.88
N ILE A 426 -0.05 18.05 -34.76
CA ILE A 426 0.15 19.00 -35.85
C ILE A 426 1.52 18.78 -36.46
N TYR A 427 1.63 19.00 -37.76
CA TYR A 427 2.90 18.95 -38.50
C TYR A 427 2.58 19.16 -39.98
N ASP A 428 3.62 19.52 -40.75
CA ASP A 428 3.52 19.60 -42.20
C ASP A 428 3.85 18.25 -42.80
N TYR A 429 2.94 17.73 -43.64
CA TYR A 429 3.13 16.38 -44.15
C TYR A 429 4.34 16.29 -45.07
N ASP A 430 4.41 17.14 -46.08
CA ASP A 430 5.51 17.02 -47.02
C ASP A 430 6.76 17.77 -46.58
N GLN A 431 6.78 18.33 -45.36
CA GLN A 431 8.06 18.68 -44.75
C GLN A 431 8.77 17.45 -44.21
N VAL A 432 8.02 16.51 -43.61
CA VAL A 432 8.66 15.27 -43.17
C VAL A 432 8.85 14.32 -44.34
N TYR A 433 7.94 14.36 -45.32
CA TYR A 433 8.09 13.52 -46.51
C TYR A 433 9.40 13.81 -47.23
N GLN A 434 9.76 15.10 -47.34
CA GLN A 434 10.94 15.48 -48.12
C GLN A 434 12.26 15.05 -47.47
N LEU A 435 12.25 14.73 -46.17
CA LEU A 435 13.48 14.29 -45.52
C LEU A 435 14.04 13.02 -46.16
N TYR A 436 13.25 12.33 -46.99
CA TYR A 436 13.64 11.04 -47.55
C TYR A 436 13.96 11.16 -49.04
N SER B 3 32.13 16.11 36.26
CA SER B 3 31.80 17.30 35.49
C SER B 3 31.39 16.97 34.06
N VAL B 4 30.12 17.12 33.75
CA VAL B 4 29.56 16.83 32.44
C VAL B 4 29.44 18.15 31.70
N GLY B 5 30.18 18.29 30.61
CA GLY B 5 30.12 19.49 29.80
C GLY B 5 29.05 19.36 28.73
N ILE B 6 28.53 20.48 28.28
CA ILE B 6 27.63 20.50 27.13
C ILE B 6 27.93 21.75 26.32
N VAL B 7 28.04 21.60 25.02
CA VAL B 7 28.41 22.70 24.13
C VAL B 7 27.17 23.54 23.82
N TYR B 8 27.22 24.84 24.15
CA TYR B 8 26.24 25.77 23.58
C TYR B 8 26.74 27.22 23.63
N GLY B 9 25.95 28.10 23.02
CA GLY B 9 26.26 29.53 22.99
C GLY B 9 25.24 30.23 22.12
N ASP B 10 25.16 31.55 22.29
CA ASP B 10 24.16 32.32 21.57
C ASP B 10 24.33 32.19 20.06
N GLN B 11 25.52 32.53 19.56
CA GLN B 11 25.76 32.43 18.11
C GLN B 11 25.75 30.99 17.64
N TYR B 12 26.37 30.10 18.43
CA TYR B 12 26.29 28.67 18.13
C TYR B 12 24.87 28.23 17.81
N ARG B 13 23.92 28.60 18.68
CA ARG B 13 22.54 28.19 18.51
C ARG B 13 21.95 28.75 17.23
N GLN B 14 22.24 30.02 16.91
CA GLN B 14 21.74 30.59 15.66
C GLN B 14 22.30 29.83 14.47
N LEU B 15 23.62 29.60 14.46
CA LEU B 15 24.26 28.85 13.38
C LEU B 15 23.69 27.43 13.24
N CYS B 16 23.58 26.70 14.36
CA CYS B 16 23.04 25.33 14.29
C CYS B 16 21.59 25.31 13.82
N CYS B 17 20.86 26.42 13.93
CA CYS B 17 19.48 26.48 13.47
C CYS B 17 19.33 27.12 12.11
N SER B 18 20.43 27.34 11.38
CA SER B 18 20.42 28.11 10.13
C SER B 18 20.30 27.24 8.88
N SER B 19 20.26 25.86 9.01
CA SER B 19 20.23 25.11 7.76
C SER B 19 18.80 24.77 7.34
N PRO B 20 18.60 24.58 6.03
CA PRO B 20 17.24 24.25 5.54
C PRO B 20 16.76 22.85 5.93
N LYS B 21 17.65 21.86 6.01
CA LYS B 21 17.21 20.50 6.35
C LYS B 21 16.92 20.35 7.84
N PHE B 22 17.75 20.90 8.71
CA PHE B 22 17.58 20.64 10.14
C PHE B 22 16.86 21.74 10.89
N GLY B 23 16.56 22.86 10.25
CA GLY B 23 15.73 23.88 10.86
C GLY B 23 16.15 24.19 12.29
N ASP B 24 15.17 24.23 13.20
CA ASP B 24 15.39 24.63 14.58
C ASP B 24 15.56 23.46 15.54
N ARG B 25 15.90 22.28 15.03
CA ARG B 25 16.01 21.08 15.87
C ARG B 25 16.92 21.30 17.08
N TYR B 26 18.08 21.96 16.87
CA TYR B 26 19.01 22.16 17.97
C TYR B 26 18.39 23.03 19.08
N ALA B 27 17.55 23.99 18.68
CA ALA B 27 16.89 24.84 19.68
C ALA B 27 15.88 24.05 20.48
N LEU B 28 15.12 23.16 19.83
CA LEU B 28 14.19 22.32 20.58
C LEU B 28 14.92 21.51 21.63
N VAL B 29 16.06 20.93 21.23
CA VAL B 29 16.84 20.04 22.09
C VAL B 29 17.39 20.80 23.29
N MET B 30 18.02 21.94 23.05
CA MET B 30 18.65 22.66 24.15
C MET B 30 17.59 23.26 25.07
N ASP B 31 16.44 23.66 24.52
CA ASP B 31 15.39 24.27 25.34
C ASP B 31 14.57 23.23 26.11
N LEU B 32 14.44 22.01 25.59
CA LEU B 32 13.83 20.96 26.40
C LEU B 32 14.74 20.61 27.58
N ILE B 33 16.04 20.47 27.30
CA ILE B 33 17.02 20.25 28.38
C ILE B 33 16.97 21.39 29.39
N ASN B 34 16.89 22.62 28.89
CA ASN B 34 16.69 23.78 29.77
C ASN B 34 15.39 23.65 30.56
N ALA B 35 14.30 23.26 29.90
CA ALA B 35 12.98 23.29 30.53
C ALA B 35 12.87 22.28 31.67
N TYR B 36 13.60 21.18 31.58
CA TYR B 36 13.66 20.17 32.64
C TYR B 36 14.72 20.50 33.71
N LYS B 37 15.30 21.71 33.65
CA LYS B 37 16.21 22.25 34.66
C LYS B 37 17.55 21.52 34.70
N LEU B 38 18.00 20.96 33.57
CA LEU B 38 19.28 20.27 33.52
C LEU B 38 20.46 21.23 33.35
N ILE B 39 20.22 22.40 32.75
CA ILE B 39 21.32 23.32 32.43
C ILE B 39 22.16 23.71 33.64
N PRO B 40 21.59 24.05 34.81
CA PRO B 40 22.45 24.31 35.99
C PRO B 40 23.32 23.13 36.42
N GLU B 41 23.01 21.91 36.00
CA GLU B 41 23.83 20.75 36.32
C GLU B 41 25.07 20.65 35.45
N LEU B 42 25.11 21.37 34.34
CA LEU B 42 26.10 21.17 33.30
C LEU B 42 27.06 22.35 33.20
N SER B 43 28.29 22.05 32.82
CA SER B 43 29.30 23.06 32.49
CA SER B 43 29.28 23.08 32.50
C SER B 43 29.16 23.44 31.02
N ARG B 44 28.86 24.71 30.74
CA ARG B 44 28.81 25.15 29.35
CA ARG B 44 28.81 25.14 29.35
C ARG B 44 30.20 25.09 28.74
N VAL B 45 30.32 24.44 27.60
CA VAL B 45 31.59 24.38 26.88
C VAL B 45 31.46 25.31 25.66
N PRO B 46 32.21 26.41 25.60
CA PRO B 46 32.02 27.35 24.49
C PRO B 46 32.70 26.82 23.23
N PRO B 47 32.07 26.97 22.06
CA PRO B 47 32.72 26.52 20.82
C PRO B 47 34.08 27.19 20.61
N LEU B 48 34.96 26.48 19.91
CA LEU B 48 36.30 26.98 19.67
C LEU B 48 36.23 28.15 18.69
N GLN B 49 37.04 29.19 18.94
CA GLN B 49 37.32 30.20 17.94
C GLN B 49 38.83 30.34 17.74
N TRP B 50 39.22 30.95 16.64
CA TRP B 50 40.64 30.99 16.28
C TRP B 50 41.15 32.42 16.19
N ASP B 51 42.48 32.52 16.18
CA ASP B 51 43.23 33.76 16.12
C ASP B 51 43.30 34.37 14.72
N SER B 52 42.88 33.62 13.69
CA SER B 52 43.07 34.06 12.30
C SER B 52 42.44 33.05 11.35
N PRO B 53 42.06 33.46 10.14
CA PRO B 53 41.60 32.48 9.14
C PRO B 53 42.64 31.41 8.81
N SER B 54 43.94 31.75 8.85
CA SER B 54 44.95 30.71 8.64
C SER B 54 44.88 29.63 9.73
N ARG B 55 44.67 30.02 10.99
CA ARG B 55 44.58 29.00 12.03
C ARG B 55 43.34 28.13 11.85
N MET B 56 42.20 28.78 11.59
CA MET B 56 40.98 28.01 11.29
C MET B 56 41.23 27.05 10.15
N TYR B 57 41.96 27.50 9.13
CA TYR B 57 42.18 26.72 7.94
C TYR B 57 43.09 25.52 8.20
N GLU B 58 44.10 25.68 9.05
CA GLU B 58 44.94 24.56 9.44
C GLU B 58 44.16 23.52 10.24
N ALA B 59 43.26 23.98 11.11
CA ALA B 59 42.46 23.04 11.89
C ALA B 59 41.54 22.24 10.99
N VAL B 60 40.82 22.91 10.08
CA VAL B 60 39.93 22.19 9.18
C VAL B 60 40.70 21.26 8.26
N THR B 61 41.84 21.72 7.71
CA THR B 61 42.58 20.88 6.77
C THR B 61 43.40 19.80 7.44
N ALA B 62 43.31 19.62 8.76
CA ALA B 62 43.85 18.39 9.36
C ALA B 62 43.18 17.15 8.77
N PHE B 63 41.89 17.24 8.44
CA PHE B 63 41.23 16.20 7.65
C PHE B 63 40.91 16.62 6.22
N HIS B 64 40.18 17.74 6.03
CA HIS B 64 39.63 18.05 4.72
C HIS B 64 40.71 18.70 3.83
N SER B 65 40.51 18.60 2.50
CA SER B 65 41.50 19.16 1.58
C SER B 65 41.33 20.67 1.48
N THR B 66 42.45 21.35 1.26
CA THR B 66 42.42 22.79 1.01
C THR B 66 41.39 23.12 -0.09
N GLU B 67 41.42 22.35 -1.18
CA GLU B 67 40.52 22.65 -2.29
C GLU B 67 39.06 22.48 -1.91
N TYR B 68 38.74 21.44 -1.13
CA TYR B 68 37.37 21.26 -0.66
C TYR B 68 36.91 22.43 0.22
N VAL B 69 37.74 22.82 1.19
CA VAL B 69 37.37 23.92 2.08
C VAL B 69 37.16 25.21 1.28
N ASP B 70 38.04 25.49 0.31
CA ASP B 70 37.88 26.69 -0.53
C ASP B 70 36.54 26.69 -1.24
N ALA B 71 36.20 25.58 -1.87
CA ALA B 71 34.90 25.44 -2.55
C ALA B 71 33.74 25.67 -1.59
N LEU B 72 33.83 25.08 -0.38
CA LEU B 72 32.75 25.28 0.58
C LEU B 72 32.67 26.73 1.01
N LYS B 73 33.81 27.38 1.14
CA LYS B 73 33.82 28.81 1.44
C LYS B 73 33.19 29.61 0.29
N LYS B 74 33.54 29.25 -0.95
CA LYS B 74 33.00 29.94 -2.12
C LYS B 74 31.50 29.69 -2.27
N LEU B 75 31.06 28.47 -1.97
CA LEU B 75 29.64 28.16 -2.07
C LEU B 75 28.80 29.12 -1.22
N GLN B 76 29.24 29.39 0.00
CA GLN B 76 28.48 30.28 0.87
C GLN B 76 28.48 31.69 0.31
N MET B 77 29.66 32.18 -0.09
CA MET B 77 29.75 33.49 -0.72
C MET B 77 28.76 33.61 -1.88
N LEU B 78 28.76 32.63 -2.79
CA LEU B 78 27.86 32.63 -3.93
C LEU B 78 26.41 32.73 -3.48
N HIS B 79 26.02 31.94 -2.49
CA HIS B 79 24.62 31.99 -2.07
C HIS B 79 24.27 33.27 -1.33
N CYS B 80 25.24 34.11 -1.02
CA CYS B 80 24.95 35.38 -0.38
C CYS B 80 24.81 36.53 -1.37
N GLU B 81 24.73 36.25 -2.67
CA GLU B 81 24.45 37.29 -3.67
C GLU B 81 23.26 36.92 -4.56
N LEU B 85 25.02 31.45 -10.58
CA LEU B 85 26.29 30.74 -10.67
C LEU B 85 26.78 30.64 -12.11
N THR B 86 28.10 30.66 -12.29
CA THR B 86 28.64 30.41 -13.63
C THR B 86 28.75 28.92 -13.88
N ALA B 87 28.94 28.55 -15.15
CA ALA B 87 29.09 27.15 -15.51
C ALA B 87 30.36 26.56 -14.94
N ASP B 88 31.44 27.35 -14.87
CA ASP B 88 32.63 26.84 -14.20
C ASP B 88 32.39 26.66 -12.70
N ASP B 89 31.66 27.59 -12.08
CA ASP B 89 31.35 27.45 -10.65
C ASP B 89 30.48 26.22 -10.39
N GLU B 90 29.54 25.92 -11.28
CA GLU B 90 28.70 24.74 -11.11
C GLU B 90 29.52 23.47 -11.16
N LEU B 91 30.39 23.34 -12.17
CA LEU B 91 31.23 22.14 -12.28
C LEU B 91 32.09 21.97 -11.04
N LEU B 92 32.65 23.07 -10.54
CA LEU B 92 33.49 23.01 -9.34
C LEU B 92 32.70 22.50 -8.13
N MET B 93 31.50 23.05 -7.90
CA MET B 93 30.66 22.58 -6.81
C MET B 93 30.26 21.12 -7.01
N ASP B 94 29.86 20.76 -8.23
CA ASP B 94 29.56 19.36 -8.52
C ASP B 94 30.76 18.45 -8.23
N SER B 95 31.97 18.91 -8.52
CA SER B 95 33.12 18.06 -8.27
C SER B 95 33.37 17.79 -6.80
N PHE B 96 32.72 18.52 -5.89
CA PHE B 96 32.85 18.23 -4.47
C PHE B 96 31.56 17.67 -3.88
N SER B 97 30.63 17.26 -4.73
CA SER B 97 29.30 16.81 -4.32
CA SER B 97 29.30 16.82 -4.33
C SER B 97 28.55 17.88 -3.53
N LEU B 98 28.79 19.16 -3.84
CA LEU B 98 28.05 20.24 -3.18
C LEU B 98 26.77 20.54 -3.95
N ASN B 99 25.90 19.54 -3.98
CA ASN B 99 24.67 19.58 -4.75
C ASN B 99 23.70 18.58 -4.15
N TYR B 100 22.48 18.54 -4.71
CA TYR B 100 21.44 17.58 -4.35
C TYR B 100 21.16 17.53 -2.85
N ASP B 101 21.61 16.46 -2.16
CA ASP B 101 21.37 16.32 -0.73
C ASP B 101 22.27 17.20 0.12
N CYS B 102 23.26 17.83 -0.48
CA CYS B 102 24.19 18.71 0.23
C CYS B 102 24.26 20.05 -0.49
N PRO B 103 23.16 20.78 -0.55
CA PRO B 103 23.11 22.00 -1.34
C PRO B 103 23.75 23.18 -0.62
N GLY B 104 23.91 24.26 -1.38
CA GLY B 104 24.35 25.49 -0.77
C GLY B 104 23.19 26.24 -0.13
N PHE B 105 23.55 27.10 0.80
CA PHE B 105 22.61 28.06 1.37
C PHE B 105 23.44 29.16 2.01
N PRO B 106 22.83 30.30 2.36
CA PRO B 106 23.63 31.48 2.72
C PRO B 106 24.57 31.31 3.92
N SER B 107 24.34 30.36 4.83
CA SER B 107 25.23 30.17 5.98
C SER B 107 25.92 28.81 5.96
N VAL B 108 26.07 28.22 4.77
CA VAL B 108 26.44 26.81 4.69
C VAL B 108 27.82 26.58 5.28
N PHE B 109 28.76 27.51 5.08
CA PHE B 109 30.09 27.33 5.64
C PHE B 109 30.09 27.57 7.15
N ASP B 110 29.52 28.71 7.58
CA ASP B 110 29.42 29.01 9.00
C ASP B 110 28.66 27.91 9.74
N TYR B 111 27.62 27.37 9.11
CA TYR B 111 26.83 26.32 9.76
C TYR B 111 27.67 25.07 9.92
N SER B 112 28.38 24.68 8.86
CA SER B 112 29.22 23.49 8.88
C SER B 112 30.37 23.66 9.85
N LEU B 113 31.01 24.84 9.81
CA LEU B 113 32.15 25.11 10.68
C LEU B 113 31.76 25.10 12.15
N ALA B 114 30.56 25.60 12.47
CA ALA B 114 30.14 25.66 13.88
C ALA B 114 30.25 24.30 14.56
N ALA B 115 29.74 23.25 13.90
CA ALA B 115 29.83 21.89 14.46
C ALA B 115 31.27 21.54 14.81
N VAL B 116 32.20 21.92 13.94
CA VAL B 116 33.61 21.64 14.17
C VAL B 116 34.10 22.38 15.40
N GLN B 117 33.81 23.69 15.44
CA GLN B 117 34.11 24.51 16.62
C GLN B 117 33.64 23.86 17.92
N GLY B 118 32.39 23.36 17.92
CA GLY B 118 31.86 22.74 19.12
C GLY B 118 32.59 21.45 19.47
N SER B 119 32.79 20.57 18.49
CA SER B 119 33.37 19.27 18.83
C SER B 119 34.84 19.38 19.16
N LEU B 120 35.54 20.38 18.59
CA LEU B 120 36.94 20.57 18.94
C LEU B 120 37.08 21.12 20.35
N ALA B 121 36.26 22.12 20.70
CA ALA B 121 36.24 22.56 22.09
C ALA B 121 35.89 21.41 23.03
N ALA B 122 34.95 20.56 22.64
CA ALA B 122 34.58 19.45 23.51
C ALA B 122 35.74 18.50 23.71
N ALA B 123 36.43 18.16 22.61
CA ALA B 123 37.66 17.38 22.73
C ALA B 123 38.65 18.05 23.68
N SER B 124 38.84 19.37 23.57
CA SER B 124 39.83 20.03 24.43
C SER B 124 39.42 20.03 25.90
N ALA B 125 38.12 20.07 26.19
CA ALA B 125 37.69 19.99 27.59
C ALA B 125 37.97 18.61 28.19
N LEU B 126 37.92 17.54 27.37
CA LEU B 126 38.27 16.22 27.89
C LEU B 126 39.77 16.12 28.16
N ILE B 127 40.58 16.64 27.23
CA ILE B 127 42.02 16.47 27.32
C ILE B 127 42.56 17.11 28.59
N CYS B 128 42.09 18.32 28.93
CA CYS B 128 42.60 19.03 30.10
C CYS B 128 41.89 18.65 31.39
N ARG B 129 41.02 17.64 31.35
CA ARG B 129 40.34 17.08 32.52
C ARG B 129 39.34 18.04 33.16
N HIS B 130 38.92 19.08 32.43
CA HIS B 130 37.86 19.95 32.94
C HIS B 130 36.54 19.21 33.02
N CYS B 131 36.26 18.34 32.06
CA CYS B 131 35.02 17.57 32.03
C CYS B 131 35.37 16.11 31.88
N GLU B 132 34.58 15.26 32.55
CA GLU B 132 34.72 13.82 32.35
C GLU B 132 33.98 13.36 31.11
N VAL B 133 32.89 14.05 30.77
CA VAL B 133 32.08 13.80 29.59
C VAL B 133 31.69 15.15 29.00
N VAL B 134 31.61 15.23 27.68
CA VAL B 134 31.12 16.44 27.04
C VAL B 134 30.08 16.06 25.99
N ILE B 135 28.98 16.78 25.99
CA ILE B 135 27.89 16.57 25.05
C ILE B 135 27.92 17.69 24.01
N ASN B 136 27.72 17.35 22.74
CA ASN B 136 27.55 18.34 21.69
C ASN B 136 26.40 17.92 20.77
N TRP B 137 25.19 18.37 21.08
CA TRP B 137 24.07 18.01 20.22
C TRP B 137 24.05 18.79 18.91
N GLY B 138 25.06 19.63 18.68
CA GLY B 138 25.23 20.18 17.34
C GLY B 138 26.20 19.43 16.43
N GLY B 139 26.94 18.44 16.93
CA GLY B 139 27.87 17.69 16.11
C GLY B 139 27.33 16.32 15.73
N GLY B 140 28.22 15.53 15.14
CA GLY B 140 27.90 14.15 14.77
C GLY B 140 27.79 13.89 13.28
N TRP B 141 28.32 14.76 12.43
CA TRP B 141 28.10 14.69 10.99
C TRP B 141 29.10 13.71 10.38
N HIS B 142 28.76 12.40 10.48
CA HIS B 142 29.71 11.29 10.25
C HIS B 142 29.94 10.93 8.78
N HIS B 143 29.16 11.44 7.82
CA HIS B 143 29.29 11.02 6.42
C HIS B 143 30.21 11.92 5.58
N ALA B 144 30.64 13.08 6.08
CA ALA B 144 31.47 13.98 5.26
C ALA B 144 32.86 13.42 5.04
N LYS B 145 33.38 13.54 3.81
CA LYS B 145 34.66 12.96 3.45
C LYS B 145 35.71 14.04 3.26
N ARG B 146 36.95 13.59 3.06
CA ARG B 146 38.08 14.50 2.93
C ARG B 146 37.80 15.60 1.92
N SER B 147 37.23 15.24 0.77
CA SER B 147 36.95 16.22 -0.29
C SER B 147 35.55 16.04 -0.85
N GLU B 148 34.57 15.74 0.01
CA GLU B 148 33.25 15.40 -0.51
C GLU B 148 32.20 15.62 0.57
N ALA B 149 31.16 16.37 0.24
CA ALA B 149 30.01 16.46 1.12
C ALA B 149 29.11 15.25 0.91
N SER B 150 28.47 14.80 1.97
CA SER B 150 27.64 13.59 1.84
C SER B 150 26.61 13.57 2.96
N GLY B 151 25.39 13.14 2.62
CA GLY B 151 24.35 12.91 3.61
C GLY B 151 24.04 14.11 4.48
N PHE B 152 24.04 15.30 3.89
CA PHE B 152 23.93 16.61 4.53
C PHE B 152 25.03 16.87 5.55
N CYS B 153 26.16 16.18 5.46
CA CYS B 153 27.34 16.45 6.28
C CYS B 153 28.41 17.11 5.40
N TYR B 154 28.82 18.32 5.77
CA TYR B 154 29.74 19.09 4.93
C TYR B 154 31.17 19.03 5.42
N LEU B 155 31.34 18.90 6.72
CA LEU B 155 32.61 18.94 7.44
C LEU B 155 32.49 17.91 8.53
N ASN B 156 33.48 17.04 8.65
CA ASN B 156 33.39 15.92 9.58
C ASN B 156 33.98 16.35 10.92
N ASP B 157 33.09 16.89 11.78
CA ASP B 157 33.48 17.36 13.11
C ASP B 157 33.99 16.22 13.96
N ILE B 158 33.41 15.04 13.78
CA ILE B 158 33.82 13.83 14.50
C ILE B 158 35.29 13.51 14.23
N VAL B 159 35.64 13.38 12.96
CA VAL B 159 37.03 13.05 12.61
C VAL B 159 37.99 14.06 13.22
N LEU B 160 37.65 15.33 13.14
CA LEU B 160 38.56 16.34 13.64
C LEU B 160 38.65 16.28 15.16
N ALA B 161 37.52 16.08 15.85
CA ALA B 161 37.54 15.90 17.30
C ALA B 161 38.35 14.67 17.70
N ILE B 162 38.24 13.56 16.96
CA ILE B 162 39.04 12.38 17.28
C ILE B 162 40.51 12.66 17.02
N HIS B 163 40.81 13.39 15.94
CA HIS B 163 42.20 13.68 15.63
C HIS B 163 42.87 14.41 16.79
N ARG B 164 42.17 15.37 17.39
CA ARG B 164 42.72 16.09 18.54
C ARG B 164 42.91 15.18 19.73
N LEU B 165 41.95 14.27 19.97
CA LEU B 165 42.05 13.37 21.11
C LEU B 165 43.22 12.40 20.98
N VAL B 166 43.39 11.84 19.79
CA VAL B 166 44.34 10.74 19.63
C VAL B 166 45.77 11.26 19.52
N SER B 167 45.95 12.55 19.24
CA SER B 167 47.27 13.15 19.17
C SER B 167 47.58 14.03 20.37
N SER B 168 46.82 13.88 21.47
CA SER B 168 47.16 14.46 22.76
C SER B 168 48.00 13.45 23.54
N THR B 169 48.31 13.76 24.79
CA THR B 169 49.11 12.86 25.62
C THR B 169 48.94 13.15 27.11
N GLN B 178 49.98 4.21 22.41
CA GLN B 178 49.52 4.19 23.79
C GLN B 178 48.14 4.87 23.94
N THR B 179 47.90 5.96 23.21
CA THR B 179 46.62 6.69 23.27
C THR B 179 45.67 6.13 22.22
N ARG B 180 44.64 5.42 22.67
CA ARG B 180 43.68 4.79 21.77
C ARG B 180 42.30 5.39 22.02
N VAL B 181 41.57 5.65 20.93
CA VAL B 181 40.19 6.16 20.98
C VAL B 181 39.25 5.09 20.42
N LEU B 182 38.12 4.88 21.09
CA LEU B 182 37.06 3.99 20.63
C LEU B 182 35.90 4.85 20.15
N TYR B 183 35.52 4.67 18.89
CA TYR B 183 34.43 5.41 18.29
C TYR B 183 33.25 4.48 18.12
N VAL B 184 32.12 4.89 18.66
CA VAL B 184 30.91 4.06 18.67
C VAL B 184 29.81 4.82 17.98
N ASP B 185 29.26 4.25 16.90
CA ASP B 185 28.34 5.00 16.04
C ASP B 185 26.97 4.31 16.06
N LEU B 186 26.05 4.88 16.84
CA LEU B 186 24.72 4.31 17.07
C LEU B 186 23.67 4.78 16.07
N ASP B 187 24.04 5.69 15.19
CA ASP B 187 23.14 6.23 14.19
C ASP B 187 22.53 5.10 13.38
N LEU B 188 21.32 5.35 12.84
CA LEU B 188 20.71 4.42 11.90
C LEU B 188 21.60 4.14 10.70
N HIS B 189 22.45 5.10 10.31
CA HIS B 189 23.25 4.91 9.13
C HIS B 189 24.69 4.58 9.46
N HIS B 190 25.33 3.87 8.55
CA HIS B 190 26.71 3.46 8.72
C HIS B 190 27.63 4.69 8.83
N GLY B 191 28.47 4.72 9.87
CA GLY B 191 29.39 5.83 10.02
C GLY B 191 30.55 5.83 9.03
N ASP B 192 30.23 6.03 7.75
CA ASP B 192 31.18 5.70 6.69
C ASP B 192 32.35 6.71 6.63
N GLY B 193 32.08 8.00 6.88
CA GLY B 193 33.13 9.00 6.81
C GLY B 193 34.19 8.84 7.90
N VAL B 194 33.76 8.49 9.12
CA VAL B 194 34.70 8.29 10.22
C VAL B 194 35.52 7.03 9.98
N GLU B 195 34.85 5.95 9.57
CA GLU B 195 35.56 4.70 9.29
C GLU B 195 36.65 4.89 8.25
N GLU B 196 36.35 5.65 7.21
CA GLU B 196 37.29 5.83 6.11
C GLU B 196 38.45 6.74 6.51
N ALA B 197 38.22 7.69 7.40
CA ALA B 197 39.30 8.56 7.83
C ALA B 197 40.36 7.81 8.65
N PHE B 198 39.96 6.80 9.40
CA PHE B 198 40.89 6.06 10.26
C PHE B 198 41.09 4.62 9.80
N TRP B 199 40.75 4.33 8.54
CA TRP B 199 40.83 2.97 7.98
C TRP B 199 42.23 2.37 8.11
N TYR B 200 43.27 3.20 8.01
CA TYR B 200 44.66 2.80 8.10
C TYR B 200 45.30 3.08 9.47
N SER B 201 44.52 3.49 10.46
CA SER B 201 45.08 3.86 11.75
CA SER B 201 45.07 3.87 11.76
C SER B 201 44.64 2.86 12.82
N PRO B 202 45.59 2.20 13.50
CA PRO B 202 45.19 1.29 14.60
C PRO B 202 44.74 2.02 15.85
N ARG B 203 45.18 3.24 16.07
CA ARG B 203 44.90 3.90 17.34
C ARG B 203 43.47 4.42 17.47
N VAL B 204 42.70 4.44 16.39
CA VAL B 204 41.28 4.80 16.43
C VAL B 204 40.48 3.59 15.96
N VAL B 205 39.83 2.90 16.89
CA VAL B 205 38.96 1.77 16.54
C VAL B 205 37.53 2.29 16.38
N THR B 206 36.97 2.09 15.19
CA THR B 206 35.62 2.52 14.85
C THR B 206 34.68 1.33 14.91
N PHE B 207 33.50 1.52 15.50
CA PHE B 207 32.47 0.47 15.56
C PHE B 207 31.12 1.07 15.21
N SER B 208 30.44 0.53 14.19
CA SER B 208 29.21 1.14 13.70
C SER B 208 28.10 0.11 13.66
N VAL B 209 26.98 0.38 14.35
CA VAL B 209 25.77 -0.45 14.28
C VAL B 209 24.74 0.31 13.47
N HIS B 210 24.02 -0.40 12.59
CA HIS B 210 23.22 0.39 11.65
C HIS B 210 22.35 -0.54 10.86
N HIS B 211 21.43 0.06 10.10
CA HIS B 211 20.75 -0.69 9.06
C HIS B 211 21.56 -0.67 7.77
N ALA B 212 21.60 -1.82 7.08
CA ALA B 212 22.12 -1.91 5.72
C ALA B 212 21.24 -2.86 4.92
N SER B 213 21.00 -2.51 3.67
CA SER B 213 20.17 -3.24 2.72
C SER B 213 20.40 -2.60 1.34
N PRO B 214 20.08 -3.32 0.26
CA PRO B 214 20.41 -2.81 -1.09
C PRO B 214 19.66 -1.53 -1.43
N GLY B 215 20.42 -0.49 -1.77
CA GLY B 215 19.86 0.80 -2.10
C GLY B 215 19.77 1.79 -0.93
N PHE B 216 20.10 1.35 0.29
CA PHE B 216 19.92 2.17 1.48
C PHE B 216 21.20 2.95 1.72
N PHE B 217 21.09 4.27 1.85
CA PHE B 217 22.25 5.13 2.14
C PHE B 217 22.96 4.71 3.42
N PRO B 218 24.31 4.68 3.40
CA PRO B 218 25.17 5.04 2.25
C PRO B 218 25.74 3.82 1.51
N GLY B 219 25.31 2.60 1.90
CA GLY B 219 25.65 1.41 1.16
C GLY B 219 26.74 0.55 1.77
N THR B 220 27.62 1.14 2.59
CA THR B 220 28.74 0.43 3.18
C THR B 220 28.35 -0.17 4.54
N GLY B 221 29.33 -0.73 5.24
CA GLY B 221 29.12 -1.32 6.55
C GLY B 221 28.52 -2.70 6.55
N THR B 222 28.66 -3.45 5.45
CA THR B 222 28.02 -4.77 5.30
C THR B 222 28.88 -5.68 4.41
N TRP B 223 28.32 -6.78 3.95
CA TRP B 223 29.08 -7.69 3.07
C TRP B 223 28.28 -8.43 2.00
N ILE B 233 32.90 -11.42 2.68
CA ILE B 233 33.59 -11.05 3.90
C ILE B 233 33.37 -9.59 4.23
N PHE B 234 33.67 -9.20 5.47
CA PHE B 234 33.70 -7.81 5.87
C PHE B 234 35.10 -7.23 5.67
N LEU B 235 35.21 -6.14 4.91
CA LEU B 235 36.42 -5.35 5.00
C LEU B 235 36.45 -4.68 6.38
N ASN B 236 37.66 -4.49 6.95
CA ASN B 236 37.76 -4.06 8.36
C ASN B 236 39.03 -3.24 8.64
N GLY B 237 39.52 -2.50 7.66
CA GLY B 237 40.75 -1.75 7.79
C GLY B 237 41.84 -2.30 6.87
N ALA B 238 42.89 -1.51 6.74
CA ALA B 238 44.00 -1.90 5.87
C ALA B 238 45.31 -1.44 6.48
N GLY B 239 46.38 -2.14 6.11
CA GLY B 239 47.71 -1.78 6.59
C GLY B 239 47.83 -1.92 8.09
N ARG B 240 48.40 -0.89 8.74
CA ARG B 240 48.45 -0.89 10.20
C ARG B 240 47.06 -0.83 10.83
N GLY B 241 46.04 -0.42 10.08
CA GLY B 241 44.68 -0.40 10.57
C GLY B 241 43.86 -1.63 10.26
N ARG B 242 44.48 -2.72 9.82
CA ARG B 242 43.74 -3.96 9.61
CA ARG B 242 43.75 -3.96 9.61
C ARG B 242 43.09 -4.41 10.91
N PHE B 243 41.86 -4.93 10.80
CA PHE B 243 41.05 -5.43 11.91
C PHE B 243 40.55 -4.32 12.85
N SER B 244 40.70 -3.04 12.47
CA SER B 244 40.40 -1.89 13.34
C SER B 244 39.08 -1.15 13.03
N ALA B 245 38.35 -1.55 11.98
CA ALA B 245 37.04 -0.99 11.64
C ALA B 245 35.99 -2.10 11.81
N PHE B 246 35.02 -1.87 12.70
CA PHE B 246 34.02 -2.88 13.00
C PHE B 246 32.63 -2.42 12.55
N ASN B 247 31.81 -3.39 12.17
CA ASN B 247 30.49 -3.12 11.62
C ASN B 247 29.53 -4.21 12.06
N LEU B 248 28.36 -3.80 12.53
CA LEU B 248 27.27 -4.74 12.80
C LEU B 248 26.05 -4.25 12.07
N PRO B 249 25.81 -4.75 10.85
CA PRO B 249 24.59 -4.36 10.13
C PRO B 249 23.40 -5.21 10.53
N LEU B 250 22.25 -4.59 10.88
CA LEU B 250 21.06 -5.32 11.35
C LEU B 250 19.88 -5.07 10.42
N GLU B 251 18.91 -5.99 10.43
CA GLU B 251 17.76 -5.85 9.53
C GLU B 251 16.74 -4.87 10.11
N GLU B 252 15.84 -4.39 9.25
CA GLU B 252 14.86 -3.45 9.76
C GLU B 252 13.94 -4.12 10.78
N GLY B 253 13.36 -3.29 11.64
CA GLY B 253 12.34 -3.72 12.58
C GLY B 253 12.82 -4.01 13.98
N ILE B 254 14.11 -3.84 14.26
CA ILE B 254 14.67 -4.29 15.55
C ILE B 254 14.18 -3.41 16.69
N ASN B 255 13.95 -4.02 17.87
CA ASN B 255 13.44 -3.29 19.02
C ASN B 255 14.57 -3.00 20.02
N ASP B 256 14.23 -2.27 21.09
CA ASP B 256 15.21 -1.89 22.11
C ASP B 256 15.98 -3.11 22.64
N LEU B 257 15.24 -4.18 22.97
CA LEU B 257 15.87 -5.29 23.70
C LEU B 257 16.85 -6.05 22.81
N ASP B 258 16.44 -6.35 21.58
CA ASP B 258 17.31 -7.08 20.69
C ASP B 258 18.51 -6.22 20.27
N TRP B 259 18.29 -4.94 19.99
CA TRP B 259 19.40 -4.03 19.68
C TRP B 259 20.37 -3.96 20.85
N SER B 260 19.85 -3.87 22.07
CA SER B 260 20.66 -3.90 23.30
C SER B 260 21.46 -5.19 23.41
N ASN B 261 20.78 -6.33 23.33
CA ASN B 261 21.51 -7.60 23.37
C ASN B 261 22.53 -7.69 22.23
N ALA B 262 22.23 -7.05 21.10
CA ALA B 262 23.12 -7.13 19.94
C ALA B 262 24.45 -6.44 20.22
N ILE B 263 24.43 -5.23 20.78
CA ILE B 263 25.64 -4.45 20.89
C ILE B 263 26.27 -4.45 22.28
N GLY B 264 25.52 -4.76 23.33
CA GLY B 264 26.05 -4.74 24.67
C GLY B 264 27.33 -5.54 24.87
N PRO B 265 27.32 -6.83 24.52
CA PRO B 265 28.54 -7.63 24.69
C PRO B 265 29.69 -7.19 23.81
N ILE B 266 29.41 -6.69 22.61
CA ILE B 266 30.46 -6.22 21.72
C ILE B 266 31.14 -5.00 22.33
N LEU B 267 30.34 -4.05 22.82
CA LEU B 267 30.86 -2.85 23.49
C LEU B 267 31.77 -3.20 24.66
N ASP B 268 31.30 -4.08 25.54
CA ASP B 268 32.06 -4.50 26.71
C ASP B 268 33.35 -5.20 26.31
N SER B 269 33.29 -5.99 25.22
CA SER B 269 34.49 -6.70 24.77
C SER B 269 35.46 -5.73 24.11
N LEU B 270 34.94 -4.74 23.36
CA LEU B 270 35.82 -3.72 22.80
C LEU B 270 36.55 -2.98 23.92
N ASN B 271 35.84 -2.66 25.00
CA ASN B 271 36.49 -1.93 26.09
C ASN B 271 37.57 -2.77 26.75
N ILE B 272 37.28 -4.04 27.03
CA ILE B 272 38.26 -4.91 27.69
C ILE B 272 39.52 -5.00 26.85
N VAL B 273 39.38 -5.30 25.57
CA VAL B 273 40.56 -5.55 24.74
C VAL B 273 41.26 -4.25 24.37
N ILE B 274 40.51 -3.25 23.92
CA ILE B 274 41.18 -2.06 23.40
C ILE B 274 41.72 -1.18 24.53
N GLN B 275 41.03 -1.09 25.66
CA GLN B 275 41.38 -0.17 26.73
C GLN B 275 41.56 1.26 26.24
N PRO B 276 40.57 1.81 25.51
CA PRO B 276 40.71 3.16 24.97
C PRO B 276 40.87 4.24 26.05
N SER B 277 41.58 5.32 25.70
CA SER B 277 41.75 6.44 26.64
C SER B 277 40.61 7.42 26.57
N TYR B 278 39.86 7.40 25.46
CA TYR B 278 38.67 8.19 25.23
C TYR B 278 37.71 7.36 24.41
N VAL B 279 36.42 7.57 24.67
CA VAL B 279 35.36 7.01 23.83
C VAL B 279 34.64 8.18 23.18
N VAL B 280 34.35 8.07 21.89
CA VAL B 280 33.55 9.07 21.19
C VAL B 280 32.29 8.38 20.69
N VAL B 281 31.13 8.87 21.10
CA VAL B 281 29.85 8.22 20.75
C VAL B 281 29.05 9.15 19.87
N GLN B 282 28.67 8.67 18.68
CA GLN B 282 27.72 9.40 17.84
C GLN B 282 26.33 8.83 18.15
N CYS B 283 25.40 9.72 18.54
CA CYS B 283 24.12 9.26 19.11
CA CYS B 283 24.12 9.30 19.11
C CYS B 283 22.96 9.73 18.23
N GLY B 284 23.08 9.54 16.93
CA GLY B 284 22.02 9.85 15.98
C GLY B 284 20.70 9.20 16.35
N ALA B 285 19.65 10.00 16.37
CA ALA B 285 18.36 9.59 16.92
C ALA B 285 17.43 8.95 15.90
N ASP B 286 17.90 8.69 14.70
CA ASP B 286 17.01 8.18 13.65
C ASP B 286 16.70 6.68 13.78
N CYS B 287 17.16 6.00 14.83
CA CYS B 287 16.69 4.65 15.11
C CYS B 287 15.38 4.62 15.86
N LEU B 288 14.87 5.77 16.30
CA LEU B 288 13.61 5.77 17.03
C LEU B 288 12.50 5.26 16.14
N ALA B 289 11.55 4.53 16.75
CA ALA B 289 10.42 3.97 16.01
C ALA B 289 9.57 5.05 15.36
N THR B 290 9.56 6.24 15.91
CA THR B 290 8.78 7.34 15.39
C THR B 290 9.58 8.23 14.45
N ASP B 291 10.85 7.91 14.21
CA ASP B 291 11.55 8.65 13.13
C ASP B 291 10.79 8.50 11.82
N PRO B 292 10.77 9.54 10.95
CA PRO B 292 10.11 9.36 9.65
C PRO B 292 10.77 8.28 8.81
N MET B 293 12.06 8.01 9.00
CA MET B 293 12.72 6.88 8.33
C MET B 293 11.92 5.59 8.52
N ARG B 294 11.47 5.34 9.75
CA ARG B 294 10.70 4.15 10.10
C ARG B 294 11.46 2.87 9.70
N ILE B 295 12.57 2.64 10.39
CA ILE B 295 13.41 1.49 10.08
C ILE B 295 13.60 0.65 11.34
N PHE B 296 14.26 1.20 12.35
CA PHE B 296 14.32 0.52 13.65
C PHE B 296 13.14 0.99 14.53
N ARG B 297 12.94 0.28 15.65
CA ARG B 297 11.85 0.57 16.57
C ARG B 297 12.36 0.79 17.98
N LEU B 298 13.43 1.56 18.12
CA LEU B 298 13.91 1.92 19.45
C LEU B 298 12.97 2.96 20.06
N THR B 299 13.09 3.17 21.37
CA THR B 299 12.30 4.15 22.10
C THR B 299 13.23 5.03 22.94
N ASN B 300 12.65 5.98 23.68
CA ASN B 300 13.35 6.70 24.75
C ASN B 300 12.87 6.31 26.15
N PHE B 301 12.28 5.11 26.30
CA PHE B 301 11.63 4.74 27.57
C PHE B 301 12.67 4.46 28.64
N TYR B 302 12.34 4.81 29.88
CA TYR B 302 13.25 4.65 31.01
C TYR B 302 12.42 4.25 32.23
N PRO B 303 12.32 2.95 32.52
CA PRO B 303 11.53 2.40 33.64
C PRO B 303 12.13 2.75 34.99
N LEU B 317 13.10 -0.74 28.21
CA LEU B 317 14.17 0.22 28.33
C LEU B 317 14.76 0.62 26.98
N SER B 318 14.93 1.93 26.79
CA SER B 318 15.56 2.46 25.58
C SER B 318 16.92 1.84 25.30
N GLY B 319 17.08 1.29 24.10
CA GLY B 319 18.37 0.77 23.71
C GLY B 319 19.45 1.83 23.74
N TYR B 320 19.13 3.04 23.30
CA TYR B 320 20.07 4.16 23.41
C TYR B 320 20.58 4.36 24.83
N LEU B 321 19.66 4.45 25.80
CA LEU B 321 20.09 4.71 27.17
C LEU B 321 20.82 3.49 27.76
N TYR B 322 20.41 2.29 27.37
CA TYR B 322 21.15 1.10 27.78
C TYR B 322 22.61 1.21 27.33
N ALA B 323 22.81 1.49 26.05
CA ALA B 323 24.19 1.51 25.56
C ALA B 323 24.94 2.70 26.11
N ILE B 324 24.27 3.85 26.33
CA ILE B 324 25.00 4.99 26.88
C ILE B 324 25.37 4.72 28.33
N LYS B 325 24.44 4.15 29.10
CA LYS B 325 24.75 3.81 30.48
C LYS B 325 25.91 2.82 30.56
N LYS B 326 25.95 1.83 29.66
CA LYS B 326 27.04 0.85 29.67
C LYS B 326 28.37 1.52 29.34
N ILE B 327 28.40 2.39 28.33
CA ILE B 327 29.64 3.07 27.97
C ILE B 327 30.16 3.89 29.16
N LEU B 328 29.27 4.65 29.80
CA LEU B 328 29.71 5.51 30.88
C LEU B 328 30.15 4.72 32.12
N SER B 329 29.66 3.48 32.28
CA SER B 329 30.12 2.65 33.39
C SER B 329 31.61 2.33 33.29
N TRP B 330 32.20 2.37 32.08
CA TRP B 330 33.63 2.13 31.95
C TRP B 330 34.48 3.24 32.58
N LYS B 331 33.88 4.38 32.93
CA LYS B 331 34.60 5.49 33.54
C LYS B 331 35.77 5.96 32.67
N VAL B 332 35.54 6.03 31.36
CA VAL B 332 36.51 6.56 30.40
C VAL B 332 36.02 7.93 29.93
N PRO B 333 36.88 8.94 29.85
CA PRO B 333 36.47 10.23 29.29
C PRO B 333 35.82 10.05 27.93
N THR B 334 34.66 10.68 27.75
CA THR B 334 33.77 10.36 26.64
C THR B 334 33.18 11.65 26.04
N LEU B 335 33.14 11.70 24.71
CA LEU B 335 32.43 12.73 23.97
C LEU B 335 31.14 12.13 23.44
N ILE B 336 30.00 12.80 23.66
CA ILE B 336 28.72 12.33 23.16
C ILE B 336 28.20 13.35 22.14
N LEU B 337 27.99 12.90 20.91
CA LEU B 337 27.59 13.75 19.80
C LEU B 337 26.20 13.38 19.31
N GLY B 338 25.62 14.29 18.54
CA GLY B 338 24.32 14.05 17.94
C GLY B 338 24.45 13.35 16.62
N GLY B 339 23.67 13.79 15.65
CA GLY B 339 23.68 13.20 14.31
C GLY B 339 22.29 13.25 13.70
N GLY B 340 21.90 12.16 13.06
CA GLY B 340 20.59 12.09 12.42
C GLY B 340 19.45 12.14 13.41
N GLY B 341 18.25 12.33 12.88
CA GLY B 341 17.05 12.42 13.68
C GLY B 341 16.09 13.48 13.15
N TYR B 342 15.02 13.07 12.47
CA TYR B 342 14.26 14.01 11.66
C TYR B 342 12.83 14.22 12.14
N ASN B 343 12.41 13.54 13.20
CA ASN B 343 11.29 13.94 14.04
C ASN B 343 11.94 14.81 15.13
N PHE B 344 11.86 16.16 14.98
CA PHE B 344 12.60 17.02 15.92
C PHE B 344 12.14 16.86 17.37
N PRO B 345 10.84 16.92 17.70
CA PRO B 345 10.44 16.78 19.11
C PRO B 345 10.83 15.44 19.71
N ASP B 346 10.79 14.36 18.94
CA ASP B 346 11.16 13.06 19.51
C ASP B 346 12.68 12.95 19.67
N THR B 347 13.43 13.58 18.75
CA THR B 347 14.87 13.70 18.95
C THR B 347 15.17 14.42 20.26
N ALA B 348 14.54 15.58 20.46
CA ALA B 348 14.69 16.31 21.73
C ALA B 348 14.33 15.42 22.93
N ARG B 349 13.20 14.72 22.83
CA ARG B 349 12.80 13.77 23.89
C ARG B 349 13.90 12.77 24.24
N LEU B 350 14.55 12.17 23.21
CA LEU B 350 15.61 11.18 23.47
C LEU B 350 16.85 11.84 24.05
N TRP B 351 17.31 12.93 23.42
CA TRP B 351 18.55 13.56 23.83
C TRP B 351 18.46 14.21 25.21
N THR B 352 17.26 14.58 25.62
CA THR B 352 17.08 15.09 26.97
C THR B 352 17.23 13.96 27.99
N ARG B 353 16.72 12.76 27.67
CA ARG B 353 16.92 11.62 28.56
C ARG B 353 18.39 11.19 28.61
N VAL B 354 19.09 11.16 27.46
CA VAL B 354 20.52 10.84 27.48
C VAL B 354 21.28 11.86 28.31
N THR B 355 20.91 13.15 28.17
CA THR B 355 21.55 14.19 28.98
C THR B 355 21.33 13.94 30.47
N ALA B 356 20.09 13.70 30.88
CA ALA B 356 19.83 13.42 32.28
C ALA B 356 20.55 12.16 32.74
N LEU B 357 20.51 11.10 31.94
CA LEU B 357 21.19 9.85 32.30
C LEU B 357 22.67 10.09 32.55
N THR B 358 23.28 10.92 31.71
CA THR B 358 24.72 11.18 31.82
C THR B 358 25.04 11.92 33.12
N ILE B 359 24.23 12.92 33.48
CA ILE B 359 24.39 13.57 34.79
C ILE B 359 24.35 12.53 35.89
N GLU B 360 23.37 11.63 35.83
CA GLU B 360 23.19 10.63 36.89
C GLU B 360 24.42 9.76 37.02
N GLU B 361 24.91 9.24 35.89
CA GLU B 361 25.97 8.25 35.95
C GLU B 361 27.30 8.89 36.33
N VAL B 362 27.54 10.12 35.91
CA VAL B 362 28.85 10.72 36.11
C VAL B 362 28.92 11.41 37.47
N LYS B 363 27.89 12.17 37.82
CA LYS B 363 27.84 12.87 39.10
C LYS B 363 27.26 12.02 40.22
N GLY B 364 26.58 10.91 39.92
CA GLY B 364 25.94 10.15 40.97
C GLY B 364 24.72 10.82 41.56
N LYS B 365 24.16 11.79 40.85
CA LYS B 365 23.08 12.64 41.34
C LYS B 365 21.79 12.30 40.60
N LYS B 366 20.72 12.04 41.35
CA LYS B 366 19.49 11.53 40.76
C LYS B 366 18.77 12.61 39.98
N MET B 367 18.48 12.33 38.70
CA MET B 367 17.74 13.27 37.87
C MET B 367 16.39 12.64 37.55
N THR B 368 15.32 13.13 38.17
CA THR B 368 13.99 12.65 37.83
C THR B 368 13.32 13.65 36.92
N ILE B 369 12.66 13.14 35.90
CA ILE B 369 12.14 13.92 34.78
C ILE B 369 10.62 13.72 34.75
N SER B 370 9.87 14.80 34.89
CA SER B 370 8.42 14.68 34.90
C SER B 370 7.93 14.08 33.58
N PRO B 371 6.95 13.18 33.61
CA PRO B 371 6.43 12.66 32.34
C PRO B 371 5.75 13.71 31.48
N GLU B 372 5.32 14.83 32.09
CA GLU B 372 4.74 15.94 31.35
C GLU B 372 5.84 16.91 30.93
N ILE B 373 5.82 17.31 29.66
CA ILE B 373 6.74 18.32 29.15
C ILE B 373 6.55 19.62 29.93
N PRO B 374 7.61 20.26 30.42
CA PRO B 374 7.42 21.52 31.14
C PRO B 374 7.08 22.65 30.18
N GLU B 375 6.41 23.66 30.76
CA GLU B 375 6.23 24.95 30.11
C GLU B 375 7.54 25.48 29.57
N HIS B 376 7.56 25.80 28.29
CA HIS B 376 8.65 26.55 27.66
C HIS B 376 8.16 26.96 26.29
N SER B 377 8.96 27.79 25.60
CA SER B 377 8.46 28.41 24.38
C SER B 377 8.24 27.41 23.25
N TYR B 378 8.74 26.17 23.36
CA TYR B 378 8.45 25.16 22.36
C TYR B 378 7.48 24.09 22.87
N PHE B 379 6.77 24.38 23.97
CA PHE B 379 5.79 23.43 24.52
C PHE B 379 4.84 22.90 23.44
N SER B 380 4.30 23.79 22.60
CA SER B 380 3.33 23.40 21.59
C SER B 380 3.87 22.37 20.60
N ARG B 381 5.19 22.23 20.46
CA ARG B 381 5.74 21.29 19.48
C ARG B 381 5.57 19.84 19.92
N TYR B 382 5.27 19.59 21.20
CA TYR B 382 5.22 18.24 21.76
C TYR B 382 3.80 17.71 21.88
N GLY B 383 2.91 18.13 20.99
CA GLY B 383 1.53 17.70 21.01
C GLY B 383 1.30 16.49 20.12
N PRO B 384 0.16 15.81 20.28
CA PRO B 384 -0.99 16.13 21.13
C PRO B 384 -0.87 15.69 22.59
N ASP B 385 0.14 14.87 22.91
CA ASP B 385 0.27 14.27 24.24
C ASP B 385 0.98 15.17 25.25
N PHE B 386 1.94 15.98 24.81
CA PHE B 386 2.78 16.80 25.70
C PHE B 386 3.42 15.95 26.80
N GLU B 387 3.82 14.74 26.43
CA GLU B 387 4.52 13.83 27.32
C GLU B 387 5.91 13.51 26.80
N LEU B 388 6.76 13.05 27.72
CA LEU B 388 8.17 12.83 27.41
C LEU B 388 8.45 11.52 26.66
N ASP B 389 7.82 10.41 27.06
CA ASP B 389 7.92 9.17 26.27
C ASP B 389 7.36 9.36 24.89
N ILE B 390 8.08 8.83 23.88
CA ILE B 390 7.59 8.96 22.52
C ILE B 390 6.28 8.20 22.37
N ASP B 391 5.52 8.59 21.35
CA ASP B 391 4.16 8.09 21.13
C ASP B 391 4.26 6.82 20.27
N TYR B 392 4.59 5.72 20.94
CA TYR B 392 4.81 4.44 20.28
C TYR B 392 4.56 3.33 21.29
N PHE B 393 4.02 2.22 20.77
CA PHE B 393 3.65 1.07 21.58
C PHE B 393 4.40 -0.18 21.11
N PRO B 394 5.52 -0.53 21.76
CA PRO B 394 6.31 -1.68 21.32
C PRO B 394 5.54 -2.99 21.39
N HIS B 395 5.69 -3.80 20.34
CA HIS B 395 4.94 -5.05 20.22
C HIS B 395 5.78 -6.17 19.63
N ASP B 403 16.05 -14.63 13.64
CA ASP B 403 16.57 -13.31 13.33
C ASP B 403 17.80 -12.99 14.19
N SER B 404 18.46 -14.01 14.70
CA SER B 404 19.59 -13.79 15.57
C SER B 404 20.85 -13.49 14.76
N ILE B 405 21.92 -13.12 15.47
CA ILE B 405 23.14 -12.59 14.87
C ILE B 405 24.32 -13.18 15.62
N GLN B 406 24.17 -14.40 16.13
CA GLN B 406 25.27 -15.01 16.88
C GLN B 406 26.49 -15.23 15.98
N LYS B 407 26.31 -15.46 14.67
CA LYS B 407 27.51 -15.55 13.82
C LYS B 407 28.24 -14.21 13.66
N HIS B 408 27.51 -13.10 13.75
CA HIS B 408 28.15 -11.78 13.77
C HIS B 408 28.95 -11.58 15.06
N HIS B 409 28.43 -12.07 16.19
CA HIS B 409 29.19 -12.02 17.43
C HIS B 409 30.49 -12.81 17.32
N ARG B 410 30.43 -14.02 16.73
CA ARG B 410 31.64 -14.81 16.50
C ARG B 410 32.62 -14.07 15.60
N ARG B 411 32.14 -13.61 14.45
CA ARG B 411 32.98 -12.89 13.51
C ARG B 411 33.63 -11.68 14.16
N ILE B 412 32.84 -10.89 14.89
CA ILE B 412 33.37 -9.65 15.49
C ILE B 412 34.41 -9.97 16.54
N LEU B 413 34.17 -10.99 17.37
CA LEU B 413 35.16 -11.38 18.37
C LEU B 413 36.41 -11.94 17.72
N GLU B 414 36.27 -12.73 16.65
CA GLU B 414 37.46 -13.21 15.93
C GLU B 414 38.23 -12.02 15.34
N GLN B 415 37.51 -11.01 14.85
CA GLN B 415 38.20 -9.82 14.39
C GLN B 415 38.96 -9.17 15.54
N LEU B 416 38.34 -9.12 16.72
CA LEU B 416 38.94 -8.45 17.87
C LEU B 416 40.20 -9.18 18.35
N ARG B 417 40.20 -10.51 18.30
CA ARG B 417 41.42 -11.26 18.59
C ARG B 417 42.50 -10.94 17.56
N ASN B 418 42.14 -10.84 16.29
CA ASN B 418 43.11 -10.49 15.26
C ASN B 418 43.65 -9.08 15.46
N TYR B 419 42.80 -8.14 15.90
CA TYR B 419 43.30 -6.80 16.19
C TYR B 419 44.32 -6.82 17.32
N ALA B 420 44.06 -7.60 18.37
CA ALA B 420 44.96 -7.62 19.52
C ALA B 420 46.30 -8.26 19.18
N ASP B 421 46.28 -9.26 18.30
CA ASP B 421 47.52 -9.92 17.89
C ASP B 421 48.39 -9.00 17.04
N LEU B 422 47.82 -8.38 16.01
CA LEU B 422 48.60 -7.48 15.16
C LEU B 422 49.21 -6.32 15.96
N ASN B 423 48.49 -5.82 16.96
CA ASN B 423 48.92 -4.63 17.68
C ASN B 423 49.58 -4.95 19.01
N LYS B 424 49.80 -6.24 19.31
CA LYS B 424 50.58 -6.69 20.47
C LYS B 424 49.90 -6.31 21.79
N LEU B 425 48.57 -6.42 21.83
CA LEU B 425 47.80 -6.16 23.03
C LEU B 425 47.42 -7.48 23.69
N ILE B 426 47.13 -7.41 24.99
CA ILE B 426 46.68 -8.58 25.74
C ILE B 426 45.22 -8.85 25.39
N TYR B 427 44.93 -10.09 24.99
CA TYR B 427 43.59 -10.56 24.71
C TYR B 427 43.17 -11.45 25.88
N ASP B 428 42.35 -10.91 26.78
CA ASP B 428 41.98 -11.62 28.01
C ASP B 428 40.77 -12.52 27.71
N TYR B 429 41.07 -13.69 27.12
CA TYR B 429 40.01 -14.63 26.75
C TYR B 429 39.11 -14.95 27.93
N ASP B 430 39.68 -15.05 29.13
CA ASP B 430 38.90 -15.46 30.30
C ASP B 430 37.87 -14.40 30.66
N GLN B 431 38.22 -13.13 30.57
CA GLN B 431 37.27 -12.07 30.85
C GLN B 431 36.20 -11.99 29.76
N VAL B 432 36.61 -12.09 28.48
CA VAL B 432 35.63 -12.03 27.40
C VAL B 432 34.72 -13.26 27.46
N TYR B 433 35.29 -14.44 27.77
CA TYR B 433 34.44 -15.62 27.98
C TYR B 433 33.41 -15.35 29.07
N GLN B 434 33.88 -14.91 30.24
CA GLN B 434 32.96 -14.69 31.37
C GLN B 434 31.92 -13.64 31.02
N LEU B 435 32.27 -12.70 30.16
CA LEU B 435 31.30 -11.73 29.69
C LEU B 435 30.18 -12.42 28.91
N TYR B 436 30.54 -13.13 27.84
CA TYR B 436 29.53 -13.75 26.99
C TYR B 436 28.81 -14.90 27.70
N ASN B 437 29.43 -15.47 28.74
CA ASN B 437 28.82 -16.57 29.46
C ASN B 437 27.74 -16.12 30.44
N LEU B 438 27.63 -14.82 30.72
CA LEU B 438 26.44 -14.33 31.41
C LEU B 438 25.21 -14.59 30.56
N THR B 439 25.32 -14.39 29.25
CA THR B 439 24.25 -14.64 28.30
C THR B 439 24.08 -16.11 27.96
N GLY B 440 24.98 -16.97 28.42
CA GLY B 440 25.01 -18.35 27.98
C GLY B 440 25.75 -18.59 26.69
N MET B 441 26.52 -17.61 26.22
CA MET B 441 27.15 -17.67 24.91
C MET B 441 28.68 -17.64 24.98
N GLY B 442 29.27 -18.23 26.02
CA GLY B 442 30.74 -18.28 26.10
C GLY B 442 31.40 -18.97 24.93
N SER B 443 30.70 -19.91 24.30
CA SER B 443 31.28 -20.65 23.19
C SER B 443 31.55 -19.80 21.97
N LEU B 444 31.00 -18.59 21.90
CA LEU B 444 31.23 -17.71 20.76
C LEU B 444 32.61 -17.08 20.81
N VAL B 445 33.23 -17.09 21.98
CA VAL B 445 34.52 -16.41 22.20
C VAL B 445 35.65 -17.31 21.72
N PRO B 446 36.53 -16.83 20.84
CA PRO B 446 37.69 -17.63 20.41
C PRO B 446 38.89 -17.42 21.34
N ARG B 447 39.79 -18.40 21.32
CA ARG B 447 40.97 -18.36 22.19
C ARG B 447 42.03 -17.36 21.71
N SER C 3 -38.39 7.89 -33.49
CA SER C 3 -38.51 8.74 -32.32
C SER C 3 -37.73 8.16 -31.13
N VAL C 4 -36.62 8.80 -30.81
CA VAL C 4 -35.86 8.51 -29.59
C VAL C 4 -36.29 9.56 -28.59
N GLY C 5 -36.94 9.11 -27.50
CA GLY C 5 -37.33 10.00 -26.44
C GLY C 5 -36.25 10.12 -25.36
N ILE C 6 -36.27 11.21 -24.60
CA ILE C 6 -35.41 11.34 -23.44
C ILE C 6 -36.19 12.07 -22.36
N VAL C 7 -36.17 11.54 -21.14
CA VAL C 7 -36.96 12.15 -20.06
C VAL C 7 -36.25 13.40 -19.54
N TYR C 8 -36.95 14.53 -19.55
CA TYR C 8 -36.38 15.76 -19.00
C TYR C 8 -37.49 16.77 -18.62
N GLY C 9 -37.11 17.72 -17.77
CA GLY C 9 -37.99 18.84 -17.43
C GLY C 9 -37.34 19.73 -16.38
N ASP C 10 -37.85 20.95 -16.28
CA ASP C 10 -37.28 21.92 -15.34
C ASP C 10 -37.34 21.39 -13.91
N GLN C 11 -38.55 21.14 -13.40
CA GLN C 11 -38.68 20.61 -12.06
C GLN C 11 -37.94 19.29 -11.92
N TYR C 12 -38.11 18.42 -12.92
CA TYR C 12 -37.41 17.13 -12.91
C TYR C 12 -35.93 17.31 -12.64
N ARG C 13 -35.30 18.27 -13.34
CA ARG C 13 -33.87 18.46 -13.15
C ARG C 13 -33.55 18.92 -11.73
N GLN C 14 -34.35 19.85 -11.18
CA GLN C 14 -34.07 20.33 -9.81
C GLN C 14 -34.17 19.19 -8.83
N LEU C 15 -35.16 18.30 -9.01
CA LEU C 15 -35.34 17.18 -8.10
C LEU C 15 -34.24 16.14 -8.25
N CYS C 16 -33.88 15.78 -9.49
CA CYS C 16 -32.83 14.78 -9.68
C CYS C 16 -31.48 15.26 -9.15
N CYS C 17 -31.34 16.57 -8.90
CA CYS C 17 -30.10 17.15 -8.40
C CYS C 17 -30.14 17.50 -6.92
N SER C 18 -31.17 17.05 -6.20
CA SER C 18 -31.42 17.51 -4.83
C SER C 18 -30.92 16.53 -3.77
N SER C 19 -30.28 15.37 -4.16
CA SER C 19 -29.83 14.39 -3.19
C SER C 19 -28.41 14.70 -2.71
N PRO C 20 -28.09 14.31 -1.47
CA PRO C 20 -26.71 14.49 -0.99
C PRO C 20 -25.71 13.61 -1.71
N LYS C 21 -26.09 12.41 -2.16
CA LYS C 21 -25.09 11.51 -2.73
C LYS C 21 -24.82 11.80 -4.21
N PHE C 22 -25.83 12.15 -4.99
CA PHE C 22 -25.63 12.31 -6.42
C PHE C 22 -25.51 13.76 -6.87
N GLY C 23 -25.70 14.72 -5.98
CA GLY C 23 -25.41 16.11 -6.33
C GLY C 23 -26.01 16.52 -7.66
N ASP C 24 -25.19 17.17 -8.49
CA ASP C 24 -25.65 17.71 -9.77
C ASP C 24 -25.37 16.80 -10.96
N ARG C 25 -25.18 15.48 -10.74
CA ARG C 25 -24.74 14.61 -11.82
C ARG C 25 -25.70 14.66 -13.01
N TYR C 26 -27.02 14.61 -12.74
CA TYR C 26 -28.02 14.68 -13.79
C TYR C 26 -27.91 15.97 -14.61
N ALA C 27 -27.50 17.07 -13.97
CA ALA C 27 -27.31 18.34 -14.69
C ALA C 27 -26.13 18.27 -15.64
N LEU C 28 -24.99 17.76 -15.16
CA LEU C 28 -23.82 17.55 -16.03
C LEU C 28 -24.21 16.72 -17.24
N VAL C 29 -24.92 15.63 -16.98
CA VAL C 29 -25.26 14.69 -18.04
C VAL C 29 -26.13 15.37 -19.09
N MET C 30 -27.23 16.00 -18.64
CA MET C 30 -28.18 16.60 -19.58
C MET C 30 -27.59 17.80 -20.28
N ASP C 31 -26.68 18.55 -19.62
CA ASP C 31 -26.08 19.72 -20.25
C ASP C 31 -25.00 19.34 -21.26
N LEU C 32 -24.25 18.28 -21.00
CA LEU C 32 -23.29 17.80 -21.98
C LEU C 32 -23.99 17.31 -23.23
N ILE C 33 -25.09 16.57 -23.05
CA ILE C 33 -25.93 16.17 -24.18
C ILE C 33 -26.47 17.39 -24.91
N ASN C 34 -26.87 18.43 -24.17
CA ASN C 34 -27.27 19.68 -24.80
C ASN C 34 -26.12 20.32 -25.57
N ALA C 35 -24.94 20.41 -24.95
CA ALA C 35 -23.83 21.15 -25.56
C ALA C 35 -23.33 20.48 -26.83
N TYR C 36 -23.43 19.16 -26.90
CA TYR C 36 -23.14 18.46 -28.14
C TYR C 36 -24.31 18.53 -29.14
N LYS C 37 -25.31 19.37 -28.85
CA LYS C 37 -26.44 19.63 -29.76
C LYS C 37 -27.27 18.38 -30.06
N LEU C 38 -27.37 17.46 -29.09
CA LEU C 38 -28.16 16.26 -29.33
C LEU C 38 -29.66 16.46 -29.08
N ILE C 39 -30.02 17.42 -28.21
CA ILE C 39 -31.39 17.68 -27.75
C ILE C 39 -32.38 17.92 -28.88
N PRO C 40 -32.07 18.67 -29.95
CA PRO C 40 -33.02 18.79 -31.07
C PRO C 40 -33.28 17.49 -31.82
N GLU C 41 -32.46 16.44 -31.63
CA GLU C 41 -32.72 15.17 -32.27
C GLU C 41 -33.71 14.32 -31.49
N LEU C 42 -34.01 14.70 -30.25
CA LEU C 42 -34.73 13.86 -29.31
C LEU C 42 -36.06 14.51 -28.96
N SER C 43 -37.02 13.66 -28.66
CA SER C 43 -38.34 14.10 -28.25
C SER C 43 -38.34 14.11 -26.74
N ARG C 44 -38.59 15.27 -26.14
CA ARG C 44 -38.62 15.33 -24.69
CA ARG C 44 -38.63 15.33 -24.67
C ARG C 44 -39.83 14.55 -24.17
N VAL C 45 -39.59 13.63 -23.25
CA VAL C 45 -40.67 12.87 -22.61
C VAL C 45 -40.88 13.48 -21.23
N PRO C 46 -42.02 14.13 -20.97
CA PRO C 46 -42.22 14.76 -19.67
C PRO C 46 -42.50 13.72 -18.60
N PRO C 47 -41.98 13.89 -17.39
CA PRO C 47 -42.32 12.95 -16.30
C PRO C 47 -43.80 12.92 -16.03
N LEU C 48 -44.26 11.77 -15.57
CA LEU C 48 -45.68 11.56 -15.33
C LEU C 48 -46.10 12.30 -14.07
N GLN C 49 -47.30 12.93 -14.12
CA GLN C 49 -47.95 13.48 -12.94
C GLN C 49 -49.34 12.89 -12.78
N TRP C 50 -49.89 13.04 -11.58
CA TRP C 50 -51.15 12.38 -11.25
C TRP C 50 -52.22 13.40 -10.88
N ASP C 51 -53.47 12.92 -10.91
CA ASP C 51 -54.67 13.71 -10.61
C ASP C 51 -54.99 13.80 -9.13
N SER C 52 -54.28 13.08 -8.27
CA SER C 52 -54.59 13.07 -6.84
C SER C 52 -53.43 12.39 -6.12
N PRO C 53 -53.26 12.66 -4.82
CA PRO C 53 -52.35 11.82 -4.01
C PRO C 53 -52.67 10.33 -4.08
N SER C 54 -53.95 9.98 -4.12
CA SER C 54 -54.36 8.58 -4.14
C SER C 54 -53.92 7.88 -5.42
N ARG C 55 -54.01 8.58 -6.56
CA ARG C 55 -53.50 7.99 -7.80
C ARG C 55 -51.99 7.78 -7.71
N MET C 56 -51.25 8.77 -7.21
CA MET C 56 -49.81 8.57 -7.00
C MET C 56 -49.56 7.36 -6.11
N TYR C 57 -50.27 7.30 -4.99
CA TYR C 57 -50.05 6.22 -4.02
C TYR C 57 -50.38 4.86 -4.62
N GLU C 58 -51.48 4.77 -5.36
CA GLU C 58 -51.82 3.56 -6.09
C GLU C 58 -50.67 3.14 -7.01
N ALA C 59 -50.08 4.11 -7.71
CA ALA C 59 -49.03 3.79 -8.68
C ALA C 59 -47.77 3.29 -7.98
N VAL C 60 -47.34 3.96 -6.91
CA VAL C 60 -46.13 3.48 -6.24
C VAL C 60 -46.39 2.17 -5.52
N THR C 61 -47.59 1.97 -4.94
CA THR C 61 -47.83 0.71 -4.25
C THR C 61 -48.21 -0.41 -5.21
N ALA C 62 -48.00 -0.25 -6.52
CA ALA C 62 -48.09 -1.44 -7.38
C ALA C 62 -46.94 -2.40 -7.09
N PHE C 63 -45.81 -1.89 -6.60
CA PHE C 63 -44.71 -2.70 -6.06
C PHE C 63 -44.49 -2.51 -4.56
N HIS C 64 -44.36 -1.28 -4.08
CA HIS C 64 -43.94 -1.03 -2.71
C HIS C 64 -45.10 -1.14 -1.74
N SER C 65 -44.79 -1.52 -0.49
CA SER C 65 -45.83 -1.69 0.52
C SER C 65 -46.34 -0.34 1.00
N THR C 66 -47.62 -0.31 1.37
CA THR C 66 -48.23 0.93 1.87
C THR C 66 -47.43 1.47 3.05
N GLU C 67 -47.01 0.56 3.95
CA GLU C 67 -46.24 0.92 5.14
C GLU C 67 -44.95 1.65 4.78
N TYR C 68 -44.24 1.15 3.75
CA TYR C 68 -42.94 1.71 3.40
C TYR C 68 -43.08 3.08 2.74
N VAL C 69 -44.03 3.21 1.78
CA VAL C 69 -44.32 4.51 1.20
C VAL C 69 -44.73 5.50 2.29
N ASP C 70 -45.55 5.05 3.27
CA ASP C 70 -45.94 5.93 4.38
C ASP C 70 -44.72 6.44 5.14
N ALA C 71 -43.75 5.54 5.41
CA ALA C 71 -42.54 5.91 6.13
C ALA C 71 -41.68 6.88 5.33
N LEU C 72 -41.53 6.61 4.03
CA LEU C 72 -40.74 7.50 3.18
C LEU C 72 -41.33 8.90 3.16
N LYS C 73 -42.67 8.97 3.09
CA LYS C 73 -43.38 10.24 3.20
C LYS C 73 -43.04 10.96 4.52
N LYS C 74 -43.17 10.24 5.63
CA LYS C 74 -42.89 10.81 6.94
C LYS C 74 -41.44 11.24 7.07
N LEU C 75 -40.52 10.45 6.52
CA LEU C 75 -39.11 10.79 6.64
C LEU C 75 -38.83 12.15 6.02
N GLN C 76 -39.44 12.44 4.87
CA GLN C 76 -39.23 13.73 4.24
C GLN C 76 -39.81 14.87 5.10
N MET C 77 -41.02 14.67 5.63
CA MET C 77 -41.60 15.72 6.45
C MET C 77 -40.76 15.98 7.68
N LEU C 78 -40.16 14.93 8.26
CA LEU C 78 -39.30 15.07 9.42
C LEU C 78 -38.09 15.95 9.10
N HIS C 79 -37.43 15.70 7.98
CA HIS C 79 -36.26 16.52 7.67
C HIS C 79 -36.62 17.93 7.23
N CYS C 80 -37.89 18.22 7.03
CA CYS C 80 -38.30 19.57 6.72
C CYS C 80 -38.55 20.43 7.97
N GLU C 81 -38.54 19.82 9.16
CA GLU C 81 -38.62 20.57 10.42
C GLU C 81 -37.45 20.24 11.33
N LEU C 85 -36.18 14.48 16.21
CA LEU C 85 -36.59 13.13 15.83
C LEU C 85 -36.88 12.27 17.06
N THR C 86 -38.11 11.79 17.20
CA THR C 86 -38.47 11.02 18.40
C THR C 86 -38.01 9.57 18.28
N ALA C 87 -37.66 8.99 19.43
CA ALA C 87 -37.11 7.64 19.46
C ALA C 87 -38.01 6.64 18.74
N ASP C 88 -39.32 6.83 18.81
CA ASP C 88 -40.22 5.93 18.09
C ASP C 88 -40.13 6.12 16.58
N ASP C 89 -39.94 7.37 16.14
CA ASP C 89 -39.77 7.61 14.71
C ASP C 89 -38.49 6.97 14.18
N GLU C 90 -37.43 6.99 15.00
CA GLU C 90 -36.17 6.37 14.61
C GLU C 90 -36.35 4.87 14.36
N LEU C 91 -36.97 4.18 15.32
CA LEU C 91 -37.26 2.77 15.16
C LEU C 91 -38.07 2.50 13.89
N LEU C 92 -39.02 3.41 13.59
CA LEU C 92 -39.80 3.26 12.37
C LEU C 92 -38.92 3.38 11.13
N MET C 93 -38.08 4.42 11.09
CA MET C 93 -37.13 4.58 9.98
C MET C 93 -36.12 3.42 9.92
N ASP C 94 -35.59 2.99 11.08
CA ASP C 94 -34.64 1.89 11.05
C ASP C 94 -35.27 0.61 10.50
N SER C 95 -36.57 0.38 10.78
CA SER C 95 -37.19 -0.85 10.31
C SER C 95 -37.29 -0.91 8.78
N PHE C 96 -37.21 0.21 8.07
CA PHE C 96 -37.29 0.20 6.62
C PHE C 96 -35.93 0.44 5.96
N SER C 97 -34.86 0.38 6.76
CA SER C 97 -33.49 0.69 6.32
C SER C 97 -33.36 2.15 5.84
N LEU C 98 -34.19 3.04 6.36
CA LEU C 98 -34.08 4.46 6.01
C LEU C 98 -33.04 5.12 6.90
N ASN C 99 -31.81 4.62 6.79
CA ASN C 99 -30.68 5.08 7.60
C ASN C 99 -29.39 4.72 6.86
N TYR C 100 -28.25 5.04 7.50
CA TYR C 100 -26.89 4.80 7.00
C TYR C 100 -26.74 5.19 5.53
N ASP C 101 -26.82 4.21 4.61
CA ASP C 101 -26.58 4.48 3.19
C ASP C 101 -27.79 5.03 2.46
N CYS C 102 -28.97 5.01 3.08
CA CYS C 102 -30.16 5.63 2.53
C CYS C 102 -30.74 6.55 3.60
N PRO C 103 -29.99 7.59 3.98
CA PRO C 103 -30.48 8.52 4.99
C PRO C 103 -31.60 9.38 4.45
N GLY C 104 -32.23 10.13 5.37
CA GLY C 104 -33.19 11.12 4.97
C GLY C 104 -32.55 12.45 4.62
N PHE C 105 -33.35 13.29 3.97
CA PHE C 105 -32.98 14.66 3.64
C PHE C 105 -34.24 15.37 3.18
N PRO C 106 -34.22 16.73 3.16
CA PRO C 106 -35.49 17.46 2.99
C PRO C 106 -36.33 17.08 1.78
N SER C 107 -35.74 16.57 0.70
CA SER C 107 -36.48 16.22 -0.51
C SER C 107 -36.46 14.73 -0.82
N VAL C 108 -36.22 13.88 0.18
CA VAL C 108 -35.95 12.47 -0.09
C VAL C 108 -37.13 11.80 -0.82
N PHE C 109 -38.37 12.16 -0.47
CA PHE C 109 -39.52 11.55 -1.15
C PHE C 109 -39.75 12.17 -2.52
N ASP C 110 -39.69 13.51 -2.62
CA ASP C 110 -39.81 14.16 -3.93
C ASP C 110 -38.75 13.64 -4.90
N TYR C 111 -37.53 13.48 -4.39
CA TYR C 111 -36.42 12.98 -5.21
C TYR C 111 -36.67 11.56 -5.69
N SER C 112 -37.03 10.66 -4.77
CA SER C 112 -37.23 9.26 -5.13
CA SER C 112 -37.22 9.27 -5.13
C SER C 112 -38.41 9.09 -6.06
N LEU C 113 -39.49 9.86 -5.83
CA LEU C 113 -40.67 9.77 -6.70
C LEU C 113 -40.39 10.29 -8.10
N ALA C 114 -39.53 11.31 -8.24
CA ALA C 114 -39.23 11.83 -9.58
C ALA C 114 -38.74 10.72 -10.49
N ALA C 115 -37.77 9.92 -10.04
CA ALA C 115 -37.32 8.79 -10.85
C ALA C 115 -38.50 7.95 -11.33
N VAL C 116 -39.47 7.71 -10.44
CA VAL C 116 -40.60 6.89 -10.80
C VAL C 116 -41.40 7.57 -11.89
N GLN C 117 -41.71 8.86 -11.68
CA GLN C 117 -42.45 9.64 -12.66
C GLN C 117 -41.79 9.60 -14.03
N GLY C 118 -40.46 9.71 -14.07
CA GLY C 118 -39.77 9.67 -15.36
C GLY C 118 -39.85 8.31 -16.03
N SER C 119 -39.59 7.25 -15.26
CA SER C 119 -39.54 5.93 -15.89
C SER C 119 -40.94 5.44 -16.28
N LEU C 120 -41.99 5.83 -15.54
CA LEU C 120 -43.35 5.45 -15.94
C LEU C 120 -43.77 6.18 -17.22
N ALA C 121 -43.41 7.47 -17.34
CA ALA C 121 -43.70 8.19 -18.58
C ALA C 121 -42.95 7.56 -19.75
N ALA C 122 -41.70 7.18 -19.53
CA ALA C 122 -40.92 6.50 -20.58
C ALA C 122 -41.62 5.22 -21.01
N ALA C 123 -42.01 4.38 -20.04
CA ALA C 123 -42.81 3.22 -20.36
C ALA C 123 -44.03 3.59 -21.22
N SER C 124 -44.76 4.63 -20.83
CA SER C 124 -45.99 4.96 -21.53
C SER C 124 -45.75 5.43 -22.97
N ALA C 125 -44.66 6.15 -23.21
CA ALA C 125 -44.30 6.56 -24.57
C ALA C 125 -43.93 5.37 -25.46
N LEU C 126 -43.38 4.31 -24.85
CA LEU C 126 -43.11 3.09 -25.62
C LEU C 126 -44.42 2.38 -25.96
N ILE C 127 -45.32 2.26 -24.97
CA ILE C 127 -46.57 1.53 -25.16
C ILE C 127 -47.37 2.14 -26.32
N CYS C 128 -47.56 3.46 -26.32
CA CYS C 128 -48.37 4.05 -27.37
C CYS C 128 -47.62 4.24 -28.69
N ARG C 129 -46.41 3.69 -28.80
CA ARG C 129 -45.57 3.76 -30.01
C ARG C 129 -45.17 5.20 -30.37
N HIS C 130 -45.23 6.12 -29.42
CA HIS C 130 -44.72 7.46 -29.68
C HIS C 130 -43.21 7.46 -29.86
N CYS C 131 -42.50 6.61 -29.11
CA CYS C 131 -41.06 6.50 -29.19
C CYS C 131 -40.68 5.06 -29.41
N GLU C 132 -39.65 4.84 -30.24
CA GLU C 132 -39.09 3.51 -30.39
C GLU C 132 -38.20 3.16 -29.21
N VAL C 133 -37.48 4.16 -28.68
CA VAL C 133 -36.56 4.05 -27.55
C VAL C 133 -36.78 5.27 -26.67
N VAL C 134 -36.72 5.08 -25.35
CA VAL C 134 -36.74 6.20 -24.42
C VAL C 134 -35.56 6.07 -23.44
N ILE C 135 -34.92 7.21 -23.19
CA ILE C 135 -33.77 7.33 -22.30
C ILE C 135 -34.24 8.07 -21.05
N ASN C 136 -33.87 7.57 -19.87
CA ASN C 136 -34.14 8.29 -18.61
C ASN C 136 -32.89 8.21 -17.74
N TRP C 137 -32.06 9.23 -17.82
CA TRP C 137 -30.84 9.24 -17.04
C TRP C 137 -31.07 9.63 -15.59
N GLY C 138 -32.30 9.97 -15.20
CA GLY C 138 -32.59 10.10 -13.79
C GLY C 138 -33.16 8.84 -13.15
N GLY C 139 -33.29 7.76 -13.91
CA GLY C 139 -33.81 6.51 -13.42
C GLY C 139 -32.71 5.47 -13.24
N GLY C 140 -33.15 4.28 -12.80
CA GLY C 140 -32.27 3.13 -12.78
C GLY C 140 -31.99 2.58 -11.39
N TRP C 141 -32.83 2.92 -10.42
CA TRP C 141 -32.55 2.63 -9.00
C TRP C 141 -32.93 1.18 -8.67
N HIS C 142 -32.05 0.25 -9.07
CA HIS C 142 -32.37 -1.18 -9.08
C HIS C 142 -32.32 -1.88 -7.72
N HIS C 143 -31.76 -1.29 -6.66
CA HIS C 143 -31.64 -2.04 -5.40
C HIS C 143 -32.83 -1.91 -4.45
N ALA C 144 -33.75 -1.00 -4.71
CA ALA C 144 -34.86 -0.74 -3.78
C ALA C 144 -35.80 -1.93 -3.74
N LYS C 145 -36.17 -2.38 -2.53
CA LYS C 145 -37.07 -3.51 -2.37
C LYS C 145 -38.47 -3.05 -2.00
N ARG C 146 -39.39 -4.02 -2.00
CA ARG C 146 -40.79 -3.74 -1.73
C ARG C 146 -40.99 -2.93 -0.45
N SER C 147 -40.22 -3.24 0.60
CA SER C 147 -40.37 -2.58 1.90
C SER C 147 -39.04 -2.10 2.48
N GLU C 148 -38.06 -1.76 1.62
CA GLU C 148 -36.73 -1.51 2.16
C GLU C 148 -35.90 -0.67 1.18
N ALA C 149 -35.35 0.42 1.67
CA ALA C 149 -34.39 1.20 0.89
C ALA C 149 -33.04 0.49 0.90
N SER C 150 -32.29 0.62 -0.19
CA SER C 150 -31.05 -0.16 -0.29
C SER C 150 -30.11 0.49 -1.29
N GLY C 151 -28.87 0.69 -0.88
CA GLY C 151 -27.84 1.22 -1.75
C GLY C 151 -28.19 2.52 -2.44
N PHE C 152 -28.61 3.48 -1.62
CA PHE C 152 -29.19 4.78 -2.02
C PHE C 152 -30.29 4.67 -3.08
N CYS C 153 -31.06 3.58 -3.05
CA CYS C 153 -32.26 3.42 -3.87
C CYS C 153 -33.48 3.36 -2.95
N TYR C 154 -34.41 4.29 -3.13
CA TYR C 154 -35.56 4.41 -2.24
C TYR C 154 -36.83 3.83 -2.82
N LEU C 155 -37.03 4.00 -4.11
CA LEU C 155 -38.21 3.56 -4.85
C LEU C 155 -37.74 2.91 -6.15
N ASN C 156 -38.23 1.74 -6.46
CA ASN C 156 -37.63 1.03 -7.60
C ASN C 156 -38.38 1.44 -8.87
N ASP C 157 -37.85 2.46 -9.57
CA ASP C 157 -38.52 2.96 -10.76
C ASP C 157 -38.52 1.91 -11.86
N ILE C 158 -37.47 1.08 -11.89
CA ILE C 158 -37.35 0.04 -12.90
C ILE C 158 -38.47 -0.99 -12.76
N VAL C 159 -38.75 -1.41 -11.54
CA VAL C 159 -39.79 -2.41 -11.34
C VAL C 159 -41.14 -1.85 -11.76
N LEU C 160 -41.39 -0.58 -11.45
CA LEU C 160 -42.69 -0.02 -11.76
C LEU C 160 -42.84 0.19 -13.26
N ALA C 161 -41.76 0.66 -13.92
CA ALA C 161 -41.76 0.78 -15.36
C ALA C 161 -42.00 -0.56 -16.04
N ILE C 162 -41.26 -1.60 -15.62
CA ILE C 162 -41.46 -2.92 -16.19
C ILE C 162 -42.88 -3.37 -15.96
N HIS C 163 -43.40 -3.15 -14.75
CA HIS C 163 -44.76 -3.57 -14.46
C HIS C 163 -45.76 -2.92 -15.41
N ARG C 164 -45.56 -1.64 -15.72
CA ARG C 164 -46.45 -0.99 -16.69
C ARG C 164 -46.33 -1.63 -18.06
N LEU C 165 -45.11 -2.03 -18.46
CA LEU C 165 -44.90 -2.61 -19.78
C LEU C 165 -45.56 -3.98 -19.89
N VAL C 166 -45.41 -4.84 -18.87
CA VAL C 166 -45.95 -6.20 -18.98
C VAL C 166 -47.47 -6.23 -18.87
N SER C 167 -48.09 -5.18 -18.33
CA SER C 167 -49.53 -5.08 -18.23
C SER C 167 -50.15 -4.40 -19.45
N SER C 168 -49.37 -4.18 -20.51
CA SER C 168 -49.87 -3.65 -21.75
C SER C 168 -50.22 -4.79 -22.71
N THR C 169 -50.94 -4.45 -23.78
CA THR C 169 -51.42 -5.46 -24.71
C THR C 169 -51.16 -5.07 -26.16
N GLN C 178 -48.27 -13.51 -23.38
CA GLN C 178 -47.55 -13.35 -24.63
C GLN C 178 -46.60 -12.14 -24.58
N THR C 179 -46.98 -11.10 -23.84
CA THR C 179 -46.11 -9.93 -23.67
C THR C 179 -45.01 -10.29 -22.66
N ARG C 180 -43.76 -10.25 -23.13
CA ARG C 180 -42.60 -10.55 -22.30
C ARG C 180 -41.65 -9.36 -22.33
N VAL C 181 -40.99 -9.09 -21.20
CA VAL C 181 -39.97 -8.03 -21.12
C VAL C 181 -38.64 -8.65 -20.75
N LEU C 182 -37.58 -8.27 -21.48
CA LEU C 182 -36.22 -8.63 -21.13
C LEU C 182 -35.52 -7.47 -20.43
N TYR C 183 -35.07 -7.72 -19.19
CA TYR C 183 -34.34 -6.75 -18.37
C TYR C 183 -32.86 -7.07 -18.35
N VAL C 184 -32.04 -6.08 -18.72
CA VAL C 184 -30.61 -6.25 -18.89
C VAL C 184 -29.94 -5.23 -18.01
N ASP C 185 -29.13 -5.69 -17.05
CA ASP C 185 -28.60 -4.80 -16.00
C ASP C 185 -27.08 -4.78 -16.13
N LEU C 186 -26.54 -3.67 -16.64
CA LEU C 186 -25.11 -3.59 -16.95
C LEU C 186 -24.30 -2.95 -15.84
N ASP C 187 -24.98 -2.46 -14.80
CA ASP C 187 -24.35 -1.81 -13.67
C ASP C 187 -23.31 -2.74 -13.07
N LEU C 188 -22.28 -2.14 -12.46
CA LEU C 188 -21.26 -2.90 -11.73
C LEU C 188 -21.87 -3.79 -10.67
N HIS C 189 -23.02 -3.41 -10.12
CA HIS C 189 -23.59 -4.16 -9.02
C HIS C 189 -24.76 -5.02 -9.50
N HIS C 190 -24.93 -6.14 -8.81
CA HIS C 190 -26.06 -7.04 -9.05
C HIS C 190 -27.42 -6.34 -8.94
N GLY C 191 -28.26 -6.51 -9.96
CA GLY C 191 -29.58 -5.91 -9.95
C GLY C 191 -30.58 -6.64 -9.08
N ASP C 192 -30.32 -6.68 -7.78
CA ASP C 192 -31.03 -7.57 -6.86
C ASP C 192 -32.49 -7.17 -6.68
N GLY C 193 -32.79 -5.87 -6.62
CA GLY C 193 -34.16 -5.44 -6.39
C GLY C 193 -35.08 -5.82 -7.54
N VAL C 194 -34.60 -5.66 -8.78
CA VAL C 194 -35.40 -6.05 -9.95
C VAL C 194 -35.53 -7.55 -10.02
N GLU C 195 -34.42 -8.27 -9.83
CA GLU C 195 -34.48 -9.73 -9.84
C GLU C 195 -35.54 -10.25 -8.88
N GLU C 196 -35.54 -9.71 -7.65
CA GLU C 196 -36.40 -10.21 -6.58
C GLU C 196 -37.87 -9.93 -6.87
N ALA C 197 -38.17 -8.76 -7.43
CA ALA C 197 -39.54 -8.37 -7.74
C ALA C 197 -40.23 -9.32 -8.71
N PHE C 198 -39.47 -9.89 -9.66
CA PHE C 198 -40.03 -10.76 -10.67
C PHE C 198 -39.55 -12.20 -10.54
N TRP C 199 -39.01 -12.57 -9.37
CA TRP C 199 -38.50 -13.91 -9.11
C TRP C 199 -39.53 -14.98 -9.45
N TYR C 200 -40.82 -14.69 -9.22
CA TYR C 200 -41.86 -15.67 -9.44
C TYR C 200 -42.62 -15.48 -10.75
N SER C 201 -42.15 -14.62 -11.65
CA SER C 201 -42.91 -14.28 -12.86
C SER C 201 -42.14 -14.65 -14.13
N PRO C 202 -42.66 -15.55 -14.97
CA PRO C 202 -41.95 -15.89 -16.21
C PRO C 202 -41.95 -14.80 -17.27
N ARG C 203 -42.87 -13.84 -17.22
CA ARG C 203 -42.97 -12.85 -18.29
C ARG C 203 -41.91 -11.74 -18.20
N VAL C 204 -41.10 -11.70 -17.16
CA VAL C 204 -40.02 -10.72 -17.04
C VAL C 204 -38.74 -11.49 -16.76
N VAL C 205 -37.90 -11.62 -17.79
CA VAL C 205 -36.61 -12.28 -17.66
C VAL C 205 -35.56 -11.24 -17.30
N THR C 206 -34.89 -11.44 -16.17
CA THR C 206 -33.88 -10.50 -15.68
C THR C 206 -32.49 -11.07 -15.96
N PHE C 207 -31.59 -10.24 -16.47
CA PHE C 207 -30.22 -10.67 -16.71
C PHE C 207 -29.29 -9.60 -16.20
N SER C 208 -28.43 -9.95 -15.24
CA SER C 208 -27.51 -8.97 -14.66
C SER C 208 -26.08 -9.46 -14.77
N VAL C 209 -25.19 -8.61 -15.30
CA VAL C 209 -23.75 -8.86 -15.34
C VAL C 209 -23.12 -7.90 -14.34
N HIS C 210 -22.11 -8.35 -13.58
CA HIS C 210 -21.69 -7.54 -12.44
C HIS C 210 -20.47 -8.15 -11.79
N HIS C 211 -19.84 -7.35 -10.91
CA HIS C 211 -18.85 -7.91 -9.99
C HIS C 211 -19.52 -8.55 -8.77
N ALA C 212 -19.00 -9.71 -8.38
CA ALA C 212 -19.34 -10.33 -7.10
C ALA C 212 -18.06 -10.89 -6.49
N SER C 213 -17.97 -10.82 -5.14
CA SER C 213 -16.86 -11.29 -4.33
C SER C 213 -17.22 -11.10 -2.85
N PRO C 214 -16.59 -11.83 -1.93
CA PRO C 214 -17.03 -11.78 -0.52
C PRO C 214 -16.97 -10.37 0.06
N GLY C 215 -18.12 -9.92 0.59
CA GLY C 215 -18.22 -8.62 1.21
C GLY C 215 -18.57 -7.46 0.28
N PHE C 216 -18.64 -7.70 -1.04
CA PHE C 216 -18.98 -6.64 -2.00
C PHE C 216 -20.48 -6.52 -2.13
N PHE C 217 -21.00 -5.29 -2.06
CA PHE C 217 -22.45 -5.03 -2.17
C PHE C 217 -23.06 -5.46 -3.51
N PRO C 218 -24.26 -6.06 -3.49
CA PRO C 218 -25.07 -6.39 -2.30
C PRO C 218 -24.93 -7.84 -1.87
N GLY C 219 -24.03 -8.60 -2.51
CA GLY C 219 -23.78 -9.97 -2.11
C GLY C 219 -24.45 -11.03 -2.97
N THR C 220 -25.56 -10.69 -3.63
CA THR C 220 -26.29 -11.66 -4.42
C THR C 220 -25.70 -11.72 -5.83
N GLY C 221 -26.32 -12.53 -6.70
CA GLY C 221 -25.91 -12.61 -8.08
C GLY C 221 -24.81 -13.61 -8.35
N THR C 222 -24.61 -14.59 -7.46
CA THR C 222 -23.48 -15.49 -7.58
C THR C 222 -23.84 -16.83 -6.93
N TRP C 223 -22.87 -17.72 -6.82
CA TRP C 223 -23.14 -19.05 -6.27
C TRP C 223 -23.73 -18.99 -4.86
N ILE C 233 -24.30 -23.85 -6.97
CA ILE C 233 -25.47 -23.74 -7.83
C ILE C 233 -26.02 -22.30 -7.81
N PHE C 234 -26.46 -21.80 -8.97
CA PHE C 234 -27.16 -20.51 -9.04
C PHE C 234 -28.65 -20.69 -8.80
N LEU C 235 -29.21 -19.90 -7.87
CA LEU C 235 -30.66 -19.77 -7.84
C LEU C 235 -31.07 -18.95 -9.06
N ASN C 236 -32.27 -19.20 -9.59
CA ASN C 236 -32.63 -18.63 -10.89
C ASN C 236 -34.12 -18.36 -11.02
N GLY C 237 -34.82 -18.13 -9.92
CA GLY C 237 -36.26 -17.93 -9.91
C GLY C 237 -36.97 -19.11 -9.25
N ALA C 238 -38.26 -18.92 -9.02
CA ALA C 238 -39.02 -19.98 -8.35
C ALA C 238 -40.43 -20.04 -8.90
N GLY C 239 -41.07 -21.19 -8.67
CA GLY C 239 -42.44 -21.38 -9.12
C GLY C 239 -42.54 -21.27 -10.63
N ARG C 240 -43.53 -20.52 -11.10
CA ARG C 240 -43.65 -20.25 -12.53
C ARG C 240 -42.46 -19.46 -13.07
N GLY C 241 -41.75 -18.75 -12.21
CA GLY C 241 -40.56 -18.02 -12.62
C GLY C 241 -39.26 -18.79 -12.51
N ARG C 242 -39.30 -20.11 -12.30
CA ARG C 242 -38.05 -20.85 -12.31
C ARG C 242 -37.33 -20.65 -13.65
N PHE C 243 -36.01 -20.57 -13.58
CA PHE C 243 -35.12 -20.39 -14.73
C PHE C 243 -35.20 -18.99 -15.34
N SER C 244 -35.92 -18.03 -14.72
CA SER C 244 -36.18 -16.73 -15.35
C SER C 244 -35.26 -15.60 -14.86
N ALA C 245 -34.45 -15.83 -13.83
CA ALA C 245 -33.50 -14.83 -13.34
C ALA C 245 -32.10 -15.30 -13.70
N PHE C 246 -31.37 -14.47 -14.46
CA PHE C 246 -30.07 -14.85 -15.00
C PHE C 246 -28.99 -13.95 -14.39
N ASN C 247 -27.79 -14.51 -14.21
CA ASN C 247 -26.72 -13.81 -13.52
C ASN C 247 -25.38 -14.20 -14.11
N LEU C 248 -24.52 -13.21 -14.30
CA LEU C 248 -23.14 -13.46 -14.75
C LEU C 248 -22.20 -12.62 -13.90
N PRO C 249 -21.72 -13.15 -12.78
CA PRO C 249 -20.71 -12.44 -12.00
C PRO C 249 -19.32 -12.62 -12.58
N LEU C 250 -18.56 -11.53 -12.63
CA LEU C 250 -17.22 -11.52 -13.22
C LEU C 250 -16.22 -10.99 -12.22
N GLU C 251 -14.97 -11.43 -12.34
CA GLU C 251 -13.95 -10.98 -11.40
C GLU C 251 -13.52 -9.55 -11.74
N GLU C 252 -12.80 -8.93 -10.82
CA GLU C 252 -12.42 -7.55 -11.08
C GLU C 252 -11.35 -7.46 -12.17
N GLY C 253 -11.28 -6.28 -12.78
CA GLY C 253 -10.23 -5.94 -13.72
C GLY C 253 -10.56 -6.16 -15.18
N ILE C 254 -11.79 -6.58 -15.51
CA ILE C 254 -12.13 -6.94 -16.89
C ILE C 254 -12.15 -5.69 -17.77
N ASN C 255 -11.77 -5.86 -19.04
CA ASN C 255 -11.70 -4.74 -19.99
C ASN C 255 -12.90 -4.79 -20.94
N ASP C 256 -12.93 -3.82 -21.87
CA ASP C 256 -14.05 -3.70 -22.81
C ASP C 256 -14.23 -4.97 -23.63
N LEU C 257 -13.14 -5.48 -24.21
CA LEU C 257 -13.25 -6.61 -25.14
C LEU C 257 -13.76 -7.85 -24.43
N ASP C 258 -13.26 -8.11 -23.23
CA ASP C 258 -13.62 -9.33 -22.54
C ASP C 258 -15.02 -9.25 -21.96
N TRP C 259 -15.40 -8.05 -21.46
CA TRP C 259 -16.79 -7.83 -21.06
C TRP C 259 -17.72 -8.00 -22.26
N SER C 260 -17.37 -7.40 -23.39
CA SER C 260 -18.14 -7.50 -24.62
C SER C 260 -18.29 -8.95 -25.08
N ASN C 261 -17.19 -9.71 -25.08
CA ASN C 261 -17.32 -11.11 -25.46
C ASN C 261 -18.06 -11.94 -24.41
N ALA C 262 -18.08 -11.48 -23.17
CA ALA C 262 -18.81 -12.20 -22.12
C ALA C 262 -20.31 -12.13 -22.33
N ILE C 263 -20.85 -10.96 -22.62
CA ILE C 263 -22.30 -10.79 -22.61
C ILE C 263 -22.95 -10.74 -24.01
N GLY C 264 -22.21 -10.37 -25.06
CA GLY C 264 -22.78 -10.34 -26.39
C GLY C 264 -23.52 -11.59 -26.86
N PRO C 265 -22.87 -12.76 -26.74
CA PRO C 265 -23.58 -13.99 -27.11
C PRO C 265 -24.74 -14.33 -26.20
N ILE C 266 -24.63 -14.02 -24.91
CA ILE C 266 -25.75 -14.30 -24.01
C ILE C 266 -26.94 -13.41 -24.36
N LEU C 267 -26.68 -12.13 -24.66
CA LEU C 267 -27.74 -11.19 -25.03
C LEU C 267 -28.46 -11.64 -26.29
N ASP C 268 -27.71 -11.95 -27.35
CA ASP C 268 -28.31 -12.38 -28.61
C ASP C 268 -29.13 -13.66 -28.43
N SER C 269 -28.62 -14.58 -27.62
CA SER C 269 -29.37 -15.81 -27.32
C SER C 269 -30.64 -15.50 -26.53
N LEU C 270 -30.56 -14.59 -25.57
CA LEU C 270 -31.76 -14.21 -24.83
C LEU C 270 -32.83 -13.66 -25.78
N ASN C 271 -32.42 -12.78 -26.70
CA ASN C 271 -33.39 -12.24 -27.65
C ASN C 271 -33.97 -13.34 -28.53
N ILE C 272 -33.14 -14.28 -28.98
CA ILE C 272 -33.62 -15.29 -29.92
C ILE C 272 -34.66 -16.19 -29.27
N VAL C 273 -34.37 -16.67 -28.06
CA VAL C 273 -35.30 -17.57 -27.40
C VAL C 273 -36.50 -16.81 -26.86
N ILE C 274 -36.26 -15.74 -26.10
CA ILE C 274 -37.36 -15.12 -25.37
C ILE C 274 -38.27 -14.33 -26.30
N GLN C 275 -37.74 -13.77 -27.37
CA GLN C 275 -38.47 -12.87 -28.25
C GLN C 275 -39.24 -11.81 -27.43
N PRO C 276 -38.54 -11.04 -26.60
CA PRO C 276 -39.22 -10.04 -25.75
C PRO C 276 -39.94 -8.95 -26.53
N SER C 277 -41.02 -8.45 -25.93
CA SER C 277 -41.78 -7.39 -26.59
C SER C 277 -41.18 -6.01 -26.34
N TYR C 278 -40.44 -5.87 -25.25
CA TYR C 278 -39.74 -4.66 -24.86
C TYR C 278 -38.45 -5.10 -24.17
N VAL C 279 -37.42 -4.28 -24.27
CA VAL C 279 -36.18 -4.49 -23.51
C VAL C 279 -36.01 -3.32 -22.55
N VAL C 280 -35.66 -3.61 -21.30
CA VAL C 280 -35.35 -2.56 -20.34
C VAL C 280 -33.89 -2.70 -19.93
N VAL C 281 -33.09 -1.67 -20.20
CA VAL C 281 -31.64 -1.70 -20.00
C VAL C 281 -31.26 -0.71 -18.91
N GLN C 282 -30.70 -1.21 -17.81
CA GLN C 282 -30.09 -0.33 -16.79
C GLN C 282 -28.61 -0.18 -17.17
N CYS C 283 -28.16 1.07 -17.30
CA CYS C 283 -26.85 1.34 -17.90
C CYS C 283 -25.97 2.14 -16.94
N GLY C 284 -25.98 1.71 -15.67
CA GLY C 284 -25.13 2.31 -14.65
C GLY C 284 -23.67 2.35 -15.05
N ALA C 285 -23.04 3.51 -14.85
CA ALA C 285 -21.73 3.77 -15.41
C ALA C 285 -20.59 3.45 -14.47
N ASP C 286 -20.84 2.69 -13.40
CA ASP C 286 -19.75 2.43 -12.46
C ASP C 286 -18.82 1.29 -12.89
N CYS C 287 -18.97 0.76 -14.10
CA CYS C 287 -17.94 -0.15 -14.59
C CYS C 287 -16.80 0.57 -15.28
N LEU C 288 -16.87 1.89 -15.42
CA LEU C 288 -15.79 2.62 -16.08
C LEU C 288 -14.50 2.48 -15.27
N ALA C 289 -13.38 2.33 -16.00
CA ALA C 289 -12.07 2.21 -15.36
C ALA C 289 -11.75 3.39 -14.46
N THR C 290 -12.35 4.56 -14.69
CA THR C 290 -12.13 5.76 -13.90
C THR C 290 -13.18 5.99 -12.84
N ASP C 291 -14.16 5.11 -12.70
CA ASP C 291 -15.03 5.22 -11.54
C ASP C 291 -14.21 5.10 -10.25
N PRO C 292 -14.57 5.82 -9.18
CA PRO C 292 -13.83 5.66 -7.93
C PRO C 292 -13.93 4.26 -7.35
N MET C 293 -14.98 3.49 -7.69
CA MET C 293 -15.05 2.10 -7.25
C MET C 293 -13.82 1.32 -7.71
N ARG C 294 -13.37 1.56 -8.94
CA ARG C 294 -12.14 0.98 -9.49
C ARG C 294 -12.18 -0.54 -9.47
N ILE C 295 -13.21 -1.11 -10.11
CA ILE C 295 -13.40 -2.55 -10.19
C ILE C 295 -13.24 -3.06 -11.62
N PHE C 296 -14.13 -2.64 -12.53
CA PHE C 296 -13.92 -3.02 -13.93
C PHE C 296 -13.10 -1.92 -14.63
N ARG C 297 -12.69 -2.23 -15.86
CA ARG C 297 -11.85 -1.29 -16.60
C ARG C 297 -12.46 -0.95 -17.95
N LEU C 298 -13.76 -0.63 -17.98
CA LEU C 298 -14.41 -0.31 -19.23
C LEU C 298 -14.14 1.15 -19.60
N THR C 299 -14.41 1.52 -20.85
CA THR C 299 -14.18 2.89 -21.32
C THR C 299 -15.45 3.40 -22.00
N ASN C 300 -15.43 4.67 -22.44
CA ASN C 300 -16.42 5.21 -23.36
C ASN C 300 -15.88 5.37 -24.80
N PHE C 301 -14.82 4.63 -25.17
CA PHE C 301 -14.18 4.86 -26.46
C PHE C 301 -15.05 4.35 -27.60
N TYR C 302 -14.98 5.07 -28.72
CA TYR C 302 -15.79 4.74 -29.90
C TYR C 302 -14.92 5.02 -31.13
N PRO C 303 -14.21 4.00 -31.62
CA PRO C 303 -13.36 4.09 -32.81
C PRO C 303 -14.14 4.25 -34.11
N SER C 316 -10.10 -0.58 -29.52
CA SER C 316 -11.16 -1.21 -28.73
C SER C 316 -12.38 -0.30 -28.58
N LEU C 317 -13.54 -0.92 -28.58
CA LEU C 317 -14.81 -0.25 -28.44
C LEU C 317 -15.27 -0.35 -26.98
N SER C 318 -15.78 0.75 -26.45
CA SER C 318 -16.52 0.72 -25.18
C SER C 318 -17.43 -0.50 -25.05
N GLY C 319 -17.23 -1.27 -23.98
CA GLY C 319 -18.13 -2.41 -23.77
C GLY C 319 -19.58 -1.98 -23.68
N TYR C 320 -19.83 -0.87 -22.98
CA TYR C 320 -21.17 -0.29 -22.94
C TYR C 320 -21.77 -0.06 -24.31
N LEU C 321 -21.07 0.68 -25.18
CA LEU C 321 -21.64 0.99 -26.48
C LEU C 321 -21.77 -0.27 -27.34
N TYR C 322 -20.83 -1.21 -27.22
CA TYR C 322 -20.99 -2.49 -27.89
C TYR C 322 -22.30 -3.15 -27.50
N ALA C 323 -22.63 -3.19 -26.19
CA ALA C 323 -23.85 -3.88 -25.79
C ALA C 323 -25.10 -3.07 -26.14
N ILE C 324 -25.04 -1.75 -26.05
CA ILE C 324 -26.21 -0.95 -26.44
C ILE C 324 -26.48 -1.10 -27.93
N LYS C 325 -25.44 -1.10 -28.76
CA LYS C 325 -25.65 -1.23 -30.19
C LYS C 325 -26.23 -2.61 -30.53
N LYS C 326 -25.77 -3.67 -29.85
CA LYS C 326 -26.36 -4.99 -30.07
C LYS C 326 -27.84 -5.02 -29.72
N ILE C 327 -28.19 -4.50 -28.55
CA ILE C 327 -29.59 -4.51 -28.12
C ILE C 327 -30.47 -3.74 -29.10
N LEU C 328 -29.99 -2.58 -29.54
CA LEU C 328 -30.77 -1.77 -30.47
C LEU C 328 -30.91 -2.44 -31.82
N SER C 329 -29.94 -3.30 -32.19
CA SER C 329 -30.00 -3.99 -33.47
C SER C 329 -31.21 -4.91 -33.56
N TRP C 330 -31.76 -5.33 -32.43
CA TRP C 330 -32.92 -6.22 -32.42
C TRP C 330 -34.20 -5.52 -32.86
N LYS C 331 -34.22 -4.19 -32.89
CA LYS C 331 -35.41 -3.41 -33.27
C LYS C 331 -36.60 -3.73 -32.36
N VAL C 332 -36.34 -3.92 -31.08
CA VAL C 332 -37.37 -4.09 -30.06
C VAL C 332 -37.50 -2.78 -29.30
N PRO C 333 -38.71 -2.27 -29.07
CA PRO C 333 -38.88 -1.05 -28.26
C PRO C 333 -38.15 -1.20 -26.93
N THR C 334 -37.34 -0.19 -26.60
CA THR C 334 -36.36 -0.30 -25.53
C THR C 334 -36.40 0.93 -24.63
N LEU C 335 -36.26 0.70 -23.34
CA LEU C 335 -36.09 1.74 -22.33
C LEU C 335 -34.65 1.68 -21.85
N ILE C 336 -33.94 2.83 -21.86
CA ILE C 336 -32.56 2.93 -21.41
C ILE C 336 -32.50 3.84 -20.19
N LEU C 337 -32.04 3.29 -19.06
CA LEU C 337 -32.01 3.99 -17.77
C LEU C 337 -30.56 4.15 -17.30
N GLY C 338 -30.38 5.07 -16.37
CA GLY C 338 -29.05 5.26 -15.82
C GLY C 338 -28.83 4.37 -14.61
N GLY C 339 -28.33 4.96 -13.52
CA GLY C 339 -28.02 4.20 -12.33
C GLY C 339 -26.73 4.58 -11.63
N GLY C 340 -25.92 3.57 -11.31
CA GLY C 340 -24.65 3.82 -10.68
C GLY C 340 -23.74 4.69 -11.53
N GLY C 341 -22.74 5.28 -10.90
CA GLY C 341 -21.74 6.07 -11.58
C GLY C 341 -21.26 7.25 -10.76
N TYR C 342 -20.07 7.18 -10.15
CA TYR C 342 -19.76 8.13 -9.10
C TYR C 342 -18.66 9.13 -9.48
N ASN C 343 -18.07 8.98 -10.66
CA ASN C 343 -17.27 10.02 -11.34
C ASN C 343 -18.25 10.77 -12.24
N PHE C 344 -18.75 11.92 -11.79
CA PHE C 344 -19.84 12.58 -12.53
C PHE C 344 -19.43 13.00 -13.93
N PRO C 345 -18.30 13.68 -14.15
CA PRO C 345 -17.90 14.03 -15.53
C PRO C 345 -17.72 12.82 -16.45
N ASP C 346 -17.13 11.73 -15.97
CA ASP C 346 -16.97 10.58 -16.83
C ASP C 346 -18.28 9.84 -17.03
N THR C 347 -19.16 9.87 -16.04
CA THR C 347 -20.53 9.36 -16.23
C THR C 347 -21.25 10.13 -17.32
N ALA C 348 -21.21 11.46 -17.26
CA ALA C 348 -21.71 12.26 -18.37
C ALA C 348 -21.01 11.91 -19.69
N ARG C 349 -19.69 11.68 -19.66
CA ARG C 349 -18.98 11.34 -20.90
C ARG C 349 -19.53 10.06 -21.54
N LEU C 350 -19.80 9.03 -20.74
CA LEU C 350 -20.33 7.78 -21.27
C LEU C 350 -21.76 7.95 -21.77
N TRP C 351 -22.64 8.55 -20.94
CA TRP C 351 -24.06 8.62 -21.27
C TRP C 351 -24.33 9.54 -22.43
N THR C 352 -23.39 10.43 -22.71
CA THR C 352 -23.52 11.26 -23.91
C THR C 352 -23.23 10.43 -25.16
N ARG C 353 -22.18 9.60 -25.14
CA ARG C 353 -21.94 8.69 -26.26
C ARG C 353 -23.09 7.70 -26.43
N VAL C 354 -23.63 7.18 -25.32
CA VAL C 354 -24.76 6.25 -25.45
C VAL C 354 -25.95 6.95 -26.07
N THR C 355 -26.15 8.23 -25.73
CA THR C 355 -27.25 8.97 -26.31
C THR C 355 -27.05 9.20 -27.81
N ALA C 356 -25.84 9.59 -28.21
CA ALA C 356 -25.55 9.77 -29.62
C ALA C 356 -25.72 8.47 -30.40
N LEU C 357 -25.21 7.36 -29.85
CA LEU C 357 -25.32 6.07 -30.55
C LEU C 357 -26.78 5.70 -30.76
N THR C 358 -27.62 6.02 -29.79
CA THR C 358 -29.02 5.62 -29.88
C THR C 358 -29.72 6.42 -30.97
N ILE C 359 -29.40 7.71 -31.10
CA ILE C 359 -29.86 8.47 -32.25
C ILE C 359 -29.41 7.79 -33.54
N GLU C 360 -28.11 7.51 -33.65
CA GLU C 360 -27.56 6.91 -34.88
C GLU C 360 -28.29 5.63 -35.23
N GLU C 361 -28.38 4.71 -34.28
CA GLU C 361 -28.92 3.38 -34.58
C GLU C 361 -30.41 3.43 -34.91
N VAL C 362 -31.17 4.30 -34.25
CA VAL C 362 -32.62 4.27 -34.40
C VAL C 362 -33.06 5.08 -35.60
N LYS C 363 -32.53 6.29 -35.76
CA LYS C 363 -32.91 7.19 -36.83
C LYS C 363 -32.05 7.03 -38.08
N GLY C 364 -31.02 6.20 -38.04
CA GLY C 364 -30.13 6.05 -39.19
C GLY C 364 -29.43 7.34 -39.59
N LYS C 365 -29.06 8.14 -38.61
CA LYS C 365 -28.60 9.50 -38.83
C LYS C 365 -27.26 9.68 -38.11
N LYS C 366 -26.22 10.07 -38.84
CA LYS C 366 -24.88 10.05 -38.27
C LYS C 366 -24.74 11.13 -37.21
N MET C 367 -24.14 10.76 -36.07
CA MET C 367 -23.92 11.70 -34.97
C MET C 367 -22.41 11.80 -34.74
N THR C 368 -21.82 12.85 -35.26
CA THR C 368 -20.39 13.11 -35.10
C THR C 368 -20.17 14.02 -33.91
N ILE C 369 -19.44 13.52 -32.92
CA ILE C 369 -19.19 14.22 -31.68
C ILE C 369 -17.74 14.67 -31.66
N SER C 370 -17.50 15.96 -31.47
CA SER C 370 -16.14 16.46 -31.44
C SER C 370 -15.36 15.88 -30.24
N PRO C 371 -14.07 15.59 -30.40
CA PRO C 371 -13.29 15.08 -29.26
C PRO C 371 -13.14 16.08 -28.12
N GLU C 372 -13.37 17.36 -28.36
CA GLU C 372 -13.24 18.37 -27.32
C GLU C 372 -14.61 18.70 -26.76
N ILE C 373 -14.69 18.82 -25.44
CA ILE C 373 -15.96 19.19 -24.77
C ILE C 373 -16.38 20.57 -25.25
N PRO C 374 -17.64 20.76 -25.65
CA PRO C 374 -18.09 22.08 -26.08
C PRO C 374 -18.23 23.02 -24.90
N GLU C 375 -18.16 24.31 -25.22
CA GLU C 375 -18.51 25.34 -24.25
C GLU C 375 -19.89 25.10 -23.68
N HIS C 376 -20.00 25.15 -22.37
CA HIS C 376 -21.27 25.14 -21.67
C HIS C 376 -20.93 25.43 -20.21
N SER C 377 -21.96 25.72 -19.42
CA SER C 377 -21.72 26.21 -18.06
C SER C 377 -21.03 25.20 -17.16
N TYR C 378 -20.90 23.94 -17.57
CA TYR C 378 -20.15 22.95 -16.79
C TYR C 378 -18.84 22.56 -17.48
N PHE C 379 -18.39 23.36 -18.45
CA PHE C 379 -17.14 23.06 -19.14
C PHE C 379 -16.01 22.80 -18.16
N SER C 380 -15.90 23.63 -17.11
CA SER C 380 -14.80 23.51 -16.15
C SER C 380 -14.73 22.14 -15.48
N ARG C 381 -15.82 21.38 -15.47
CA ARG C 381 -15.82 20.10 -14.78
C ARG C 381 -15.05 19.01 -15.52
N TYR C 382 -14.71 19.23 -16.81
CA TYR C 382 -14.11 18.23 -17.67
C TYR C 382 -12.59 18.38 -17.80
N GLY C 383 -11.96 18.99 -16.80
CA GLY C 383 -10.53 19.22 -16.84
C GLY C 383 -9.77 18.04 -16.24
N PRO C 384 -8.44 18.04 -16.38
CA PRO C 384 -7.64 19.08 -17.03
C PRO C 384 -7.52 18.93 -18.55
N ASP C 385 -8.20 17.96 -19.12
CA ASP C 385 -8.05 17.65 -20.54
C ASP C 385 -9.15 18.23 -21.42
N PHE C 386 -10.37 18.36 -20.88
CA PHE C 386 -11.55 18.87 -21.60
C PHE C 386 -11.81 18.07 -22.87
N GLU C 387 -11.55 16.78 -22.81
CA GLU C 387 -11.81 15.89 -23.93
C GLU C 387 -12.90 14.90 -23.58
N LEU C 388 -13.48 14.28 -24.60
CA LEU C 388 -14.64 13.44 -24.37
C LEU C 388 -14.28 11.99 -23.96
N ASP C 389 -13.19 11.43 -24.48
CA ASP C 389 -12.74 10.12 -24.00
C ASP C 389 -12.25 10.23 -22.58
N ILE C 390 -12.61 9.23 -21.76
CA ILE C 390 -12.16 9.24 -20.38
C ILE C 390 -10.64 9.10 -20.37
N ASP C 391 -10.02 9.65 -19.34
CA ASP C 391 -8.57 9.72 -19.23
C ASP C 391 -8.06 8.41 -18.63
N TYR C 392 -7.97 7.40 -19.48
CA TYR C 392 -7.55 6.07 -19.07
C TYR C 392 -6.82 5.43 -20.24
N PHE C 393 -5.79 4.65 -19.93
CA PHE C 393 -4.99 3.97 -20.94
C PHE C 393 -5.12 2.47 -20.80
N PRO C 394 -5.99 1.84 -21.60
CA PRO C 394 -6.20 0.39 -21.48
C PRO C 394 -4.93 -0.39 -21.79
N HIS C 395 -4.64 -1.39 -20.97
CA HIS C 395 -3.40 -2.14 -21.14
C HIS C 395 -3.58 -3.62 -20.84
N ASP C 403 -9.03 -17.20 -16.81
CA ASP C 403 -9.94 -16.08 -16.57
C ASP C 403 -11.17 -16.18 -17.45
N SER C 404 -11.18 -17.14 -18.37
CA SER C 404 -12.34 -17.30 -19.23
C SER C 404 -13.53 -17.80 -18.42
N ILE C 405 -14.70 -17.77 -19.08
CA ILE C 405 -15.98 -18.04 -18.42
C ILE C 405 -16.83 -18.92 -19.33
N GLN C 406 -16.19 -19.84 -20.06
CA GLN C 406 -16.95 -20.67 -20.97
C GLN C 406 -17.92 -21.60 -20.21
N LYS C 407 -17.57 -22.00 -18.98
CA LYS C 407 -18.53 -22.81 -18.22
C LYS C 407 -19.76 -22.00 -17.79
N HIS C 408 -19.58 -20.68 -17.63
CA HIS C 408 -20.73 -19.81 -17.39
C HIS C 408 -21.62 -19.71 -18.62
N HIS C 409 -21.03 -19.65 -19.82
CA HIS C 409 -21.84 -19.69 -21.04
C HIS C 409 -22.65 -20.98 -21.12
N ARG C 410 -22.01 -22.11 -20.76
CA ARG C 410 -22.69 -23.40 -20.84
C ARG C 410 -23.84 -23.46 -19.85
N ARG C 411 -23.61 -22.96 -18.64
CA ARG C 411 -24.61 -22.98 -17.60
C ARG C 411 -25.79 -22.07 -17.97
N ILE C 412 -25.49 -20.89 -18.50
CA ILE C 412 -26.55 -19.94 -18.85
C ILE C 412 -27.42 -20.48 -19.98
N LEU C 413 -26.79 -21.02 -21.04
CA LEU C 413 -27.57 -21.59 -22.14
C LEU C 413 -28.41 -22.79 -21.70
N GLU C 414 -27.87 -23.62 -20.82
CA GLU C 414 -28.67 -24.69 -20.22
C GLU C 414 -29.86 -24.11 -19.48
N GLN C 415 -29.63 -23.06 -18.68
CA GLN C 415 -30.76 -22.42 -18.03
C GLN C 415 -31.77 -21.91 -19.04
N LEU C 416 -31.29 -21.29 -20.13
CA LEU C 416 -32.18 -20.73 -21.14
C LEU C 416 -33.02 -21.81 -21.80
N ARG C 417 -32.45 -23.00 -22.01
CA ARG C 417 -33.22 -24.09 -22.58
C ARG C 417 -34.28 -24.57 -21.59
N ASN C 418 -33.91 -24.71 -20.31
CA ASN C 418 -34.88 -25.05 -19.27
C ASN C 418 -36.01 -24.03 -19.20
N TYR C 419 -35.69 -22.72 -19.29
CA TYR C 419 -36.76 -21.72 -19.33
C TYR C 419 -37.70 -21.93 -20.51
N ALA C 420 -37.17 -22.28 -21.68
CA ALA C 420 -38.04 -22.41 -22.84
C ALA C 420 -38.92 -23.66 -22.73
N ASP C 421 -38.36 -24.77 -22.24
CA ASP C 421 -39.16 -25.98 -22.03
C ASP C 421 -40.29 -25.70 -21.05
N LEU C 422 -39.97 -25.06 -19.91
CA LEU C 422 -40.99 -24.79 -18.90
C LEU C 422 -42.09 -23.90 -19.44
N ASN C 423 -41.76 -22.92 -20.27
CA ASN C 423 -42.75 -21.97 -20.70
C ASN C 423 -43.31 -22.28 -22.09
N LYS C 424 -42.97 -23.45 -22.64
CA LYS C 424 -43.51 -23.92 -23.93
C LYS C 424 -43.13 -22.97 -25.07
N LEU C 425 -41.89 -22.51 -25.06
CA LEU C 425 -41.35 -21.67 -26.11
C LEU C 425 -40.42 -22.47 -27.02
N ILE C 426 -40.38 -22.08 -28.29
CA ILE C 426 -39.44 -22.70 -29.22
C ILE C 426 -38.01 -22.40 -28.78
N TYR C 427 -37.17 -23.44 -28.80
CA TYR C 427 -35.74 -23.32 -28.56
C TYR C 427 -35.06 -23.63 -29.89
N ASP C 428 -34.68 -22.57 -30.61
CA ASP C 428 -34.10 -22.69 -31.95
C ASP C 428 -32.62 -23.03 -31.80
N TYR C 429 -32.35 -24.30 -31.51
CA TYR C 429 -30.99 -24.77 -31.26
C TYR C 429 -30.04 -24.36 -32.38
N ASP C 430 -30.47 -24.54 -33.63
CA ASP C 430 -29.58 -24.28 -34.75
C ASP C 430 -29.16 -22.82 -34.82
N GLN C 431 -30.09 -21.91 -34.48
CA GLN C 431 -29.77 -20.48 -34.45
C GLN C 431 -28.74 -20.16 -33.38
N VAL C 432 -28.99 -20.61 -32.14
CA VAL C 432 -28.04 -20.37 -31.05
C VAL C 432 -26.71 -21.02 -31.36
N TYR C 433 -26.73 -22.25 -31.89
CA TYR C 433 -25.49 -22.86 -32.35
C TYR C 433 -24.75 -21.94 -33.31
N GLN C 434 -25.41 -21.55 -34.41
CA GLN C 434 -24.76 -20.71 -35.42
C GLN C 434 -24.25 -19.43 -34.81
N LEU C 435 -24.99 -18.87 -33.85
CA LEU C 435 -24.53 -17.69 -33.13
C LEU C 435 -23.20 -17.95 -32.44
N TYR C 436 -23.14 -18.99 -31.60
CA TYR C 436 -21.89 -19.30 -30.89
C TYR C 436 -20.82 -19.82 -31.84
N ASN C 437 -21.21 -20.44 -32.95
CA ASN C 437 -20.20 -20.93 -33.88
C ASN C 437 -19.51 -19.79 -34.61
N LEU C 438 -20.06 -18.58 -34.56
CA LEU C 438 -19.32 -17.42 -35.06
C LEU C 438 -18.00 -17.28 -34.32
N THR C 439 -18.01 -17.44 -33.01
CA THR C 439 -16.81 -17.38 -32.19
C THR C 439 -16.10 -18.72 -32.10
N GLY C 440 -16.58 -19.73 -32.83
CA GLY C 440 -16.02 -21.06 -32.73
C GLY C 440 -16.40 -21.80 -31.47
N MET C 441 -17.55 -21.48 -30.87
CA MET C 441 -17.92 -22.03 -29.59
C MET C 441 -19.28 -22.72 -29.63
N GLY C 442 -19.69 -23.23 -30.80
CA GLY C 442 -20.99 -23.87 -30.92
C GLY C 442 -21.17 -25.03 -29.96
N SER C 443 -20.08 -25.72 -29.62
CA SER C 443 -20.14 -26.87 -28.73
C SER C 443 -20.70 -26.52 -27.36
N LEU C 444 -20.70 -25.24 -26.99
CA LEU C 444 -21.23 -24.87 -25.69
C LEU C 444 -22.75 -24.91 -25.66
N VAL C 445 -23.40 -24.95 -26.82
CA VAL C 445 -24.85 -24.83 -26.96
C VAL C 445 -25.51 -26.17 -26.70
N PRO C 446 -26.39 -26.27 -25.71
CA PRO C 446 -27.13 -27.52 -25.49
C PRO C 446 -28.27 -27.65 -26.49
N ARG C 447 -28.68 -28.89 -26.70
CA ARG C 447 -29.76 -29.17 -27.66
C ARG C 447 -31.13 -28.92 -27.05
N SER D 3 -32.06 3.61 22.63
CA SER D 3 -31.98 3.01 21.30
C SER D 3 -31.02 1.82 21.27
N VAL D 4 -31.58 0.61 21.35
CA VAL D 4 -30.80 -0.63 21.32
C VAL D 4 -30.84 -1.18 19.90
N GLY D 5 -29.65 -1.47 19.36
CA GLY D 5 -29.51 -2.04 18.05
C GLY D 5 -29.29 -3.53 18.09
N ILE D 6 -29.64 -4.20 17.01
CA ILE D 6 -29.33 -5.62 16.87
C ILE D 6 -29.04 -5.90 15.41
N VAL D 7 -28.00 -6.71 15.18
CA VAL D 7 -27.54 -7.01 13.82
C VAL D 7 -28.36 -8.17 13.28
N TYR D 8 -29.03 -7.97 12.15
CA TYR D 8 -29.60 -9.07 11.39
C TYR D 8 -29.88 -8.61 9.96
N GLY D 9 -30.33 -9.57 9.14
CA GLY D 9 -30.51 -9.34 7.72
C GLY D 9 -30.69 -10.68 7.08
N ASP D 10 -31.42 -10.75 5.96
CA ASP D 10 -31.77 -12.05 5.39
C ASP D 10 -30.54 -12.79 4.89
N GLN D 11 -29.62 -12.08 4.25
CA GLN D 11 -28.39 -12.73 3.82
C GLN D 11 -27.50 -13.01 5.03
N TYR D 12 -27.52 -12.10 6.02
CA TYR D 12 -26.74 -12.34 7.23
C TYR D 12 -27.19 -13.63 7.88
N ARG D 13 -28.50 -13.79 8.03
CA ARG D 13 -29.04 -15.01 8.64
C ARG D 13 -28.57 -16.24 7.88
N GLN D 14 -28.71 -16.23 6.55
CA GLN D 14 -28.33 -17.39 5.75
C GLN D 14 -26.84 -17.73 5.89
N LEU D 15 -25.97 -16.71 5.96
CA LEU D 15 -24.55 -16.98 6.15
C LEU D 15 -24.27 -17.51 7.56
N CYS D 16 -24.82 -16.86 8.59
CA CYS D 16 -24.57 -17.33 9.96
C CYS D 16 -25.06 -18.77 10.18
N CYS D 17 -26.02 -19.22 9.39
CA CYS D 17 -26.55 -20.57 9.48
C CYS D 17 -25.92 -21.54 8.49
N SER D 18 -24.79 -21.18 7.89
CA SER D 18 -24.21 -22.04 6.85
C SER D 18 -23.10 -22.93 7.38
N SER D 19 -22.85 -22.92 8.68
CA SER D 19 -21.70 -23.74 9.01
C SER D 19 -22.11 -25.10 9.58
N PRO D 20 -21.25 -26.12 9.46
CA PRO D 20 -21.62 -27.45 9.96
C PRO D 20 -21.58 -27.57 11.48
N LYS D 21 -20.81 -26.74 12.18
CA LYS D 21 -20.69 -26.83 13.64
C LYS D 21 -21.85 -26.12 14.35
N PHE D 22 -22.24 -24.94 13.88
CA PHE D 22 -23.28 -24.17 14.55
C PHE D 22 -24.63 -24.23 13.87
N GLY D 23 -24.71 -24.85 12.69
CA GLY D 23 -26.01 -25.17 12.09
C GLY D 23 -26.91 -23.96 12.03
N ASP D 24 -28.14 -24.13 12.54
CA ASP D 24 -29.16 -23.09 12.48
C ASP D 24 -29.34 -22.39 13.82
N ARG D 25 -28.35 -22.48 14.72
CA ARG D 25 -28.42 -21.79 16.00
C ARG D 25 -28.84 -20.34 15.86
N TYR D 26 -28.20 -19.60 14.93
CA TYR D 26 -28.46 -18.16 14.82
C TYR D 26 -29.93 -17.90 14.48
N ALA D 27 -30.50 -18.72 13.59
CA ALA D 27 -31.92 -18.62 13.24
C ALA D 27 -32.81 -18.91 14.43
N LEU D 28 -32.44 -19.91 15.25
CA LEU D 28 -33.19 -20.17 16.48
C LEU D 28 -33.22 -18.92 17.35
N VAL D 29 -32.07 -18.28 17.52
CA VAL D 29 -31.99 -17.13 18.41
C VAL D 29 -32.90 -16.01 17.90
N MET D 30 -32.70 -15.58 16.65
CA MET D 30 -33.45 -14.44 16.14
C MET D 30 -34.95 -14.70 16.07
N ASP D 31 -35.37 -15.93 15.76
CA ASP D 31 -36.80 -16.22 15.72
C ASP D 31 -37.41 -16.23 17.12
N LEU D 32 -36.65 -16.70 18.13
CA LEU D 32 -37.17 -16.61 19.49
C LEU D 32 -37.28 -15.17 19.96
N ILE D 33 -36.30 -14.33 19.61
CA ILE D 33 -36.41 -12.89 19.88
C ILE D 33 -37.64 -12.31 19.20
N ASN D 34 -37.91 -12.73 17.97
CA ASN D 34 -39.06 -12.23 17.22
C ASN D 34 -40.36 -12.82 17.77
N ALA D 35 -40.38 -14.13 18.01
CA ALA D 35 -41.53 -14.77 18.65
C ALA D 35 -41.97 -14.05 19.91
N TYR D 36 -41.03 -13.44 20.64
CA TYR D 36 -41.32 -12.73 21.88
C TYR D 36 -41.63 -11.24 21.68
N LYS D 37 -41.89 -10.82 20.43
CA LYS D 37 -42.22 -9.43 20.10
C LYS D 37 -41.17 -8.44 20.59
N LEU D 38 -39.89 -8.83 20.60
CA LEU D 38 -38.79 -7.92 20.93
C LEU D 38 -38.26 -7.11 19.75
N ILE D 39 -38.49 -7.54 18.52
CA ILE D 39 -37.87 -6.93 17.34
C ILE D 39 -38.37 -5.51 17.09
N PRO D 40 -39.66 -5.19 17.29
CA PRO D 40 -40.09 -3.79 17.14
C PRO D 40 -39.47 -2.82 18.15
N GLU D 41 -38.93 -3.33 19.25
CA GLU D 41 -38.23 -2.48 20.22
C GLU D 41 -36.79 -2.16 19.85
N LEU D 42 -36.22 -2.85 18.85
CA LEU D 42 -34.80 -2.79 18.54
C LEU D 42 -34.57 -2.09 17.21
N SER D 43 -33.48 -1.35 17.12
CA SER D 43 -33.01 -0.80 15.86
C SER D 43 -32.26 -1.89 15.09
N ARG D 44 -32.72 -2.20 13.88
CA ARG D 44 -31.99 -3.14 13.03
C ARG D 44 -30.70 -2.49 12.55
N VAL D 45 -29.57 -3.13 12.82
CA VAL D 45 -28.26 -2.63 12.36
C VAL D 45 -27.80 -3.49 11.19
N PRO D 46 -27.65 -2.94 9.99
CA PRO D 46 -27.32 -3.78 8.83
C PRO D 46 -25.85 -4.11 8.80
N PRO D 47 -25.49 -5.35 8.44
CA PRO D 47 -24.07 -5.70 8.33
C PRO D 47 -23.37 -4.80 7.32
N LEU D 48 -22.10 -4.55 7.58
CA LEU D 48 -21.33 -3.64 6.75
C LEU D 48 -20.93 -4.34 5.47
N GLN D 49 -21.00 -3.60 4.35
CA GLN D 49 -20.50 -4.11 3.08
C GLN D 49 -19.46 -3.15 2.52
N TRP D 50 -18.63 -3.66 1.63
CA TRP D 50 -17.49 -2.87 1.18
C TRP D 50 -17.62 -2.45 -0.27
N ASP D 51 -16.91 -1.35 -0.60
CA ASP D 51 -16.85 -0.76 -1.93
C ASP D 51 -16.06 -1.60 -2.93
N SER D 52 -15.24 -2.54 -2.45
CA SER D 52 -14.30 -3.20 -3.36
C SER D 52 -13.63 -4.34 -2.62
N PRO D 53 -13.08 -5.30 -3.36
CA PRO D 53 -12.18 -6.29 -2.72
C PRO D 53 -11.04 -5.68 -1.93
N SER D 54 -10.41 -4.60 -2.44
CA SER D 54 -9.30 -4.00 -1.70
C SER D 54 -9.76 -3.39 -0.38
N ARG D 55 -10.93 -2.78 -0.37
CA ARG D 55 -11.47 -2.25 0.87
C ARG D 55 -11.74 -3.38 1.88
N MET D 56 -12.30 -4.48 1.42
CA MET D 56 -12.49 -5.61 2.32
C MET D 56 -11.17 -6.07 2.91
N TYR D 57 -10.16 -6.31 2.06
CA TYR D 57 -8.85 -6.73 2.54
C TYR D 57 -8.26 -5.72 3.52
N GLU D 58 -8.37 -4.42 3.21
CA GLU D 58 -7.87 -3.40 4.11
C GLU D 58 -8.52 -3.51 5.49
N ALA D 59 -9.80 -3.84 5.54
CA ALA D 59 -10.50 -3.89 6.81
C ALA D 59 -10.11 -5.15 7.59
N VAL D 60 -10.07 -6.30 6.90
CA VAL D 60 -9.77 -7.55 7.59
C VAL D 60 -8.32 -7.55 8.06
N THR D 61 -7.41 -7.02 7.25
CA THR D 61 -5.99 -7.13 7.56
C THR D 61 -5.50 -6.03 8.49
N ALA D 62 -6.42 -5.24 9.07
CA ALA D 62 -6.09 -4.47 10.24
C ALA D 62 -5.65 -5.35 11.41
N PHE D 63 -5.99 -6.65 11.38
CA PHE D 63 -5.53 -7.60 12.38
C PHE D 63 -4.93 -8.87 11.76
N HIS D 64 -5.58 -9.44 10.74
CA HIS D 64 -5.17 -10.71 10.13
C HIS D 64 -4.13 -10.45 9.04
N SER D 65 -3.21 -11.41 8.84
CA SER D 65 -2.22 -11.27 7.78
C SER D 65 -2.85 -11.55 6.41
N THR D 66 -2.33 -10.87 5.38
CA THR D 66 -2.88 -11.06 4.04
C THR D 66 -2.76 -12.52 3.59
N GLU D 67 -1.64 -13.18 3.88
CA GLU D 67 -1.50 -14.56 3.47
C GLU D 67 -2.52 -15.43 4.18
N TYR D 68 -2.88 -15.08 5.42
CA TYR D 68 -3.95 -15.81 6.09
C TYR D 68 -5.28 -15.62 5.37
N VAL D 69 -5.62 -14.37 5.05
CA VAL D 69 -6.89 -14.09 4.40
C VAL D 69 -6.94 -14.79 3.04
N ASP D 70 -5.84 -14.75 2.29
CA ASP D 70 -5.77 -15.44 1.00
C ASP D 70 -6.01 -16.94 1.18
N ALA D 71 -5.37 -17.54 2.19
CA ALA D 71 -5.53 -18.96 2.46
C ALA D 71 -6.99 -19.29 2.74
N LEU D 72 -7.67 -18.42 3.48
CA LEU D 72 -9.05 -18.72 3.86
C LEU D 72 -9.99 -18.60 2.66
N LYS D 73 -9.82 -17.57 1.82
CA LYS D 73 -10.61 -17.50 0.61
C LYS D 73 -10.29 -18.66 -0.35
N LYS D 74 -9.03 -19.10 -0.41
CA LYS D 74 -8.72 -20.23 -1.30
C LYS D 74 -9.38 -21.52 -0.79
N LEU D 75 -9.42 -21.70 0.53
CA LEU D 75 -10.09 -22.85 1.12
C LEU D 75 -11.55 -22.91 0.70
N GLN D 76 -12.25 -21.76 0.72
CA GLN D 76 -13.65 -21.75 0.29
C GLN D 76 -13.78 -22.16 -1.18
N MET D 77 -13.01 -21.54 -2.07
CA MET D 77 -13.05 -21.93 -3.47
C MET D 77 -12.75 -23.41 -3.66
N LEU D 78 -11.76 -23.93 -2.91
CA LEU D 78 -11.40 -25.34 -3.02
C LEU D 78 -12.49 -26.26 -2.51
N HIS D 79 -13.33 -25.78 -1.60
CA HIS D 79 -14.46 -26.56 -1.13
C HIS D 79 -15.70 -26.38 -1.99
N CYS D 80 -15.67 -25.46 -2.96
CA CYS D 80 -16.81 -25.31 -3.85
C CYS D 80 -16.74 -26.28 -5.03
N GLU D 81 -15.71 -27.10 -5.11
CA GLU D 81 -15.64 -28.20 -6.05
C GLU D 81 -15.90 -29.52 -5.30
N GLU D 82 -15.46 -30.64 -5.88
CA GLU D 82 -15.63 -31.94 -5.25
C GLU D 82 -14.37 -32.78 -5.42
N LYS D 83 -13.23 -32.12 -5.55
CA LYS D 83 -11.92 -32.75 -5.68
C LYS D 83 -11.12 -32.49 -4.42
N GLU D 84 -10.55 -33.54 -3.84
CA GLU D 84 -9.75 -33.36 -2.63
C GLU D 84 -8.59 -32.40 -2.89
N LEU D 85 -8.04 -31.86 -1.81
CA LEU D 85 -6.94 -30.92 -1.92
C LEU D 85 -5.67 -31.63 -2.36
N THR D 86 -4.82 -30.92 -3.08
CA THR D 86 -3.48 -31.43 -3.36
C THR D 86 -2.66 -31.47 -2.08
N ALA D 87 -1.57 -32.25 -2.12
CA ALA D 87 -0.64 -32.26 -0.99
C ALA D 87 -0.11 -30.86 -0.69
N ASP D 88 0.20 -30.08 -1.74
CA ASP D 88 0.68 -28.73 -1.49
C ASP D 88 -0.40 -27.86 -0.84
N ASP D 89 -1.65 -27.98 -1.29
CA ASP D 89 -2.72 -27.19 -0.70
C ASP D 89 -2.98 -27.61 0.75
N GLU D 90 -2.90 -28.92 1.07
CA GLU D 90 -3.11 -29.32 2.45
C GLU D 90 -2.03 -28.75 3.36
N LEU D 91 -0.79 -28.71 2.89
CA LEU D 91 0.28 -28.07 3.68
C LEU D 91 -0.01 -26.59 3.89
N LEU D 92 -0.46 -25.89 2.86
CA LEU D 92 -0.78 -24.48 3.00
C LEU D 92 -1.82 -24.26 4.10
N MET D 93 -2.93 -25.00 4.02
CA MET D 93 -3.94 -24.90 5.06
C MET D 93 -3.37 -25.26 6.43
N ASP D 94 -2.58 -26.34 6.52
CA ASP D 94 -2.03 -26.75 7.81
C ASP D 94 -1.18 -25.65 8.44
N SER D 95 -0.48 -24.85 7.63
CA SER D 95 0.35 -23.79 8.22
C SER D 95 -0.50 -22.66 8.83
N PHE D 96 -1.81 -22.67 8.60
CA PHE D 96 -2.74 -21.71 9.19
C PHE D 96 -3.74 -22.37 10.15
N SER D 97 -3.53 -23.64 10.49
CA SER D 97 -4.46 -24.41 11.33
C SER D 97 -5.87 -24.39 10.76
N LEU D 98 -5.97 -24.25 9.44
CA LEU D 98 -7.23 -24.42 8.74
C LEU D 98 -7.49 -25.92 8.55
N ASN D 99 -7.74 -26.59 9.68
CA ASN D 99 -7.92 -28.04 9.69
C ASN D 99 -8.50 -28.40 11.05
N TYR D 100 -8.75 -29.70 11.24
CA TYR D 100 -9.16 -30.25 12.53
C TYR D 100 -10.44 -29.61 13.01
N ASP D 101 -10.38 -28.85 14.09
CA ASP D 101 -11.60 -28.21 14.54
C ASP D 101 -11.97 -26.98 13.70
N CYS D 102 -11.13 -26.58 12.73
CA CYS D 102 -11.44 -25.49 11.82
C CYS D 102 -11.36 -25.97 10.37
N PRO D 103 -12.20 -26.93 9.98
CA PRO D 103 -12.10 -27.47 8.63
C PRO D 103 -12.64 -26.48 7.62
N GLY D 104 -12.46 -26.81 6.34
CA GLY D 104 -13.13 -26.06 5.29
C GLY D 104 -14.55 -26.55 5.05
N PHE D 105 -15.31 -25.72 4.36
CA PHE D 105 -16.64 -26.05 3.89
C PHE D 105 -17.08 -24.97 2.91
N PRO D 106 -18.14 -25.20 2.11
CA PRO D 106 -18.34 -24.37 0.90
C PRO D 106 -18.45 -22.86 1.12
N SER D 107 -18.82 -22.39 2.30
CA SER D 107 -18.94 -20.95 2.49
C SER D 107 -18.13 -20.43 3.68
N VAL D 108 -17.08 -21.16 4.08
CA VAL D 108 -16.31 -20.83 5.27
C VAL D 108 -15.79 -19.39 5.23
N PHE D 109 -15.41 -18.88 4.06
CA PHE D 109 -14.93 -17.49 4.05
C PHE D 109 -16.08 -16.51 4.22
N ASP D 110 -17.15 -16.70 3.45
CA ASP D 110 -18.33 -15.84 3.58
C ASP D 110 -18.92 -15.92 4.97
N TYR D 111 -18.98 -17.13 5.53
CA TYR D 111 -19.46 -17.32 6.90
C TYR D 111 -18.58 -16.56 7.90
N SER D 112 -17.26 -16.63 7.72
CA SER D 112 -16.36 -15.97 8.68
C SER D 112 -16.43 -14.46 8.52
N LEU D 113 -16.51 -14.00 7.28
CA LEU D 113 -16.60 -12.58 6.98
C LEU D 113 -17.89 -12.00 7.53
N ALA D 114 -18.98 -12.75 7.43
CA ALA D 114 -20.27 -12.25 7.90
C ALA D 114 -20.17 -11.66 9.31
N ALA D 115 -19.62 -12.44 10.25
CA ALA D 115 -19.47 -11.98 11.63
C ALA D 115 -18.66 -10.71 11.70
N VAL D 116 -17.61 -10.58 10.87
CA VAL D 116 -16.84 -9.34 10.83
C VAL D 116 -17.73 -8.19 10.36
N GLN D 117 -18.39 -8.35 9.21
CA GLN D 117 -19.34 -7.32 8.75
C GLN D 117 -20.34 -6.92 9.82
N GLY D 118 -20.81 -7.89 10.59
CA GLY D 118 -21.78 -7.57 11.61
C GLY D 118 -21.17 -6.77 12.74
N SER D 119 -20.07 -7.28 13.31
CA SER D 119 -19.49 -6.55 14.44
C SER D 119 -18.85 -5.21 14.03
N LEU D 120 -18.51 -5.01 12.76
CA LEU D 120 -18.01 -3.69 12.34
C LEU D 120 -19.14 -2.67 12.23
N ALA D 121 -20.31 -3.08 11.72
CA ALA D 121 -21.43 -2.15 11.71
C ALA D 121 -21.94 -1.88 13.12
N ALA D 122 -21.86 -2.87 14.00
CA ALA D 122 -22.27 -2.65 15.38
C ALA D 122 -21.40 -1.57 16.02
N ALA D 123 -20.07 -1.66 15.83
CA ALA D 123 -19.21 -0.62 16.38
C ALA D 123 -19.52 0.74 15.76
N SER D 124 -19.81 0.78 14.46
CA SER D 124 -20.04 2.07 13.83
C SER D 124 -21.31 2.73 14.37
N ALA D 125 -22.34 1.94 14.68
CA ALA D 125 -23.56 2.51 15.24
C ALA D 125 -23.28 3.15 16.59
N LEU D 126 -22.47 2.49 17.42
CA LEU D 126 -22.07 3.09 18.70
C LEU D 126 -21.29 4.38 18.49
N ILE D 127 -20.32 4.37 17.56
CA ILE D 127 -19.45 5.51 17.38
C ILE D 127 -20.25 6.73 16.95
N CYS D 128 -21.08 6.59 15.92
CA CYS D 128 -21.88 7.73 15.49
C CYS D 128 -23.05 8.03 16.42
N ARG D 129 -23.13 7.38 17.59
CA ARG D 129 -24.13 7.62 18.63
C ARG D 129 -25.55 7.26 18.22
N HIS D 130 -25.73 6.51 17.11
CA HIS D 130 -27.08 6.08 16.78
C HIS D 130 -27.67 5.15 17.84
N CYS D 131 -26.82 4.32 18.47
CA CYS D 131 -27.25 3.33 19.43
C CYS D 131 -26.43 3.46 20.69
N GLU D 132 -27.10 3.28 21.85
CA GLU D 132 -26.46 3.16 23.16
C GLU D 132 -25.80 1.79 23.36
N VAL D 133 -26.47 0.73 22.90
CA VAL D 133 -25.99 -0.65 22.98
C VAL D 133 -26.36 -1.33 21.65
N VAL D 134 -25.49 -2.21 21.17
CA VAL D 134 -25.79 -2.94 19.94
C VAL D 134 -25.46 -4.40 20.18
N ILE D 135 -26.35 -5.29 19.74
CA ILE D 135 -26.27 -6.72 19.96
C ILE D 135 -25.96 -7.39 18.62
N ASN D 136 -24.98 -8.27 18.62
CA ASN D 136 -24.70 -9.09 17.44
C ASN D 136 -24.55 -10.52 17.92
N TRP D 137 -25.65 -11.30 17.82
CA TRP D 137 -25.59 -12.70 18.21
C TRP D 137 -24.95 -13.58 17.14
N GLY D 138 -24.55 -13.03 16.01
CA GLY D 138 -23.75 -13.78 15.05
C GLY D 138 -22.25 -13.57 15.19
N GLY D 139 -21.83 -12.77 16.17
CA GLY D 139 -20.44 -12.48 16.42
C GLY D 139 -19.94 -13.10 17.71
N GLY D 140 -18.69 -12.78 18.05
CA GLY D 140 -18.06 -13.20 19.29
C GLY D 140 -16.97 -14.27 19.14
N TRP D 141 -16.16 -14.22 18.07
CA TRP D 141 -15.26 -15.34 17.72
C TRP D 141 -13.84 -15.09 18.25
N HIS D 142 -13.73 -15.21 19.57
CA HIS D 142 -12.61 -14.66 20.32
C HIS D 142 -11.31 -15.48 20.23
N HIS D 143 -11.34 -16.66 19.62
CA HIS D 143 -10.15 -17.50 19.55
C HIS D 143 -9.29 -17.29 18.31
N ALA D 144 -9.77 -16.57 17.29
CA ALA D 144 -9.01 -16.38 16.05
C ALA D 144 -7.75 -15.56 16.28
N LYS D 145 -6.65 -15.97 15.64
CA LYS D 145 -5.39 -15.26 15.76
C LYS D 145 -5.04 -14.60 14.44
N ARG D 146 -3.96 -13.82 14.47
CA ARG D 146 -3.53 -13.08 13.29
C ARG D 146 -3.41 -13.97 12.06
N SER D 147 -2.77 -15.15 12.19
CA SER D 147 -2.61 -16.08 11.08
C SER D 147 -2.98 -17.51 11.46
N GLU D 148 -4.00 -17.69 12.29
CA GLU D 148 -4.30 -19.03 12.78
C GLU D 148 -5.77 -19.08 13.10
N ALA D 149 -6.46 -20.04 12.50
CA ALA D 149 -7.82 -20.41 12.92
C ALA D 149 -7.75 -21.27 14.16
N SER D 150 -8.74 -21.12 15.04
CA SER D 150 -8.69 -21.82 16.32
C SER D 150 -10.07 -21.87 16.91
N GLY D 151 -10.44 -23.05 17.41
CA GLY D 151 -11.69 -23.25 18.13
C GLY D 151 -12.92 -22.83 17.37
N PHE D 152 -12.99 -23.28 16.11
N PHE D 152 -13.05 -23.26 16.11
CA PHE D 152 -14.00 -22.88 15.11
CA PHE D 152 -14.14 -22.87 15.22
C PHE D 152 -14.17 -21.37 15.01
C PHE D 152 -14.12 -21.39 14.84
N CYS D 153 -13.10 -20.63 15.25
CA CYS D 153 -13.03 -19.20 14.97
C CYS D 153 -12.05 -18.96 13.82
N TYR D 154 -12.53 -18.42 12.72
CA TYR D 154 -11.61 -18.19 11.60
C TYR D 154 -11.17 -16.73 11.44
N LEU D 155 -12.05 -15.77 11.75
CA LEU D 155 -11.76 -14.34 11.72
C LEU D 155 -12.20 -13.73 13.05
N ASN D 156 -11.34 -12.92 13.67
CA ASN D 156 -11.67 -12.40 15.00
C ASN D 156 -12.44 -11.09 14.84
N ASP D 157 -13.77 -11.21 14.69
CA ASP D 157 -14.64 -10.06 14.59
C ASP D 157 -14.55 -9.14 15.81
N ILE D 158 -14.28 -9.69 17.00
CA ILE D 158 -14.20 -8.84 18.22
C ILE D 158 -12.98 -7.92 18.14
N VAL D 159 -11.81 -8.49 17.86
CA VAL D 159 -10.59 -7.67 17.68
C VAL D 159 -10.85 -6.54 16.70
N LEU D 160 -11.45 -6.86 15.56
CA LEU D 160 -11.65 -5.85 14.51
C LEU D 160 -12.65 -4.77 14.95
N ALA D 161 -13.71 -5.17 15.67
CA ALA D 161 -14.63 -4.18 16.24
C ALA D 161 -13.94 -3.29 17.27
N ILE D 162 -13.19 -3.89 18.19
CA ILE D 162 -12.50 -3.10 19.21
C ILE D 162 -11.51 -2.15 18.55
N HIS D 163 -10.77 -2.65 17.58
CA HIS D 163 -9.83 -1.80 16.85
C HIS D 163 -10.54 -0.63 16.18
N ARG D 164 -11.77 -0.82 15.71
CA ARG D 164 -12.51 0.32 15.15
C ARG D 164 -12.96 1.30 16.23
N LEU D 165 -13.28 0.84 17.43
CA LEU D 165 -13.69 1.78 18.48
C LEU D 165 -12.51 2.63 18.93
N VAL D 166 -11.36 2.00 19.15
CA VAL D 166 -10.20 2.74 19.63
C VAL D 166 -9.69 3.69 18.56
N SER D 167 -9.90 3.36 17.30
CA SER D 167 -9.43 4.22 16.22
C SER D 167 -10.38 5.39 15.95
N SER D 168 -11.42 5.54 16.76
CA SER D 168 -12.36 6.64 16.64
C SER D 168 -11.99 7.75 17.63
N THR D 179 -9.34 7.46 24.54
CA THR D 179 -10.28 6.41 24.18
C THR D 179 -9.82 5.04 24.66
N ARG D 180 -10.40 4.54 25.74
CA ARG D 180 -10.09 3.23 26.28
CA ARG D 180 -10.08 3.23 26.28
C ARG D 180 -11.29 2.32 26.13
N VAL D 181 -11.03 1.04 25.85
CA VAL D 181 -12.08 0.02 25.68
C VAL D 181 -11.88 -1.05 26.74
N LEU D 182 -12.96 -1.39 27.46
CA LEU D 182 -12.97 -2.52 28.39
C LEU D 182 -13.64 -3.72 27.72
N TYR D 183 -12.92 -4.84 27.64
CA TYR D 183 -13.45 -6.06 27.05
C TYR D 183 -13.67 -7.11 28.14
N VAL D 184 -14.88 -7.68 28.15
CA VAL D 184 -15.33 -8.57 29.24
C VAL D 184 -15.80 -9.82 28.54
N ASP D 185 -15.23 -10.97 28.91
CA ASP D 185 -15.37 -12.22 28.14
C ASP D 185 -15.97 -13.25 29.09
N LEU D 186 -17.28 -13.47 28.94
CA LEU D 186 -18.03 -14.36 29.83
C LEU D 186 -18.14 -15.80 29.32
N ASP D 187 -17.49 -16.12 28.20
CA ASP D 187 -17.52 -17.46 27.62
C ASP D 187 -16.85 -18.45 28.56
N LEU D 188 -17.31 -19.71 28.50
CA LEU D 188 -16.69 -20.76 29.29
C LEU D 188 -15.20 -20.88 29.03
N HIS D 189 -14.75 -20.52 27.82
CA HIS D 189 -13.36 -20.63 27.39
C HIS D 189 -12.62 -19.29 27.46
N HIS D 190 -11.33 -19.38 27.74
CA HIS D 190 -10.48 -18.20 27.83
C HIS D 190 -10.46 -17.45 26.51
N GLY D 191 -10.65 -16.14 26.58
CA GLY D 191 -10.64 -15.37 25.34
C GLY D 191 -9.22 -15.08 24.91
N ASP D 192 -8.49 -16.10 24.44
CA ASP D 192 -7.06 -15.93 24.14
C ASP D 192 -6.80 -15.01 22.94
N GLY D 193 -7.59 -15.12 21.87
CA GLY D 193 -7.26 -14.35 20.67
C GLY D 193 -7.36 -12.86 20.88
N VAL D 194 -8.37 -12.43 21.63
CA VAL D 194 -8.55 -10.99 21.88
C VAL D 194 -7.50 -10.51 22.88
N GLU D 195 -7.25 -11.29 23.92
CA GLU D 195 -6.19 -10.96 24.87
C GLU D 195 -4.86 -10.77 24.16
N GLU D 196 -4.49 -11.74 23.33
CA GLU D 196 -3.23 -11.67 22.60
C GLU D 196 -3.18 -10.45 21.69
N ALA D 197 -4.27 -10.17 20.98
CA ALA D 197 -4.20 -9.08 20.01
C ALA D 197 -3.90 -7.75 20.68
N PHE D 198 -4.28 -7.60 21.95
CA PHE D 198 -4.15 -6.35 22.67
C PHE D 198 -3.12 -6.43 23.78
N TRP D 199 -2.24 -7.44 23.71
CA TRP D 199 -1.27 -7.73 24.77
C TRP D 199 -0.39 -6.53 25.09
N TYR D 200 0.01 -5.76 24.09
CA TYR D 200 0.90 -4.62 24.25
C TYR D 200 0.15 -3.29 24.27
N SER D 201 -1.18 -3.33 24.39
CA SER D 201 -1.98 -2.12 24.31
C SER D 201 -2.55 -1.77 25.67
N PRO D 202 -2.15 -0.66 26.28
CA PRO D 202 -2.86 -0.18 27.49
C PRO D 202 -4.30 0.28 27.22
N ARG D 203 -4.65 0.66 26.00
CA ARG D 203 -5.95 1.28 25.86
C ARG D 203 -7.09 0.28 25.74
N VAL D 204 -6.78 -1.00 25.55
CA VAL D 204 -7.80 -2.05 25.51
C VAL D 204 -7.53 -2.96 26.70
N VAL D 205 -8.37 -2.87 27.73
CA VAL D 205 -8.22 -3.75 28.89
C VAL D 205 -9.11 -4.97 28.69
N THR D 206 -8.53 -6.15 28.83
CA THR D 206 -9.23 -7.40 28.55
C THR D 206 -9.41 -8.13 29.85
N PHE D 207 -10.61 -8.70 30.06
CA PHE D 207 -10.91 -9.43 31.27
C PHE D 207 -11.74 -10.62 30.86
N SER D 208 -11.20 -11.82 31.10
CA SER D 208 -11.88 -13.09 30.81
C SER D 208 -12.06 -13.86 32.11
N VAL D 209 -13.28 -14.34 32.34
CA VAL D 209 -13.54 -15.35 33.36
C VAL D 209 -13.90 -16.63 32.64
N HIS D 210 -13.33 -17.75 33.09
CA HIS D 210 -13.45 -18.98 32.30
C HIS D 210 -13.12 -20.21 33.14
N HIS D 211 -13.45 -21.37 32.62
CA HIS D 211 -12.87 -22.58 33.17
C HIS D 211 -11.46 -22.75 32.66
N ALA D 212 -10.56 -23.21 33.53
CA ALA D 212 -9.24 -23.65 33.05
C ALA D 212 -8.76 -24.82 33.88
N SER D 213 -8.17 -25.82 33.22
CA SER D 213 -7.63 -26.99 33.92
C SER D 213 -6.70 -27.73 32.95
N PRO D 214 -5.87 -28.66 33.44
CA PRO D 214 -4.93 -29.34 32.54
C PRO D 214 -5.63 -30.08 31.43
N GLY D 215 -5.26 -29.76 30.19
CA GLY D 215 -5.82 -30.36 29.00
C GLY D 215 -7.00 -29.64 28.36
N PHE D 216 -7.59 -28.66 29.04
CA PHE D 216 -8.84 -28.05 28.61
C PHE D 216 -8.54 -26.89 27.66
N PHE D 217 -9.25 -26.85 26.53
CA PHE D 217 -9.09 -25.82 25.50
C PHE D 217 -9.31 -24.42 26.05
N PRO D 218 -8.54 -23.42 25.55
CA PRO D 218 -7.32 -23.49 24.74
C PRO D 218 -6.07 -23.67 25.58
N GLY D 219 -6.19 -23.52 26.89
CA GLY D 219 -5.12 -23.80 27.82
C GLY D 219 -4.58 -22.61 28.55
N THR D 220 -4.90 -21.39 28.10
CA THR D 220 -4.34 -20.17 28.67
C THR D 220 -5.28 -19.60 29.72
N GLY D 221 -5.02 -18.37 30.17
CA GLY D 221 -5.88 -17.74 31.16
C GLY D 221 -5.68 -18.24 32.58
N THR D 222 -4.51 -18.80 32.89
CA THR D 222 -4.27 -19.31 34.23
C THR D 222 -2.77 -19.26 34.51
N TRP D 223 -2.37 -19.89 35.63
CA TRP D 223 -0.99 -19.85 36.08
C TRP D 223 -0.05 -20.35 34.99
N ASN D 224 1.12 -19.73 34.93
CA ASN D 224 2.02 -19.94 33.80
C ASN D 224 3.35 -20.57 34.22
N LEU D 231 7.38 -21.47 41.30
CA LEU D 231 6.16 -20.83 41.77
C LEU D 231 5.54 -19.99 40.65
N PRO D 232 4.70 -20.62 39.83
CA PRO D 232 4.24 -19.96 38.61
C PRO D 232 3.38 -18.73 38.93
N ILE D 233 3.20 -17.88 37.90
CA ILE D 233 2.48 -16.62 38.05
C ILE D 233 1.57 -16.42 36.85
N PHE D 234 0.77 -15.37 36.92
CA PHE D 234 -0.07 -14.93 35.80
C PHE D 234 0.71 -13.95 34.92
N LEU D 235 0.84 -14.25 33.64
CA LEU D 235 1.21 -13.22 32.68
C LEU D 235 0.01 -12.30 32.45
N ASN D 236 0.28 -11.03 32.11
CA ASN D 236 -0.81 -10.06 32.13
C ASN D 236 -0.59 -8.88 31.17
N GLY D 237 0.21 -9.06 30.13
CA GLY D 237 0.53 -7.99 29.21
C GLY D 237 2.04 -7.79 29.09
N ALA D 238 2.41 -6.87 28.19
CA ALA D 238 3.83 -6.61 27.95
C ALA D 238 4.02 -5.24 27.31
N GLY D 239 5.22 -4.72 27.44
CA GLY D 239 5.47 -3.35 26.99
C GLY D 239 4.59 -2.38 27.75
N ARG D 240 4.06 -1.39 27.04
CA ARG D 240 3.09 -0.49 27.68
C ARG D 240 1.80 -1.18 28.05
N GLY D 241 1.58 -2.38 27.52
CA GLY D 241 0.40 -3.16 27.86
C GLY D 241 0.53 -3.97 29.12
N ARG D 242 1.63 -3.81 29.84
CA ARG D 242 1.80 -4.57 31.09
C ARG D 242 0.68 -4.26 32.07
N PHE D 243 0.14 -5.30 32.69
CA PHE D 243 -0.97 -5.27 33.65
C PHE D 243 -2.33 -5.06 33.01
N SER D 244 -2.46 -5.12 31.68
CA SER D 244 -3.72 -4.78 31.01
C SER D 244 -4.56 -5.99 30.62
N ALA D 245 -4.08 -7.22 30.80
CA ALA D 245 -4.86 -8.42 30.52
C ALA D 245 -5.21 -9.09 31.84
N PHE D 246 -6.51 -9.23 32.13
CA PHE D 246 -6.98 -9.79 33.39
C PHE D 246 -7.62 -11.16 33.15
N ASN D 247 -7.48 -12.05 34.12
CA ASN D 247 -7.97 -13.41 33.97
C ASN D 247 -8.47 -13.92 35.31
N LEU D 248 -9.62 -14.59 35.29
CA LEU D 248 -10.19 -15.25 36.47
C LEU D 248 -10.56 -16.68 36.07
N PRO D 249 -9.67 -17.64 36.28
CA PRO D 249 -10.01 -19.05 35.99
C PRO D 249 -10.74 -19.64 37.19
N LEU D 250 -11.85 -20.33 36.92
CA LEU D 250 -12.69 -20.88 37.97
C LEU D 250 -12.82 -22.38 37.81
N GLU D 251 -13.25 -23.03 38.88
CA GLU D 251 -13.33 -24.49 38.92
C GLU D 251 -14.66 -24.98 38.36
N GLU D 252 -14.65 -26.19 37.81
CA GLU D 252 -15.89 -26.70 37.23
C GLU D 252 -16.98 -26.85 38.30
N GLY D 253 -18.23 -26.80 37.85
CA GLY D 253 -19.38 -26.93 38.72
C GLY D 253 -19.87 -25.66 39.38
N ILE D 254 -19.25 -24.51 39.13
CA ILE D 254 -19.64 -23.28 39.80
C ILE D 254 -21.07 -22.88 39.38
N ASN D 255 -21.82 -22.32 40.33
CA ASN D 255 -23.20 -21.95 40.09
C ASN D 255 -23.32 -20.45 39.95
N ASP D 256 -24.55 -20.00 39.64
CA ASP D 256 -24.84 -18.58 39.42
C ASP D 256 -24.30 -17.70 40.54
N LEU D 257 -24.74 -17.96 41.78
CA LEU D 257 -24.38 -17.08 42.90
C LEU D 257 -22.86 -16.99 43.08
N ASP D 258 -22.17 -18.13 43.14
CA ASP D 258 -20.71 -18.10 43.29
C ASP D 258 -20.02 -17.42 42.10
N TRP D 259 -20.46 -17.70 40.87
CA TRP D 259 -19.87 -17.01 39.71
C TRP D 259 -20.15 -15.51 39.78
N SER D 260 -21.36 -15.14 40.19
CA SER D 260 -21.75 -13.74 40.32
C SER D 260 -20.90 -13.00 41.34
N ASN D 261 -20.72 -13.58 42.53
CA ASN D 261 -19.89 -12.95 43.55
C ASN D 261 -18.42 -12.92 43.15
N ALA D 262 -17.97 -13.87 42.32
CA ALA D 262 -16.57 -13.89 41.90
C ALA D 262 -16.25 -12.76 40.93
N ILE D 263 -17.19 -12.38 40.06
CA ILE D 263 -16.87 -11.45 38.99
C ILE D 263 -17.34 -10.02 39.29
N GLY D 264 -18.43 -9.88 40.07
CA GLY D 264 -19.08 -8.63 40.36
C GLY D 264 -18.15 -7.49 40.80
N PRO D 265 -17.36 -7.73 41.84
CA PRO D 265 -16.40 -6.69 42.27
C PRO D 265 -15.31 -6.39 41.26
N ILE D 266 -14.84 -7.42 40.53
CA ILE D 266 -13.86 -7.18 39.47
C ILE D 266 -14.43 -6.22 38.43
N LEU D 267 -15.64 -6.52 37.94
CA LEU D 267 -16.28 -5.65 36.95
C LEU D 267 -16.39 -4.23 37.48
N ASP D 268 -16.87 -4.10 38.72
CA ASP D 268 -17.08 -2.77 39.29
C ASP D 268 -15.77 -2.02 39.47
N SER D 269 -14.70 -2.73 39.89
CA SER D 269 -13.37 -2.12 40.03
C SER D 269 -12.80 -1.69 38.68
N LEU D 270 -12.97 -2.52 37.65
CA LEU D 270 -12.47 -2.17 36.32
C LEU D 270 -13.13 -0.89 35.79
N ASN D 271 -14.44 -0.80 35.87
CA ASN D 271 -15.12 0.40 35.40
C ASN D 271 -14.63 1.65 36.14
N ILE D 272 -14.51 1.58 37.47
CA ILE D 272 -14.14 2.76 38.25
C ILE D 272 -12.74 3.24 37.88
N VAL D 273 -11.77 2.32 37.80
CA VAL D 273 -10.38 2.72 37.55
C VAL D 273 -10.14 3.03 36.08
N ILE D 274 -10.71 2.24 35.17
CA ILE D 274 -10.35 2.44 33.76
C ILE D 274 -11.19 3.53 33.12
N GLN D 275 -12.43 3.71 33.57
CA GLN D 275 -13.39 4.65 33.00
C GLN D 275 -13.49 4.45 31.48
N PRO D 276 -14.01 3.30 31.03
CA PRO D 276 -13.95 3.00 29.59
C PRO D 276 -14.82 3.90 28.76
N SER D 277 -14.36 4.16 27.54
CA SER D 277 -15.21 4.82 26.55
C SER D 277 -16.25 3.86 25.95
N TYR D 278 -15.91 2.56 25.83
CA TYR D 278 -16.85 1.54 25.38
C TYR D 278 -16.62 0.26 26.17
N VAL D 279 -17.69 -0.54 26.32
CA VAL D 279 -17.57 -1.91 26.81
C VAL D 279 -17.93 -2.85 25.67
N VAL D 280 -17.13 -3.90 25.50
CA VAL D 280 -17.44 -4.98 24.57
C VAL D 280 -17.60 -6.24 25.43
N VAL D 281 -18.72 -6.95 25.26
CA VAL D 281 -19.04 -8.13 26.08
C VAL D 281 -19.19 -9.33 25.17
N GLN D 282 -18.31 -10.32 25.34
CA GLN D 282 -18.50 -11.64 24.72
C GLN D 282 -19.34 -12.45 25.69
N CYS D 283 -20.46 -12.98 25.22
CA CYS D 283 -21.45 -13.57 26.11
CA CYS D 283 -21.44 -13.58 26.11
C CYS D 283 -21.74 -15.01 25.71
N GLY D 284 -20.69 -15.78 25.45
CA GLY D 284 -20.82 -17.18 25.10
C GLY D 284 -21.65 -17.93 26.13
N ALA D 285 -22.55 -18.78 25.65
CA ALA D 285 -23.52 -19.45 26.49
C ALA D 285 -23.08 -20.85 26.91
N ASP D 286 -21.81 -21.22 26.73
CA ASP D 286 -21.41 -22.57 27.08
C ASP D 286 -21.16 -22.76 28.57
N CYS D 287 -21.40 -21.72 29.40
CA CYS D 287 -21.39 -21.90 30.85
C CYS D 287 -22.71 -22.43 31.38
N LEU D 288 -23.74 -22.48 30.55
CA LEU D 288 -25.06 -22.94 31.00
C LEU D 288 -24.98 -24.35 31.56
N ALA D 289 -25.69 -24.57 32.67
CA ALA D 289 -25.78 -25.90 33.26
C ALA D 289 -26.15 -26.96 32.24
N THR D 290 -26.94 -26.61 31.22
CA THR D 290 -27.48 -27.56 30.26
C THR D 290 -26.67 -27.61 28.97
N ASP D 291 -25.54 -26.92 28.92
CA ASP D 291 -24.70 -27.04 27.75
C ASP D 291 -24.07 -28.44 27.72
N PRO D 292 -23.97 -29.07 26.54
CA PRO D 292 -23.31 -30.38 26.46
C PRO D 292 -21.91 -30.40 27.05
N MET D 293 -21.19 -29.26 27.02
CA MET D 293 -19.91 -29.18 27.74
C MET D 293 -20.05 -29.61 29.18
N ARG D 294 -21.16 -29.24 29.82
CA ARG D 294 -21.46 -29.52 31.23
C ARG D 294 -20.24 -29.30 32.12
N ILE D 295 -19.74 -28.07 32.09
CA ILE D 295 -18.64 -27.63 32.95
C ILE D 295 -19.15 -26.74 34.08
N PHE D 296 -19.75 -25.60 33.73
CA PHE D 296 -20.33 -24.66 34.68
C PHE D 296 -21.82 -24.95 34.86
N ARG D 297 -22.42 -24.36 35.91
CA ARG D 297 -23.81 -24.60 36.28
C ARG D 297 -24.63 -23.30 36.23
N LEU D 298 -24.35 -22.41 35.28
CA LEU D 298 -25.12 -21.18 35.19
C LEU D 298 -26.49 -21.43 34.54
N THR D 299 -27.44 -20.53 34.85
CA THR D 299 -28.78 -20.61 34.28
C THR D 299 -29.10 -19.34 33.50
N ASN D 300 -30.30 -19.33 32.91
CA ASN D 300 -30.91 -18.12 32.39
C ASN D 300 -32.06 -17.64 33.28
N PHE D 301 -32.06 -18.02 34.57
CA PHE D 301 -33.16 -17.68 35.46
C PHE D 301 -33.17 -16.20 35.79
N TYR D 302 -34.37 -15.67 35.98
CA TYR D 302 -34.56 -14.24 36.23
C TYR D 302 -35.73 -14.07 37.18
N PRO D 303 -35.51 -14.26 38.48
CA PRO D 303 -36.61 -14.24 39.45
C PRO D 303 -37.40 -12.93 39.46
N SER D 316 -32.67 -17.97 42.22
CA SER D 316 -31.31 -17.57 41.88
C SER D 316 -31.28 -16.79 40.57
N LEU D 317 -30.48 -15.73 40.52
CA LEU D 317 -30.35 -14.89 39.33
C LEU D 317 -29.24 -15.43 38.44
N SER D 318 -29.57 -15.67 37.17
CA SER D 318 -28.59 -16.03 36.14
C SER D 318 -27.32 -15.21 36.27
N GLY D 319 -26.18 -15.91 36.27
CA GLY D 319 -24.90 -15.20 36.31
C GLY D 319 -24.75 -14.24 35.14
N TYR D 320 -25.23 -14.64 33.97
CA TYR D 320 -25.10 -13.80 32.79
C TYR D 320 -25.94 -12.54 32.93
N LEU D 321 -27.15 -12.69 33.46
CA LEU D 321 -28.05 -11.55 33.62
C LEU D 321 -27.53 -10.59 34.68
N TYR D 322 -26.99 -11.12 35.79
CA TYR D 322 -26.33 -10.27 36.79
C TYR D 322 -25.28 -9.35 36.16
N ALA D 323 -24.27 -9.94 35.51
CA ALA D 323 -23.15 -9.16 34.95
C ALA D 323 -23.61 -8.20 33.86
N ILE D 324 -24.51 -8.63 32.98
CA ILE D 324 -24.94 -7.74 31.91
C ILE D 324 -25.69 -6.53 32.51
N LYS D 325 -26.60 -6.79 33.44
CA LYS D 325 -27.28 -5.71 34.16
C LYS D 325 -26.26 -4.76 34.81
N LYS D 326 -25.26 -5.31 35.48
CA LYS D 326 -24.21 -4.51 36.09
C LYS D 326 -23.50 -3.62 35.06
N ILE D 327 -22.94 -4.25 34.03
CA ILE D 327 -22.21 -3.52 32.97
C ILE D 327 -23.09 -2.41 32.41
N LEU D 328 -24.37 -2.71 32.16
CA LEU D 328 -25.29 -1.72 31.59
C LEU D 328 -25.59 -0.56 32.55
N SER D 329 -25.57 -0.80 33.88
CA SER D 329 -25.84 0.29 34.83
C SER D 329 -24.76 1.35 34.82
N TRP D 330 -23.61 1.08 34.19
CA TRP D 330 -22.52 2.02 34.07
C TRP D 330 -22.79 3.10 33.03
N LYS D 331 -23.77 2.87 32.16
CA LYS D 331 -24.18 3.83 31.13
C LYS D 331 -23.03 4.17 30.18
N VAL D 332 -22.25 3.16 29.78
CA VAL D 332 -21.20 3.31 28.77
C VAL D 332 -21.67 2.64 27.49
N PRO D 333 -21.42 3.21 26.31
CA PRO D 333 -21.84 2.56 25.06
C PRO D 333 -21.28 1.14 24.96
N THR D 334 -22.16 0.16 24.74
CA THR D 334 -21.75 -1.23 24.87
C THR D 334 -22.13 -2.08 23.65
N LEU D 335 -21.16 -2.90 23.21
CA LEU D 335 -21.37 -3.94 22.21
C LEU D 335 -21.56 -5.27 22.92
N ILE D 336 -22.67 -5.97 22.63
CA ILE D 336 -22.93 -7.28 23.20
C ILE D 336 -22.88 -8.31 22.08
N LEU D 337 -22.01 -9.32 22.25
CA LEU D 337 -21.66 -10.30 21.23
C LEU D 337 -21.95 -11.72 21.69
N GLY D 338 -22.15 -12.60 20.72
CA GLY D 338 -22.34 -14.01 20.92
C GLY D 338 -21.12 -14.79 21.35
N GLY D 339 -21.02 -16.05 20.93
CA GLY D 339 -19.88 -16.88 21.22
C GLY D 339 -20.21 -18.34 21.21
N GLY D 340 -19.62 -19.11 22.13
CA GLY D 340 -19.98 -20.51 22.27
C GLY D 340 -21.42 -20.70 22.71
N GLY D 341 -21.88 -21.93 22.60
CA GLY D 341 -23.25 -22.26 22.92
C GLY D 341 -23.70 -23.38 22.02
N TYR D 342 -23.64 -24.60 22.55
CA TYR D 342 -23.81 -25.81 21.77
C TYR D 342 -25.13 -26.53 22.05
N ASN D 343 -25.88 -26.06 23.02
CA ASN D 343 -27.28 -26.41 23.18
C ASN D 343 -28.07 -25.27 22.54
N PHE D 344 -28.46 -25.44 21.27
CA PHE D 344 -29.00 -24.32 20.49
C PHE D 344 -30.26 -23.72 21.09
N PRO D 345 -31.28 -24.50 21.51
CA PRO D 345 -32.47 -23.88 22.11
C PRO D 345 -32.20 -23.20 23.44
N ASP D 346 -31.32 -23.75 24.29
CA ASP D 346 -31.02 -23.07 25.55
C ASP D 346 -30.14 -21.84 25.34
N THR D 347 -29.28 -21.84 24.31
CA THR D 347 -28.61 -20.60 23.93
C THR D 347 -29.65 -19.54 23.54
N ALA D 348 -30.64 -19.92 22.73
CA ALA D 348 -31.74 -19.01 22.40
C ALA D 348 -32.50 -18.56 23.65
N ARG D 349 -32.69 -19.44 24.62
CA ARG D 349 -33.42 -19.04 25.82
C ARG D 349 -32.63 -18.01 26.59
N LEU D 350 -31.34 -18.23 26.73
CA LEU D 350 -30.51 -17.22 27.38
C LEU D 350 -30.54 -15.92 26.60
N TRP D 351 -30.14 -15.94 25.31
CA TRP D 351 -29.86 -14.67 24.64
C TRP D 351 -31.14 -13.85 24.43
N THR D 352 -32.28 -14.50 24.25
CA THR D 352 -33.57 -13.79 24.28
C THR D 352 -33.71 -12.95 25.54
N ARG D 353 -33.36 -13.51 26.71
CA ARG D 353 -33.48 -12.80 27.99
C ARG D 353 -32.41 -11.74 28.18
N VAL D 354 -31.17 -12.01 27.76
CA VAL D 354 -30.20 -10.92 27.66
C VAL D 354 -30.76 -9.81 26.78
N THR D 355 -31.41 -10.19 25.68
CA THR D 355 -31.88 -9.17 24.73
C THR D 355 -32.98 -8.34 25.36
N ALA D 356 -33.95 -8.98 26.02
CA ALA D 356 -34.99 -8.23 26.75
C ALA D 356 -34.41 -7.42 27.90
N LEU D 357 -33.47 -7.97 28.66
CA LEU D 357 -32.86 -7.19 29.74
C LEU D 357 -32.21 -5.91 29.23
N THR D 358 -31.49 -6.01 28.11
CA THR D 358 -30.84 -4.83 27.58
C THR D 358 -31.88 -3.77 27.23
N ILE D 359 -32.95 -4.18 26.57
CA ILE D 359 -34.01 -3.22 26.24
C ILE D 359 -34.50 -2.49 27.50
N GLU D 360 -34.79 -3.26 28.57
CA GLU D 360 -35.30 -2.69 29.81
C GLU D 360 -34.31 -1.71 30.43
N GLU D 361 -33.09 -2.18 30.68
CA GLU D 361 -32.07 -1.31 31.27
C GLU D 361 -31.83 -0.05 30.44
N VAL D 362 -32.06 -0.10 29.13
CA VAL D 362 -31.69 1.03 28.29
C VAL D 362 -32.86 1.99 28.07
N LYS D 363 -33.97 1.48 27.54
CA LYS D 363 -35.13 2.32 27.28
C LYS D 363 -35.84 2.74 28.57
N GLY D 364 -35.83 1.89 29.59
CA GLY D 364 -36.70 2.06 30.74
C GLY D 364 -38.01 1.31 30.62
N LYS D 365 -38.32 0.78 29.44
CA LYS D 365 -39.57 0.05 29.22
C LYS D 365 -39.53 -1.32 29.86
N LYS D 366 -40.55 -1.66 30.64
CA LYS D 366 -40.64 -3.01 31.16
C LYS D 366 -40.95 -3.99 30.02
N MET D 367 -40.25 -5.12 30.02
CA MET D 367 -40.46 -6.20 29.05
C MET D 367 -41.04 -7.39 29.82
N THR D 368 -42.30 -7.71 29.53
CA THR D 368 -42.91 -8.90 30.12
C THR D 368 -42.73 -10.07 29.17
N ILE D 369 -42.17 -11.14 29.68
CA ILE D 369 -41.81 -12.31 28.88
C ILE D 369 -42.54 -13.51 29.48
N SER D 370 -43.41 -14.12 28.69
CA SER D 370 -44.16 -15.26 29.19
C SER D 370 -43.21 -16.41 29.53
N PRO D 371 -43.42 -17.10 30.66
CA PRO D 371 -42.55 -18.23 30.99
C PRO D 371 -42.63 -19.38 30.01
N GLU D 372 -43.58 -19.37 29.08
CA GLU D 372 -43.76 -20.46 28.12
C GLU D 372 -43.37 -19.98 26.74
N ILE D 373 -42.78 -20.87 25.96
CA ILE D 373 -42.31 -20.55 24.61
C ILE D 373 -43.53 -20.33 23.72
N PRO D 374 -43.65 -19.17 23.08
CA PRO D 374 -44.76 -18.93 22.16
C PRO D 374 -44.58 -19.73 20.88
N GLU D 375 -45.72 -20.01 20.25
CA GLU D 375 -45.72 -20.61 18.93
C GLU D 375 -44.90 -19.77 17.97
N HIS D 376 -44.16 -20.45 17.07
CA HIS D 376 -43.35 -19.87 16.01
C HIS D 376 -42.64 -21.02 15.30
N SER D 377 -41.83 -20.72 14.27
CA SER D 377 -41.41 -21.76 13.33
C SER D 377 -40.58 -22.86 13.98
N TYR D 378 -39.88 -22.55 15.06
CA TYR D 378 -39.01 -23.52 15.73
C TYR D 378 -39.56 -24.01 17.06
N PHE D 379 -40.85 -23.76 17.33
CA PHE D 379 -41.43 -24.12 18.63
C PHE D 379 -41.14 -25.56 19.01
N SER D 380 -41.07 -26.47 18.03
CA SER D 380 -40.86 -27.88 18.32
C SER D 380 -39.49 -28.16 18.92
N ARG D 381 -38.53 -27.25 18.71
CA ARG D 381 -37.18 -27.44 19.26
C ARG D 381 -37.12 -27.22 20.75
N TYR D 382 -38.16 -26.67 21.37
CA TYR D 382 -38.15 -26.35 22.79
C TYR D 382 -38.88 -27.40 23.63
N GLY D 383 -39.04 -28.60 23.09
CA GLY D 383 -39.59 -29.71 23.84
C GLY D 383 -38.62 -30.18 24.90
N PRO D 384 -39.09 -31.02 25.83
CA PRO D 384 -40.47 -31.53 25.82
C PRO D 384 -41.48 -30.66 26.58
N ASP D 385 -41.03 -29.64 27.31
CA ASP D 385 -41.94 -28.84 28.14
C ASP D 385 -42.10 -27.39 27.71
N PHE D 386 -41.31 -26.90 26.75
CA PHE D 386 -41.64 -25.67 26.02
C PHE D 386 -41.70 -24.44 26.92
N GLU D 387 -40.78 -24.34 27.89
CA GLU D 387 -40.73 -23.18 28.77
C GLU D 387 -39.42 -22.42 28.57
N LEU D 388 -39.40 -21.17 29.05
CA LEU D 388 -38.25 -20.28 28.79
C LEU D 388 -37.07 -20.56 29.72
N ASP D 389 -37.33 -20.74 31.03
CA ASP D 389 -36.29 -21.22 31.94
C ASP D 389 -35.67 -22.52 31.43
N ILE D 390 -34.35 -22.66 31.61
CA ILE D 390 -33.73 -23.91 31.24
C ILE D 390 -34.16 -25.01 32.21
N ASP D 391 -33.99 -26.25 31.76
CA ASP D 391 -34.46 -27.43 32.47
C ASP D 391 -33.35 -27.95 33.39
N TYR D 392 -33.11 -27.18 34.46
CA TYR D 392 -32.09 -27.53 35.43
C TYR D 392 -32.55 -27.16 36.82
N PHE D 393 -32.21 -28.03 37.79
CA PHE D 393 -32.53 -27.79 39.19
C PHE D 393 -31.23 -27.56 39.96
N PRO D 394 -30.90 -26.30 40.31
CA PRO D 394 -29.65 -25.95 41.00
C PRO D 394 -29.65 -26.33 42.47
N ASP D 403 -12.32 -18.78 49.08
CA ASP D 403 -10.94 -18.85 49.51
C ASP D 403 -9.95 -18.74 48.35
N SER D 404 -10.13 -19.60 47.35
CA SER D 404 -9.40 -19.40 46.10
C SER D 404 -9.83 -18.11 45.42
N ILE D 405 -11.13 -17.83 45.43
CA ILE D 405 -11.64 -16.60 44.84
C ILE D 405 -11.09 -15.41 45.59
N GLN D 406 -10.86 -15.55 46.89
CA GLN D 406 -10.32 -14.44 47.67
C GLN D 406 -8.87 -14.17 47.29
N LYS D 407 -8.06 -15.22 47.11
CA LYS D 407 -6.70 -14.98 46.66
C LYS D 407 -6.65 -14.39 45.25
N HIS D 408 -7.51 -14.88 44.34
CA HIS D 408 -7.62 -14.28 43.02
C HIS D 408 -8.05 -12.81 43.09
N HIS D 409 -8.99 -12.49 43.99
CA HIS D 409 -9.44 -11.12 44.14
C HIS D 409 -8.31 -10.21 44.58
N ARG D 410 -7.47 -10.67 45.51
CA ARG D 410 -6.34 -9.86 45.94
C ARG D 410 -5.27 -9.75 44.86
N ARG D 411 -5.07 -10.81 44.08
CA ARG D 411 -4.14 -10.75 42.96
C ARG D 411 -4.61 -9.71 41.94
N ILE D 412 -5.90 -9.71 41.64
CA ILE D 412 -6.43 -8.83 40.59
C ILE D 412 -6.48 -7.38 41.05
N LEU D 413 -6.84 -7.14 42.33
CA LEU D 413 -6.84 -5.77 42.86
C LEU D 413 -5.45 -5.15 42.78
N GLU D 414 -4.42 -5.95 43.09
CA GLU D 414 -3.06 -5.46 42.99
C GLU D 414 -2.64 -5.21 41.54
N GLN D 415 -2.99 -6.13 40.63
CA GLN D 415 -2.74 -5.90 39.20
C GLN D 415 -3.42 -4.63 38.72
N LEU D 416 -4.65 -4.38 39.18
CA LEU D 416 -5.34 -3.15 38.78
C LEU D 416 -4.61 -1.93 39.32
N ARG D 417 -4.12 -2.01 40.56
CA ARG D 417 -3.31 -0.94 41.13
C ARG D 417 -2.03 -0.72 40.33
N ASN D 418 -1.35 -1.80 39.94
CA ASN D 418 -0.18 -1.65 39.08
C ASN D 418 -0.55 -1.00 37.75
N TYR D 419 -1.63 -1.47 37.13
CA TYR D 419 -2.05 -0.90 35.85
C TYR D 419 -2.31 0.59 35.98
N ALA D 420 -2.99 1.01 37.05
CA ALA D 420 -3.31 2.41 37.22
C ALA D 420 -2.07 3.24 37.52
N ASP D 421 -1.06 2.67 38.18
CA ASP D 421 0.18 3.40 38.43
C ASP D 421 0.98 3.55 37.15
N LEU D 422 1.06 2.47 36.35
CA LEU D 422 1.77 2.53 35.09
C LEU D 422 1.16 3.54 34.14
N ASN D 423 -0.17 3.65 34.13
CA ASN D 423 -0.85 4.50 33.17
C ASN D 423 -1.32 5.84 33.78
N LYS D 424 -0.72 6.27 34.89
CA LYS D 424 -0.95 7.59 35.48
C LYS D 424 -2.44 7.86 35.70
N LEU D 425 -3.17 6.81 36.10
CA LEU D 425 -4.61 6.90 36.33
C LEU D 425 -4.90 7.20 37.79
N ILE D 426 -5.88 8.08 38.03
CA ILE D 426 -6.23 8.55 39.36
C ILE D 426 -7.53 7.88 39.82
N TYR D 427 -7.62 7.63 41.12
CA TYR D 427 -8.70 6.85 41.72
C TYR D 427 -8.44 6.76 43.22
N ASP D 428 -9.48 6.35 43.95
CA ASP D 428 -9.42 6.22 45.40
C ASP D 428 -9.16 4.76 45.76
N TYR D 429 -8.05 4.51 46.44
CA TYR D 429 -7.73 3.15 46.90
C TYR D 429 -8.84 2.58 47.75
N ASP D 430 -9.32 3.35 48.72
CA ASP D 430 -10.33 2.82 49.65
C ASP D 430 -11.69 2.68 48.98
N GLN D 431 -12.03 3.58 48.05
CA GLN D 431 -13.31 3.47 47.35
C GLN D 431 -13.43 2.14 46.61
N VAL D 432 -12.35 1.70 45.96
CA VAL D 432 -12.42 0.46 45.19
C VAL D 432 -12.31 -0.76 46.09
N TYR D 433 -11.40 -0.73 47.07
CA TYR D 433 -11.16 -1.91 47.91
C TYR D 433 -12.45 -2.41 48.55
N GLN D 434 -13.33 -1.49 48.94
CA GLN D 434 -14.62 -1.88 49.51
C GLN D 434 -15.60 -2.34 48.42
#